data_7XIU
# 
_entry.id   7XIU 
# 
_audit_conform.dict_name       mmcif_pdbx.dic 
_audit_conform.dict_version    5.380 
_audit_conform.dict_location   http://mmcif.pdb.org/dictionaries/ascii/mmcif_pdbx.dic 
# 
loop_
_database_2.database_id 
_database_2.database_code 
_database_2.pdbx_database_accession 
_database_2.pdbx_DOI 
PDB   7XIU         pdb_00007xiu 10.2210/pdb7xiu/pdb 
WWPDB D_1300028913 ?            ?                   
# 
_pdbx_database_status.status_code                     REL 
_pdbx_database_status.status_code_sf                  REL 
_pdbx_database_status.status_code_mr                  ? 
_pdbx_database_status.entry_id                        7XIU 
_pdbx_database_status.recvd_initial_deposition_date   2022-04-14 
_pdbx_database_status.SG_entry                        N 
_pdbx_database_status.deposit_site                    PDBJ 
_pdbx_database_status.process_site                    PDBJ 
_pdbx_database_status.status_code_cs                  ? 
_pdbx_database_status.status_code_nmr_data            ? 
_pdbx_database_status.methods_development_category    ? 
_pdbx_database_status.pdb_format_compatible           Y 
# 
loop_
_audit_author.name 
_audit_author.pdbx_ordinal 
_audit_author.identifier_ORCID 
'Lu, H.'      1 ? 
'Komukai, Y.' 2 ? 
'Usami, K.'   3 ? 
'Guo, Y.'     4 ? 
'Qiao, X.'    5 ? 
'Nukaga, M.'  6 ? 
'Hoshino, T.' 7 ? 
# 
_citation.abstract                  ? 
_citation.abstract_id_CAS           ? 
_citation.book_id_ISBN              ? 
_citation.book_publisher            ? 
_citation.book_publisher_city       ? 
_citation.book_title                ? 
_citation.coordinate_linkage        ? 
_citation.country                   US 
_citation.database_id_Medline       ? 
_citation.details                   ? 
_citation.id                        primary 
_citation.journal_abbrev            J.Chem.Inf.Model. 
_citation.journal_id_ASTM           ? 
_citation.journal_id_CSD            ? 
_citation.journal_id_ISSN           1549-960X 
_citation.journal_full              ? 
_citation.journal_issue             ? 
_citation.journal_volume            62 
_citation.language                  ? 
_citation.page_first                6762 
_citation.page_last                 6774 
_citation.title                     
'Computational and Crystallographic Analysis of Binding Structures of Inhibitory Compounds for HIV-1 RNase H Activity.' 
_citation.year                      2022 
_citation.database_id_CSD           ? 
_citation.pdbx_database_id_DOI      10.1021/acs.jcim.2c00537 
_citation.pdbx_database_id_PubMed   36184946 
_citation.pdbx_database_id_patent   ? 
_citation.unpublished_flag          ? 
# 
loop_
_citation_author.citation_id 
_citation_author.name 
_citation_author.ordinal 
_citation_author.identifier_ORCID 
primary 'Lu, H.'      1 ? 
primary 'Komukai, Y.' 2 ? 
primary 'Usami, K.'   3 ? 
primary 'Guo, Y.'     4 ? 
primary 'Qiao, X.'    5 ? 
primary 'Nukaga, M.'  6 ? 
primary 'Hoshino, T.' 7 ? 
# 
_cell.angle_alpha                  90.000 
_cell.angle_alpha_esd              ? 
_cell.angle_beta                   90.000 
_cell.angle_beta_esd               ? 
_cell.angle_gamma                  90.000 
_cell.angle_gamma_esd              ? 
_cell.entry_id                     7XIU 
_cell.details                      ? 
_cell.formula_units_Z              ? 
_cell.length_a                     62.061 
_cell.length_a_esd                 ? 
_cell.length_b                     62.061 
_cell.length_b_esd                 ? 
_cell.length_c                     83.001 
_cell.length_c_esd                 ? 
_cell.volume                       ? 
_cell.volume_esd                   ? 
_cell.Z_PDB                        8 
_cell.reciprocal_angle_alpha       ? 
_cell.reciprocal_angle_beta        ? 
_cell.reciprocal_angle_gamma       ? 
_cell.reciprocal_angle_alpha_esd   ? 
_cell.reciprocal_angle_beta_esd    ? 
_cell.reciprocal_angle_gamma_esd   ? 
_cell.reciprocal_length_a          ? 
_cell.reciprocal_length_b          ? 
_cell.reciprocal_length_c          ? 
_cell.reciprocal_length_a_esd      ? 
_cell.reciprocal_length_b_esd      ? 
_cell.reciprocal_length_c_esd      ? 
_cell.pdbx_unique_axis             ? 
# 
_symmetry.entry_id                         7XIU 
_symmetry.cell_setting                     ? 
_symmetry.Int_Tables_number                92 
_symmetry.space_group_name_Hall            ? 
_symmetry.space_group_name_H-M             'P 41 21 2' 
_symmetry.pdbx_full_space_group_name_H-M   ? 
# 
loop_
_entity.id 
_entity.type 
_entity.src_method 
_entity.pdbx_description 
_entity.formula_weight 
_entity.pdbx_number_of_molecules 
_entity.pdbx_ec 
_entity.pdbx_mutation 
_entity.pdbx_fragment 
_entity.details 
1 polymer     man 'Reverse Transcriptase RNase H domain'                     16832.285 1  3.1.26.13 ? ? ? 
2 non-polymer syn 'MANGANESE (II) ION'                                       54.938    2  ?         ? ? ? 
3 non-polymer syn '[4-(hydroxymethyl)phenyl] 5-nitrothiophene-2-carboxylate' 279.269   1  ?         ? ? ? 
4 non-polymer syn 'ZINC ION'                                                 65.409    2  ?         ? ? ? 
5 water       nat water                                                      18.015    28 ?         ? ? ? 
# 
_entity_poly.entity_id                      1 
_entity_poly.type                           'polypeptide(L)' 
_entity_poly.nstd_linkage                   no 
_entity_poly.nstd_monomer                   no 
_entity_poly.pdbx_seq_one_letter_code       
;GPGGSMYQLEKEPIVGAETFYVDGAANRETKLGKAGYVTNRGRQKVVTLTDTTNQKTELQAIYLALQDSGLEVNIVTDSQ
YALGIITQWIHNWKKRGWKTPVKNVDLVNQIIEQLIKKEKVYLAWVPAHKGIGGNEQVDKLVSAGIRKVLF
;
_entity_poly.pdbx_seq_one_letter_code_can   
;GPGGSMYQLEKEPIVGAETFYVDGAANRETKLGKAGYVTNRGRQKVVTLTDTTNQKTELQAIYLALQDSGLEVNIVTDSQ
YALGIITQWIHNWKKRGWKTPVKNVDLVNQIIEQLIKKEKVYLAWVPAHKGIGGNEQVDKLVSAGIRKVLF
;
_entity_poly.pdbx_strand_id                 A 
_entity_poly.pdbx_target_identifier         ? 
# 
loop_
_entity_poly_seq.entity_id 
_entity_poly_seq.num 
_entity_poly_seq.mon_id 
_entity_poly_seq.hetero 
1 1   GLY n 
1 2   PRO n 
1 3   GLY n 
1 4   GLY n 
1 5   SER n 
1 6   MET n 
1 7   TYR n 
1 8   GLN n 
1 9   LEU n 
1 10  GLU n 
1 11  LYS n 
1 12  GLU n 
1 13  PRO n 
1 14  ILE n 
1 15  VAL n 
1 16  GLY n 
1 17  ALA n 
1 18  GLU n 
1 19  THR n 
1 20  PHE n 
1 21  TYR n 
1 22  VAL n 
1 23  ASP n 
1 24  GLY n 
1 25  ALA n 
1 26  ALA n 
1 27  ASN n 
1 28  ARG n 
1 29  GLU n 
1 30  THR n 
1 31  LYS n 
1 32  LEU n 
1 33  GLY n 
1 34  LYS n 
1 35  ALA n 
1 36  GLY n 
1 37  TYR n 
1 38  VAL n 
1 39  THR n 
1 40  ASN n 
1 41  ARG n 
1 42  GLY n 
1 43  ARG n 
1 44  GLN n 
1 45  LYS n 
1 46  VAL n 
1 47  VAL n 
1 48  THR n 
1 49  LEU n 
1 50  THR n 
1 51  ASP n 
1 52  THR n 
1 53  THR n 
1 54  ASN n 
1 55  GLN n 
1 56  LYS n 
1 57  THR n 
1 58  GLU n 
1 59  LEU n 
1 60  GLN n 
1 61  ALA n 
1 62  ILE n 
1 63  TYR n 
1 64  LEU n 
1 65  ALA n 
1 66  LEU n 
1 67  GLN n 
1 68  ASP n 
1 69  SER n 
1 70  GLY n 
1 71  LEU n 
1 72  GLU n 
1 73  VAL n 
1 74  ASN n 
1 75  ILE n 
1 76  VAL n 
1 77  THR n 
1 78  ASP n 
1 79  SER n 
1 80  GLN n 
1 81  TYR n 
1 82  ALA n 
1 83  LEU n 
1 84  GLY n 
1 85  ILE n 
1 86  ILE n 
1 87  THR n 
1 88  GLN n 
1 89  TRP n 
1 90  ILE n 
1 91  HIS n 
1 92  ASN n 
1 93  TRP n 
1 94  LYS n 
1 95  LYS n 
1 96  ARG n 
1 97  GLY n 
1 98  TRP n 
1 99  LYS n 
1 100 THR n 
1 101 PRO n 
1 102 VAL n 
1 103 LYS n 
1 104 ASN n 
1 105 VAL n 
1 106 ASP n 
1 107 LEU n 
1 108 VAL n 
1 109 ASN n 
1 110 GLN n 
1 111 ILE n 
1 112 ILE n 
1 113 GLU n 
1 114 GLN n 
1 115 LEU n 
1 116 ILE n 
1 117 LYS n 
1 118 LYS n 
1 119 GLU n 
1 120 LYS n 
1 121 VAL n 
1 122 TYR n 
1 123 LEU n 
1 124 ALA n 
1 125 TRP n 
1 126 VAL n 
1 127 PRO n 
1 128 ALA n 
1 129 HIS n 
1 130 LYS n 
1 131 GLY n 
1 132 ILE n 
1 133 GLY n 
1 134 GLY n 
1 135 ASN n 
1 136 GLU n 
1 137 GLN n 
1 138 VAL n 
1 139 ASP n 
1 140 LYS n 
1 141 LEU n 
1 142 VAL n 
1 143 SER n 
1 144 ALA n 
1 145 GLY n 
1 146 ILE n 
1 147 ARG n 
1 148 LYS n 
1 149 VAL n 
1 150 LEU n 
1 151 PHE n 
# 
loop_
_entity_src_gen.entity_id 
_entity_src_gen.pdbx_src_id 
_entity_src_gen.pdbx_alt_source_flag 
_entity_src_gen.pdbx_seq_type 
_entity_src_gen.pdbx_beg_seq_num 
_entity_src_gen.pdbx_end_seq_num 
_entity_src_gen.gene_src_common_name 
_entity_src_gen.gene_src_genus 
_entity_src_gen.pdbx_gene_src_gene 
_entity_src_gen.gene_src_species 
_entity_src_gen.gene_src_strain 
_entity_src_gen.gene_src_tissue 
_entity_src_gen.gene_src_tissue_fraction 
_entity_src_gen.gene_src_details 
_entity_src_gen.pdbx_gene_src_fragment 
_entity_src_gen.pdbx_gene_src_scientific_name 
_entity_src_gen.pdbx_gene_src_ncbi_taxonomy_id 
_entity_src_gen.pdbx_gene_src_variant 
_entity_src_gen.pdbx_gene_src_cell_line 
_entity_src_gen.pdbx_gene_src_atcc 
_entity_src_gen.pdbx_gene_src_organ 
_entity_src_gen.pdbx_gene_src_organelle 
_entity_src_gen.pdbx_gene_src_cell 
_entity_src_gen.pdbx_gene_src_cellular_location 
_entity_src_gen.host_org_common_name 
_entity_src_gen.pdbx_host_org_scientific_name 
_entity_src_gen.pdbx_host_org_ncbi_taxonomy_id 
_entity_src_gen.host_org_genus 
_entity_src_gen.pdbx_host_org_gene 
_entity_src_gen.pdbx_host_org_organ 
_entity_src_gen.host_org_species 
_entity_src_gen.pdbx_host_org_tissue 
_entity_src_gen.pdbx_host_org_tissue_fraction 
_entity_src_gen.pdbx_host_org_strain 
_entity_src_gen.pdbx_host_org_variant 
_entity_src_gen.pdbx_host_org_cell_line 
_entity_src_gen.pdbx_host_org_atcc 
_entity_src_gen.pdbx_host_org_culture_collection 
_entity_src_gen.pdbx_host_org_cell 
_entity_src_gen.pdbx_host_org_organelle 
_entity_src_gen.pdbx_host_org_cellular_location 
_entity_src_gen.pdbx_host_org_vector_type 
_entity_src_gen.pdbx_host_org_vector 
_entity_src_gen.host_org_details 
_entity_src_gen.expression_system_id 
_entity_src_gen.plasmid_name 
_entity_src_gen.plasmid_details 
_entity_src_gen.pdbx_description 
1 1 sample 'Biological sequence' 1  86  ? ? ? ? ? ? ? ? ? 'Human immunodeficiency virus 1' 11676 ? ? ? ? ? ? ? ? 
'Escherichia coli' 562 ? ? ? ? ? ? 'Rosetta(DE3)pLys' ? ? ? ? ? ? ? plasmid ? ? ? 'pET50(b)' ? ? 
1 2 sample 'Biological sequence' 87 151 ? ? ? ? ? ? ? ? ? 'Human immunodeficiency virus 1' 11676 ? ? ? ? ? ? ? ? 
'Escherichia coli' 562 ? ? ? ? ? ? 'Rosetta(DE3)pLys' ? ? ? ? ? ? ? plasmid ? ? ? 'pET50(b)' ? ? 
# 
loop_
_struct_ref.id 
_struct_ref.db_name 
_struct_ref.db_code 
_struct_ref.pdbx_db_accession 
_struct_ref.pdbx_db_isoform 
_struct_ref.entity_id 
_struct_ref.pdbx_seq_one_letter_code 
_struct_ref.pdbx_align_begin 
1 UNP A0A059PIR4_9HIV1 A0A059PIR4 ? 1 YQLEKEPIVGAETFYVDGAANRETKLGKAGYVTNRGRQKVVTLTDTTNQKTELQAIYLALQDSGLEVNIVTDSQ 167 
2 UNP A0A7L9QW77_9HIV1 A0A7L9QW77 ? 1 DLVNQIIEQLIKKEKVYLAWVPAHKGIGGNEQVDKLVSAGIRKVLF                             671 
# 
loop_
_struct_ref_seq.align_id 
_struct_ref_seq.ref_id 
_struct_ref_seq.pdbx_PDB_id_code 
_struct_ref_seq.pdbx_strand_id 
_struct_ref_seq.seq_align_beg 
_struct_ref_seq.pdbx_seq_align_beg_ins_code 
_struct_ref_seq.seq_align_end 
_struct_ref_seq.pdbx_seq_align_end_ins_code 
_struct_ref_seq.pdbx_db_accession 
_struct_ref_seq.db_align_beg 
_struct_ref_seq.pdbx_db_align_beg_ins_code 
_struct_ref_seq.db_align_end 
_struct_ref_seq.pdbx_db_align_end_ins_code 
_struct_ref_seq.pdbx_auth_seq_align_beg 
_struct_ref_seq.pdbx_auth_seq_align_end 
1 1 7XIU A 7   ? 80  ? A0A059PIR4 167 ? 240 ? 7   80  
2 2 7XIU A 106 ? 151 ? A0A7L9QW77 671 ? 716 ? 106 151 
# 
loop_
_struct_ref_seq_dif.align_id 
_struct_ref_seq_dif.pdbx_pdb_id_code 
_struct_ref_seq_dif.mon_id 
_struct_ref_seq_dif.pdbx_pdb_strand_id 
_struct_ref_seq_dif.seq_num 
_struct_ref_seq_dif.pdbx_pdb_ins_code 
_struct_ref_seq_dif.pdbx_seq_db_name 
_struct_ref_seq_dif.pdbx_seq_db_accession_code 
_struct_ref_seq_dif.db_mon_id 
_struct_ref_seq_dif.pdbx_seq_db_seq_num 
_struct_ref_seq_dif.details 
_struct_ref_seq_dif.pdbx_auth_seq_num 
_struct_ref_seq_dif.pdbx_ordinal 
1 7XIU GLY A 1   ? UNP A0A059PIR4 ? ? 'expression tag' 1   1  
1 7XIU PRO A 2   ? UNP A0A059PIR4 ? ? 'expression tag' 2   2  
1 7XIU GLY A 3   ? UNP A0A059PIR4 ? ? 'expression tag' 3   3  
1 7XIU GLY A 4   ? UNP A0A059PIR4 ? ? 'expression tag' 4   4  
1 7XIU SER A 5   ? UNP A0A059PIR4 ? ? 'expression tag' 5   5  
1 7XIU MET A 6   ? UNP A0A059PIR4 ? ? 'expression tag' 6   6  
1 7XIU TYR A 81  ? UNP A0A059PIR4 ? ? linker           81  7  
1 7XIU ALA A 82  ? UNP A0A059PIR4 ? ? linker           82  8  
1 7XIU LEU A 83  ? UNP A0A059PIR4 ? ? linker           83  9  
1 7XIU GLY A 84  ? UNP A0A059PIR4 ? ? linker           84  10 
1 7XIU ILE A 85  ? UNP A0A059PIR4 ? ? linker           85  11 
1 7XIU ILE A 86  ? UNP A0A059PIR4 ? ? linker           86  12 
1 7XIU THR A 87  ? UNP A0A059PIR4 ? ? linker           87  13 
1 7XIU GLN A 88  ? UNP A0A059PIR4 ? ? linker           88  14 
1 7XIU TRP A 89  ? UNP A0A059PIR4 ? ? linker           89  15 
1 7XIU ILE A 90  ? UNP A0A059PIR4 ? ? linker           90  16 
1 7XIU HIS A 91  ? UNP A0A059PIR4 ? ? linker           91  17 
1 7XIU ASN A 92  ? UNP A0A059PIR4 ? ? linker           92  18 
1 7XIU TRP A 93  ? UNP A0A059PIR4 ? ? linker           93  19 
1 7XIU LYS A 94  ? UNP A0A059PIR4 ? ? linker           94  20 
1 7XIU LYS A 95  ? UNP A0A059PIR4 ? ? linker           95  21 
1 7XIU ARG A 96  ? UNP A0A059PIR4 ? ? linker           96  22 
1 7XIU GLY A 97  ? UNP A0A059PIR4 ? ? linker           97  23 
1 7XIU TRP A 98  ? UNP A0A059PIR4 ? ? linker           98  24 
1 7XIU LYS A 99  ? UNP A0A059PIR4 ? ? linker           99  25 
1 7XIU THR A 100 ? UNP A0A059PIR4 ? ? linker           100 26 
1 7XIU PRO A 101 ? UNP A0A059PIR4 ? ? linker           101 27 
1 7XIU VAL A 102 ? UNP A0A059PIR4 ? ? linker           102 28 
1 7XIU LYS A 103 ? UNP A0A059PIR4 ? ? linker           103 29 
1 7XIU ASN A 104 ? UNP A0A059PIR4 ? ? linker           104 30 
1 7XIU VAL A 105 ? UNP A0A059PIR4 ? ? linker           105 31 
# 
loop_
_chem_comp.id 
_chem_comp.type 
_chem_comp.mon_nstd_flag 
_chem_comp.name 
_chem_comp.pdbx_synonyms 
_chem_comp.formula 
_chem_comp.formula_weight 
ALA 'L-peptide linking' y ALANINE                                                    ? 'C3 H7 N O2'     89.093  
ARG 'L-peptide linking' y ARGININE                                                   ? 'C6 H15 N4 O2 1' 175.209 
ASN 'L-peptide linking' y ASPARAGINE                                                 ? 'C4 H8 N2 O3'    132.118 
ASP 'L-peptide linking' y 'ASPARTIC ACID'                                            ? 'C4 H7 N O4'     133.103 
E81 non-polymer         . '[4-(hydroxymethyl)phenyl] 5-nitrothiophene-2-carboxylate' ? 'C12 H9 N O5 S'  279.269 
GLN 'L-peptide linking' y GLUTAMINE                                                  ? 'C5 H10 N2 O3'   146.144 
GLU 'L-peptide linking' y 'GLUTAMIC ACID'                                            ? 'C5 H9 N O4'     147.129 
GLY 'peptide linking'   y GLYCINE                                                    ? 'C2 H5 N O2'     75.067  
HIS 'L-peptide linking' y HISTIDINE                                                  ? 'C6 H10 N3 O2 1' 156.162 
HOH non-polymer         . WATER                                                      ? 'H2 O'           18.015  
ILE 'L-peptide linking' y ISOLEUCINE                                                 ? 'C6 H13 N O2'    131.173 
LEU 'L-peptide linking' y LEUCINE                                                    ? 'C6 H13 N O2'    131.173 
LYS 'L-peptide linking' y LYSINE                                                     ? 'C6 H15 N2 O2 1' 147.195 
MET 'L-peptide linking' y METHIONINE                                                 ? 'C5 H11 N O2 S'  149.211 
MN  non-polymer         . 'MANGANESE (II) ION'                                       ? 'Mn 2'           54.938  
PHE 'L-peptide linking' y PHENYLALANINE                                              ? 'C9 H11 N O2'    165.189 
PRO 'L-peptide linking' y PROLINE                                                    ? 'C5 H9 N O2'     115.130 
SER 'L-peptide linking' y SERINE                                                     ? 'C3 H7 N O3'     105.093 
THR 'L-peptide linking' y THREONINE                                                  ? 'C4 H9 N O3'     119.119 
TRP 'L-peptide linking' y TRYPTOPHAN                                                 ? 'C11 H12 N2 O2'  204.225 
TYR 'L-peptide linking' y TYROSINE                                                   ? 'C9 H11 N O3'    181.189 
VAL 'L-peptide linking' y VALINE                                                     ? 'C5 H11 N O2'    117.146 
ZN  non-polymer         . 'ZINC ION'                                                 ? 'Zn 2'           65.409  
# 
_exptl.absorpt_coefficient_mu     ? 
_exptl.absorpt_correction_T_max   ? 
_exptl.absorpt_correction_T_min   ? 
_exptl.absorpt_correction_type    ? 
_exptl.absorpt_process_details    ? 
_exptl.entry_id                   7XIU 
_exptl.crystals_number            1 
_exptl.details                    ? 
_exptl.method                     'X-RAY DIFFRACTION' 
_exptl.method_details             ? 
# 
_exptl_crystal.colour                      ? 
_exptl_crystal.density_diffrn              ? 
_exptl_crystal.density_Matthews            2.37 
_exptl_crystal.density_method              ? 
_exptl_crystal.density_percent_sol         48.19 
_exptl_crystal.description                 ? 
_exptl_crystal.F_000                       ? 
_exptl_crystal.id                          1 
_exptl_crystal.preparation                 ? 
_exptl_crystal.size_max                    ? 
_exptl_crystal.size_mid                    ? 
_exptl_crystal.size_min                    ? 
_exptl_crystal.size_rad                    ? 
_exptl_crystal.colour_lustre               ? 
_exptl_crystal.colour_modifier             ? 
_exptl_crystal.colour_primary              ? 
_exptl_crystal.density_meas                ? 
_exptl_crystal.density_meas_esd            ? 
_exptl_crystal.density_meas_gt             ? 
_exptl_crystal.density_meas_lt             ? 
_exptl_crystal.density_meas_temp           ? 
_exptl_crystal.density_meas_temp_esd       ? 
_exptl_crystal.density_meas_temp_gt        ? 
_exptl_crystal.density_meas_temp_lt        ? 
_exptl_crystal.pdbx_crystal_image_url      ? 
_exptl_crystal.pdbx_crystal_image_format   ? 
_exptl_crystal.pdbx_mosaicity              0.280 
_exptl_crystal.pdbx_mosaicity_esd          ? 
# 
_exptl_crystal_grow.apparatus       ? 
_exptl_crystal_grow.atmosphere      ? 
_exptl_crystal_grow.crystal_id      1 
_exptl_crystal_grow.details         ? 
_exptl_crystal_grow.method          'VAPOR DIFFUSION, SITTING DROP' 
_exptl_crystal_grow.method_ref      ? 
_exptl_crystal_grow.pH              6.6 
_exptl_crystal_grow.pressure        ? 
_exptl_crystal_grow.pressure_esd    ? 
_exptl_crystal_grow.seeding         ? 
_exptl_crystal_grow.seeding_ref     ? 
_exptl_crystal_grow.temp            291 
_exptl_crystal_grow.temp_details    ? 
_exptl_crystal_grow.temp_esd        ? 
_exptl_crystal_grow.time            ? 
_exptl_crystal_grow.pdbx_details    '0.1M MES, 26% (v/v) PEG 6000, 0.01M Zinc Sulfate, 0.001M MANGANESE CHLORIDE' 
_exptl_crystal_grow.pdbx_pH_range   ? 
# 
_diffrn.ambient_environment              ? 
_diffrn.ambient_temp                     100 
_diffrn.ambient_temp_details             ? 
_diffrn.ambient_temp_esd                 ? 
_diffrn.crystal_id                       1 
_diffrn.crystal_support                  ? 
_diffrn.crystal_treatment                ? 
_diffrn.details                          ? 
_diffrn.id                               1 
_diffrn.ambient_pressure                 ? 
_diffrn.ambient_pressure_esd             ? 
_diffrn.ambient_pressure_gt              ? 
_diffrn.ambient_pressure_lt              ? 
_diffrn.ambient_temp_gt                  ? 
_diffrn.ambient_temp_lt                  ? 
_diffrn.pdbx_serial_crystal_experiment   N 
# 
_diffrn_detector.details                      mirrors 
_diffrn_detector.detector                     PIXEL 
_diffrn_detector.diffrn_id                    1 
_diffrn_detector.type                         'DECTRIS PILATUS3 6M' 
_diffrn_detector.area_resol_mean              ? 
_diffrn_detector.dtime                        ? 
_diffrn_detector.pdbx_frames_total            ? 
_diffrn_detector.pdbx_collection_time_total   ? 
_diffrn_detector.pdbx_collection_date         2016-11-16 
_diffrn_detector.pdbx_frequency               ? 
# 
_diffrn_radiation.collimation                      ? 
_diffrn_radiation.diffrn_id                        1 
_diffrn_radiation.filter_edge                      ? 
_diffrn_radiation.inhomogeneity                    ? 
_diffrn_radiation.monochromator                    'Si(111)' 
_diffrn_radiation.polarisn_norm                    ? 
_diffrn_radiation.polarisn_ratio                   ? 
_diffrn_radiation.probe                            ? 
_diffrn_radiation.type                             ? 
_diffrn_radiation.xray_symbol                      ? 
_diffrn_radiation.wavelength_id                    1 
_diffrn_radiation.pdbx_monochromatic_or_laue_m_l   M 
_diffrn_radiation.pdbx_wavelength_list             ? 
_diffrn_radiation.pdbx_wavelength                  ? 
_diffrn_radiation.pdbx_diffrn_protocol             'SINGLE WAVELENGTH' 
_diffrn_radiation.pdbx_analyzer                    ? 
_diffrn_radiation.pdbx_scattering_type             x-ray 
# 
_diffrn_radiation_wavelength.id           1 
_diffrn_radiation_wavelength.wavelength   1.000 
_diffrn_radiation_wavelength.wt           1.0 
# 
_diffrn_source.current                     ? 
_diffrn_source.details                     ? 
_diffrn_source.diffrn_id                   1 
_diffrn_source.power                       ? 
_diffrn_source.size                        ? 
_diffrn_source.source                      SYNCHROTRON 
_diffrn_source.target                      ? 
_diffrn_source.type                        'PHOTON FACTORY BEAMLINE BL-1A' 
_diffrn_source.voltage                     ? 
_diffrn_source.take-off_angle              ? 
_diffrn_source.pdbx_wavelength_list        1.000 
_diffrn_source.pdbx_wavelength             ? 
_diffrn_source.pdbx_synchrotron_beamline   BL-1A 
_diffrn_source.pdbx_synchrotron_site       'Photon Factory' 
# 
_reflns.B_iso_Wilson_estimate                          40.290 
_reflns.entry_id                                       7XIU 
_reflns.data_reduction_details                         ? 
_reflns.data_reduction_method                          ? 
_reflns.d_resolution_high                              2.090 
_reflns.d_resolution_low                               43.880 
_reflns.details                                        ? 
_reflns.limit_h_max                                    ? 
_reflns.limit_h_min                                    ? 
_reflns.limit_k_max                                    ? 
_reflns.limit_k_min                                    ? 
_reflns.limit_l_max                                    ? 
_reflns.limit_l_min                                    ? 
_reflns.number_all                                     ? 
_reflns.number_obs                                     10151 
_reflns.observed_criterion                             ? 
_reflns.observed_criterion_F_max                       ? 
_reflns.observed_criterion_F_min                       ? 
_reflns.observed_criterion_I_max                       ? 
_reflns.observed_criterion_I_min                       ? 
_reflns.observed_criterion_sigma_F                     ? 
_reflns.observed_criterion_sigma_I                     ? 
_reflns.percent_possible_obs                           99.600 
_reflns.R_free_details                                 ? 
_reflns.Rmerge_F_all                                   ? 
_reflns.Rmerge_F_obs                                   ? 
_reflns.Friedel_coverage                               ? 
_reflns.number_gt                                      ? 
_reflns.threshold_expression                           ? 
_reflns.pdbx_redundancy                                13.000 
_reflns.pdbx_Rmerge_I_obs                              0.177 
_reflns.pdbx_Rmerge_I_all                              ? 
_reflns.pdbx_Rsym_value                                ? 
_reflns.pdbx_netI_over_av_sigmaI                       ? 
_reflns.pdbx_netI_over_sigmaI                          8.300 
_reflns.pdbx_res_netI_over_av_sigmaI_2                 ? 
_reflns.pdbx_res_netI_over_sigmaI_2                    ? 
_reflns.pdbx_chi_squared                               ? 
_reflns.pdbx_scaling_rejects                           64 
_reflns.pdbx_d_res_high_opt                            ? 
_reflns.pdbx_d_res_low_opt                             ? 
_reflns.pdbx_d_res_opt_method                          ? 
_reflns.phase_calculation_details                      ? 
_reflns.pdbx_Rrim_I_all                                0.185 
_reflns.pdbx_Rpim_I_all                                0.051 
_reflns.pdbx_d_opt                                     ? 
_reflns.pdbx_number_measured_all                       131700 
_reflns.pdbx_diffrn_id                                 1 
_reflns.pdbx_ordinal                                   1 
_reflns.pdbx_CC_half                                   0.997 
_reflns.pdbx_CC_star                                   ? 
_reflns.pdbx_R_split                                   ? 
_reflns.pdbx_aniso_diffraction_limit_axis_1_ortho[1]   ? 
_reflns.pdbx_aniso_diffraction_limit_axis_1_ortho[2]   ? 
_reflns.pdbx_aniso_diffraction_limit_axis_1_ortho[3]   ? 
_reflns.pdbx_aniso_diffraction_limit_axis_2_ortho[1]   ? 
_reflns.pdbx_aniso_diffraction_limit_axis_2_ortho[2]   ? 
_reflns.pdbx_aniso_diffraction_limit_axis_2_ortho[3]   ? 
_reflns.pdbx_aniso_diffraction_limit_axis_3_ortho[1]   ? 
_reflns.pdbx_aniso_diffraction_limit_axis_3_ortho[2]   ? 
_reflns.pdbx_aniso_diffraction_limit_axis_3_ortho[3]   ? 
_reflns.pdbx_aniso_diffraction_limit_1                 ? 
_reflns.pdbx_aniso_diffraction_limit_2                 ? 
_reflns.pdbx_aniso_diffraction_limit_3                 ? 
_reflns.pdbx_aniso_B_tensor_eigenvector_1_ortho[1]     ? 
_reflns.pdbx_aniso_B_tensor_eigenvector_1_ortho[2]     ? 
_reflns.pdbx_aniso_B_tensor_eigenvector_1_ortho[3]     ? 
_reflns.pdbx_aniso_B_tensor_eigenvector_2_ortho[1]     ? 
_reflns.pdbx_aniso_B_tensor_eigenvector_2_ortho[2]     ? 
_reflns.pdbx_aniso_B_tensor_eigenvector_2_ortho[3]     ? 
_reflns.pdbx_aniso_B_tensor_eigenvector_3_ortho[1]     ? 
_reflns.pdbx_aniso_B_tensor_eigenvector_3_ortho[2]     ? 
_reflns.pdbx_aniso_B_tensor_eigenvector_3_ortho[3]     ? 
_reflns.pdbx_aniso_B_tensor_eigenvalue_1               ? 
_reflns.pdbx_aniso_B_tensor_eigenvalue_2               ? 
_reflns.pdbx_aniso_B_tensor_eigenvalue_3               ? 
_reflns.pdbx_orthogonalization_convention              ? 
_reflns.pdbx_percent_possible_ellipsoidal              ? 
_reflns.pdbx_percent_possible_spherical                ? 
_reflns.pdbx_percent_possible_ellipsoidal_anomalous    ? 
_reflns.pdbx_percent_possible_spherical_anomalous      ? 
_reflns.pdbx_redundancy_anomalous                      ? 
_reflns.pdbx_CC_half_anomalous                         ? 
_reflns.pdbx_absDiff_over_sigma_anomalous              ? 
_reflns.pdbx_percent_possible_anomalous                ? 
_reflns.pdbx_observed_signal_threshold                 ? 
_reflns.pdbx_signal_type                               ? 
_reflns.pdbx_signal_details                            ? 
_reflns.pdbx_signal_software_id                        ? 
# 
loop_
_reflns_shell.d_res_high 
_reflns_shell.d_res_low 
_reflns_shell.meanI_over_sigI_all 
_reflns_shell.meanI_over_sigI_obs 
_reflns_shell.number_measured_all 
_reflns_shell.number_measured_obs 
_reflns_shell.number_possible 
_reflns_shell.number_unique_all 
_reflns_shell.number_unique_obs 
_reflns_shell.percent_possible_all 
_reflns_shell.percent_possible_obs 
_reflns_shell.Rmerge_F_all 
_reflns_shell.Rmerge_F_obs 
_reflns_shell.Rmerge_I_all 
_reflns_shell.Rmerge_I_obs 
_reflns_shell.meanI_over_sigI_gt 
_reflns_shell.meanI_over_uI_all 
_reflns_shell.meanI_over_uI_gt 
_reflns_shell.number_measured_gt 
_reflns_shell.number_unique_gt 
_reflns_shell.percent_possible_gt 
_reflns_shell.Rmerge_F_gt 
_reflns_shell.Rmerge_I_gt 
_reflns_shell.pdbx_redundancy 
_reflns_shell.pdbx_Rsym_value 
_reflns_shell.pdbx_chi_squared 
_reflns_shell.pdbx_netI_over_sigmaI_all 
_reflns_shell.pdbx_netI_over_sigmaI_obs 
_reflns_shell.pdbx_Rrim_I_all 
_reflns_shell.pdbx_Rpim_I_all 
_reflns_shell.pdbx_rejects 
_reflns_shell.pdbx_ordinal 
_reflns_shell.pdbx_diffrn_id 
_reflns_shell.pdbx_CC_half 
_reflns_shell.pdbx_CC_star 
_reflns_shell.pdbx_R_split 
_reflns_shell.pdbx_percent_possible_ellipsoidal 
_reflns_shell.pdbx_percent_possible_spherical 
_reflns_shell.pdbx_percent_possible_ellipsoidal_anomalous 
_reflns_shell.pdbx_percent_possible_spherical_anomalous 
_reflns_shell.pdbx_redundancy_anomalous 
_reflns_shell.pdbx_CC_half_anomalous 
_reflns_shell.pdbx_absDiff_over_sigma_anomalous 
_reflns_shell.pdbx_percent_possible_anomalous 
2.090 2.140  ? ? 9077 ? ? ? 733 94.600 ? ? ? ? 1.342 ? ? ? ? ? ? ? ? 12.400 ? ? ? 1.800  1.398 0.386 ? 1 1 0.603 ? ? ? ? ? ? ? ? ? 
? 
9.100 43.880 ? ? 1609 ? ? ? 167 99.400 ? ? ? ? 0.076 ? ? ? ? ? ? ? ? 9.600  ? ? ? 22.100 0.082 0.028 ? 2 1 0.998 ? ? ? ? ? ? ? ? ? 
? 
# 
_refine.aniso_B[1][1]                            ? 
_refine.aniso_B[1][2]                            ? 
_refine.aniso_B[1][3]                            ? 
_refine.aniso_B[2][2]                            ? 
_refine.aniso_B[2][3]                            ? 
_refine.aniso_B[3][3]                            ? 
_refine.B_iso_max                                96.840 
_refine.B_iso_mean                               45.0027 
_refine.B_iso_min                                23.790 
_refine.correlation_coeff_Fo_to_Fc               ? 
_refine.correlation_coeff_Fo_to_Fc_free          ? 
_refine.details                                  ? 
_refine.diff_density_max                         ? 
_refine.diff_density_max_esd                     ? 
_refine.diff_density_min                         ? 
_refine.diff_density_min_esd                     ? 
_refine.diff_density_rms                         ? 
_refine.diff_density_rms_esd                     ? 
_refine.entry_id                                 7XIU 
_refine.pdbx_refine_id                           'X-RAY DIFFRACTION' 
_refine.ls_abs_structure_details                 ? 
_refine.ls_abs_structure_Flack                   ? 
_refine.ls_abs_structure_Flack_esd               ? 
_refine.ls_abs_structure_Rogers                  ? 
_refine.ls_abs_structure_Rogers_esd              ? 
_refine.ls_d_res_high                            2.0900 
_refine.ls_d_res_low                             43.8800 
_refine.ls_extinction_coef                       ? 
_refine.ls_extinction_coef_esd                   ? 
_refine.ls_extinction_expression                 ? 
_refine.ls_extinction_method                     ? 
_refine.ls_goodness_of_fit_all                   ? 
_refine.ls_goodness_of_fit_all_esd               ? 
_refine.ls_goodness_of_fit_obs                   ? 
_refine.ls_goodness_of_fit_obs_esd               ? 
_refine.ls_hydrogen_treatment                    ? 
_refine.ls_matrix_type                           ? 
_refine.ls_number_constraints                    ? 
_refine.ls_number_parameters                     ? 
_refine.ls_number_reflns_all                     ? 
_refine.ls_number_reflns_obs                     10108 
_refine.ls_number_reflns_R_free                  506 
_refine.ls_number_reflns_R_work                  9602 
_refine.ls_number_restraints                     ? 
_refine.ls_percent_reflns_obs                    99.6000 
_refine.ls_percent_reflns_R_free                 5.0100 
_refine.ls_R_factor_all                          ? 
_refine.ls_R_factor_obs                          0.2229 
_refine.ls_R_factor_R_free                       0.2667 
_refine.ls_R_factor_R_free_error                 ? 
_refine.ls_R_factor_R_free_error_details         ? 
_refine.ls_R_factor_R_work                       0.2207 
_refine.ls_R_Fsqd_factor_obs                     ? 
_refine.ls_R_I_factor_obs                        ? 
_refine.ls_redundancy_reflns_all                 ? 
_refine.ls_redundancy_reflns_obs                 ? 
_refine.ls_restrained_S_all                      ? 
_refine.ls_restrained_S_obs                      ? 
_refine.ls_shift_over_esd_max                    ? 
_refine.ls_shift_over_esd_mean                   ? 
_refine.ls_structure_factor_coef                 ? 
_refine.ls_weighting_details                     ? 
_refine.ls_weighting_scheme                      ? 
_refine.ls_wR_factor_all                         ? 
_refine.ls_wR_factor_obs                         ? 
_refine.ls_wR_factor_R_free                      ? 
_refine.ls_wR_factor_R_work                      ? 
_refine.occupancy_max                            ? 
_refine.occupancy_min                            ? 
_refine.solvent_model_details                    'FLAT BULK SOLVENT MODEL' 
_refine.solvent_model_param_bsol                 ? 
_refine.solvent_model_param_ksol                 ? 
_refine.pdbx_R_complete                          ? 
_refine.ls_R_factor_gt                           ? 
_refine.ls_goodness_of_fit_gt                    ? 
_refine.ls_goodness_of_fit_ref                   ? 
_refine.ls_shift_over_su_max                     ? 
_refine.ls_shift_over_su_max_lt                  ? 
_refine.ls_shift_over_su_mean                    ? 
_refine.ls_shift_over_su_mean_lt                 ? 
_refine.pdbx_ls_sigma_I                          ? 
_refine.pdbx_ls_sigma_F                          1.360 
_refine.pdbx_ls_sigma_Fsqd                       ? 
_refine.pdbx_data_cutoff_high_absF               ? 
_refine.pdbx_data_cutoff_high_rms_absF           ? 
_refine.pdbx_data_cutoff_low_absF                ? 
_refine.pdbx_isotropic_thermal_model             ? 
_refine.pdbx_ls_cross_valid_method               THROUGHOUT 
_refine.pdbx_method_to_determine_struct          'MOLECULAR REPLACEMENT' 
_refine.pdbx_starting_model                      3QIN 
_refine.pdbx_stereochemistry_target_values       ML 
_refine.pdbx_R_Free_selection_details            ? 
_refine.pdbx_stereochem_target_val_spec_case     ? 
_refine.pdbx_overall_ESU_R                       ? 
_refine.pdbx_overall_ESU_R_Free                  ? 
_refine.pdbx_solvent_vdw_probe_radii             1.1100 
_refine.pdbx_solvent_ion_probe_radii             ? 
_refine.pdbx_solvent_shrinkage_radii             0.9000 
_refine.pdbx_real_space_R                        ? 
_refine.pdbx_density_correlation                 ? 
_refine.pdbx_pd_number_of_powder_patterns        ? 
_refine.pdbx_pd_number_of_points                 ? 
_refine.pdbx_pd_meas_number_of_points            ? 
_refine.pdbx_pd_proc_ls_prof_R_factor            ? 
_refine.pdbx_pd_proc_ls_prof_wR_factor           ? 
_refine.pdbx_pd_Marquardt_correlation_coeff      ? 
_refine.pdbx_pd_Fsqrd_R_factor                   ? 
_refine.pdbx_pd_ls_matrix_band_width             ? 
_refine.pdbx_overall_phase_error                 30.5500 
_refine.pdbx_overall_SU_R_free_Cruickshank_DPI   ? 
_refine.pdbx_overall_SU_R_free_Blow_DPI          ? 
_refine.pdbx_overall_SU_R_Blow_DPI               ? 
_refine.pdbx_TLS_residual_ADP_flag               ? 
_refine.pdbx_diffrn_id                           1 
_refine.overall_SU_B                             ? 
_refine.overall_SU_ML                            0.2900 
_refine.overall_SU_R_Cruickshank_DPI             ? 
_refine.overall_SU_R_free                        ? 
_refine.overall_FOM_free_R_set                   ? 
_refine.overall_FOM_work_R_set                   ? 
_refine.pdbx_average_fsc_overall                 ? 
_refine.pdbx_average_fsc_work                    ? 
_refine.pdbx_average_fsc_free                    ? 
# 
_refine_hist.pdbx_refine_id                   'X-RAY DIFFRACTION' 
_refine_hist.cycle_id                         final 
_refine_hist.details                          ? 
_refine_hist.d_res_high                       2.0900 
_refine_hist.d_res_low                        43.8800 
_refine_hist.number_atoms_solvent             28 
_refine_hist.number_atoms_total               1220 
_refine_hist.number_reflns_all                ? 
_refine_hist.number_reflns_obs                ? 
_refine_hist.number_reflns_R_free             ? 
_refine_hist.number_reflns_R_work             ? 
_refine_hist.R_factor_all                     ? 
_refine_hist.R_factor_obs                     ? 
_refine_hist.R_factor_R_free                  ? 
_refine_hist.R_factor_R_work                  ? 
_refine_hist.pdbx_number_residues_total       149 
_refine_hist.pdbx_B_iso_mean_ligand           53.78 
_refine_hist.pdbx_B_iso_mean_solvent          41.86 
_refine_hist.pdbx_number_atoms_protein        1169 
_refine_hist.pdbx_number_atoms_nucleic_acid   0 
_refine_hist.pdbx_number_atoms_ligand         23 
_refine_hist.pdbx_number_atoms_lipid          ? 
_refine_hist.pdbx_number_atoms_carb           ? 
_refine_hist.pdbx_pseudo_atom_details         ? 
# 
loop_
_refine_ls_shell.pdbx_refine_id 
_refine_ls_shell.d_res_high 
_refine_ls_shell.d_res_low 
_refine_ls_shell.number_reflns_all 
_refine_ls_shell.number_reflns_obs 
_refine_ls_shell.number_reflns_R_free 
_refine_ls_shell.number_reflns_R_work 
_refine_ls_shell.percent_reflns_obs 
_refine_ls_shell.percent_reflns_R_free 
_refine_ls_shell.R_factor_all 
_refine_ls_shell.R_factor_obs 
_refine_ls_shell.R_factor_R_free 
_refine_ls_shell.R_factor_R_free_error 
_refine_ls_shell.R_factor_R_work 
_refine_ls_shell.redundancy_reflns_all 
_refine_ls_shell.redundancy_reflns_obs 
_refine_ls_shell.wR_factor_all 
_refine_ls_shell.wR_factor_obs 
_refine_ls_shell.wR_factor_R_free 
_refine_ls_shell.wR_factor_R_work 
_refine_ls_shell.pdbx_R_complete 
_refine_ls_shell.pdbx_total_number_of_bins_used 
_refine_ls_shell.pdbx_phase_error 
_refine_ls_shell.pdbx_fsc_work 
_refine_ls_shell.pdbx_fsc_free 
'X-RAY DIFFRACTION' 2.0900 2.3000  2435 . 122 2313 98.0000  . . . 0.3290 0.0000 0.2603 . . . . . . . 4 . . . 
'X-RAY DIFFRACTION' 2.3000 2.6300  2474 . 124 2350 100.0000 . . . 0.3436 0.0000 0.2432 . . . . . . . 4 . . . 
'X-RAY DIFFRACTION' 2.6300 3.3100  2526 . 126 2400 100.0000 . . . 0.3236 0.0000 0.2489 . . . . . . . 4 . . . 
'X-RAY DIFFRACTION' 3.3100 43.8800 2673 . 134 2539 100.0000 . . . 0.2252 0.0000 0.1994 . . . . . . . 4 . . . 
# 
_struct.entry_id                     7XIU 
_struct.title                        
;Crystal structure of engineered HIV-1 Reverse Transcriptase RNase H domain complexed with nitrofuran methoxy(methoxycarbonyl)phenyl ester
;
_struct.pdbx_model_details           ? 
_struct.pdbx_formula_weight          ? 
_struct.pdbx_formula_weight_method   ? 
_struct.pdbx_model_type_details      ? 
_struct.pdbx_CASP_flag               N 
# 
_struct_keywords.entry_id        7XIU 
_struct_keywords.text            'ribonuclease, VIRAL PROTEIN' 
_struct_keywords.pdbx_keywords   'VIRAL PROTEIN' 
# 
loop_
_struct_asym.id 
_struct_asym.pdbx_blank_PDB_chainid_flag 
_struct_asym.pdbx_modified 
_struct_asym.entity_id 
_struct_asym.details 
A N N 1 ? 
B N N 2 ? 
C N N 2 ? 
D N N 3 ? 
E N N 4 ? 
F N N 4 ? 
G N N 5 ? 
# 
loop_
_struct_conf.conf_type_id 
_struct_conf.id 
_struct_conf.pdbx_PDB_helix_id 
_struct_conf.beg_label_comp_id 
_struct_conf.beg_label_asym_id 
_struct_conf.beg_label_seq_id 
_struct_conf.pdbx_beg_PDB_ins_code 
_struct_conf.end_label_comp_id 
_struct_conf.end_label_asym_id 
_struct_conf.end_label_seq_id 
_struct_conf.pdbx_end_PDB_ins_code 
_struct_conf.beg_auth_comp_id 
_struct_conf.beg_auth_asym_id 
_struct_conf.beg_auth_seq_id 
_struct_conf.end_auth_comp_id 
_struct_conf.end_auth_asym_id 
_struct_conf.end_auth_seq_id 
_struct_conf.pdbx_PDB_helix_class 
_struct_conf.details 
_struct_conf.pdbx_PDB_helix_length 
HELX_P HELX_P1 AA1 THR A 53  ? ASP A 68  ? THR A 53  ASP A 68  1 ? 16 
HELX_P HELX_P2 AA2 SER A 79  ? ASN A 92  ? SER A 79  ASN A 92  1 ? 14 
HELX_P HELX_P3 AA3 ASN A 104 ? LYS A 117 ? ASN A 104 LYS A 117 1 ? 14 
HELX_P HELX_P4 AA4 GLY A 133 ? ALA A 144 ? GLY A 133 ALA A 144 1 ? 12 
# 
_struct_conf_type.id          HELX_P 
_struct_conf_type.criteria    ? 
_struct_conf_type.reference   ? 
# 
loop_
_struct_conn.id 
_struct_conn.conn_type_id 
_struct_conn.pdbx_leaving_atom_flag 
_struct_conn.pdbx_PDB_id 
_struct_conn.ptnr1_label_asym_id 
_struct_conn.ptnr1_label_comp_id 
_struct_conn.ptnr1_label_seq_id 
_struct_conn.ptnr1_label_atom_id 
_struct_conn.pdbx_ptnr1_label_alt_id 
_struct_conn.pdbx_ptnr1_PDB_ins_code 
_struct_conn.pdbx_ptnr1_standard_comp_id 
_struct_conn.ptnr1_symmetry 
_struct_conn.ptnr2_label_asym_id 
_struct_conn.ptnr2_label_comp_id 
_struct_conn.ptnr2_label_seq_id 
_struct_conn.ptnr2_label_atom_id 
_struct_conn.pdbx_ptnr2_label_alt_id 
_struct_conn.pdbx_ptnr2_PDB_ins_code 
_struct_conn.ptnr1_auth_asym_id 
_struct_conn.ptnr1_auth_comp_id 
_struct_conn.ptnr1_auth_seq_id 
_struct_conn.ptnr2_auth_asym_id 
_struct_conn.ptnr2_auth_comp_id 
_struct_conn.ptnr2_auth_seq_id 
_struct_conn.ptnr2_symmetry 
_struct_conn.pdbx_ptnr3_label_atom_id 
_struct_conn.pdbx_ptnr3_label_seq_id 
_struct_conn.pdbx_ptnr3_label_comp_id 
_struct_conn.pdbx_ptnr3_label_asym_id 
_struct_conn.pdbx_ptnr3_label_alt_id 
_struct_conn.pdbx_ptnr3_PDB_ins_code 
_struct_conn.details 
_struct_conn.pdbx_dist_value 
_struct_conn.pdbx_value_order 
_struct_conn.pdbx_role 
metalc1  metalc ? ? A ASP 23  OD1 ? ? ? 1_555 B MN  . MN  ? ? A ASP 23  A MN  201 1_555 ? ? ? ? ? ? ? 2.018 ? ? 
metalc2  metalc ? ? A ASP 23  OD2 ? ? ? 1_555 C MN  . MN  ? ? A ASP 23  A MN  202 1_555 ? ? ? ? ? ? ? 2.131 ? ? 
metalc3  metalc ? ? A ASP 51  OD1 ? ? ? 1_555 E ZN  . ZN  ? ? A ASP 51  A ZN  204 1_555 ? ? ? ? ? ? ? 2.119 ? ? 
metalc4  metalc ? ? A ASP 51  OD2 ? ? ? 1_555 E ZN  . ZN  ? ? A ASP 51  A ZN  204 1_555 ? ? ? ? ? ? ? 2.695 ? ? 
metalc5  metalc ? ? A GLU 58  OE2 ? ? ? 1_555 B MN  . MN  ? ? A GLU 58  A MN  201 1_555 ? ? ? ? ? ? ? 1.858 ? ? 
metalc6  metalc ? ? A GLU 72  OE2 ? ? ? 1_555 F ZN  . ZN  ? ? A GLU 72  A ZN  205 1_555 ? ? ? ? ? ? ? 1.918 ? ? 
metalc7  metalc ? ? A ASP 78  OD1 ? ? ? 1_555 B MN  . MN  ? ? A ASP 78  A MN  201 1_555 ? ? ? ? ? ? ? 1.919 ? ? 
metalc8  metalc ? ? A ASP 78  OD2 ? ? ? 1_555 C MN  . MN  ? ? A ASP 78  A MN  202 1_555 ? ? ? ? ? ? ? 2.415 ? ? 
metalc9  metalc ? ? A HIS 91  ND1 ? ? ? 1_555 F ZN  . ZN  ? ? A HIS 91  A ZN  205 4_454 ? ? ? ? ? ? ? 2.281 ? ? 
metalc10 metalc ? ? A GLU 119 OE1 ? ? ? 1_555 F ZN  . ZN  ? ? A GLU 119 A ZN  205 1_555 ? ? ? ? ? ? ? 1.948 ? ? 
metalc11 metalc ? ? A HIS 129 NE2 ? ? ? 1_555 E ZN  . ZN  ? ? A HIS 129 A ZN  204 5_555 ? ? ? ? ? ? ? 2.274 ? ? 
metalc12 metalc ? ? A GLU 136 OE1 ? ? ? 1_555 E ZN  . ZN  ? ? A GLU 136 A ZN  204 5_555 ? ? ? ? ? ? ? 2.045 ? ? 
metalc13 metalc ? ? A ASP 139 OD2 ? ? ? 1_555 C MN  . MN  ? ? A ASP 139 A MN  202 1_555 ? ? ? ? ? ? ? 1.772 ? ? 
metalc14 metalc ? ? C MN  .   MN  ? ? ? 1_555 D E81 . SAA ? ? A MN  202 A E81 203 1_555 ? ? ? ? ? ? ? 2.344 ? ? 
metalc15 metalc ? ? C MN  .   MN  ? ? ? 1_555 D E81 . OAJ ? ? A MN  202 A E81 203 1_555 ? ? ? ? ? ? ? 2.676 ? ? 
metalc16 metalc ? ? E ZN  .   ZN  ? ? ? 1_555 G HOH . O   ? ? A ZN  204 A HOH 323 5_545 ? ? ? ? ? ? ? 2.350 ? ? 
metalc17 metalc ? ? F ZN  .   ZN  ? ? ? 1_555 G HOH . O   ? ? A ZN  205 A HOH 322 1_555 ? ? ? ? ? ? ? 2.260 ? ? 
# 
_struct_conn_type.id          metalc 
_struct_conn_type.criteria    ? 
_struct_conn_type.reference   ? 
# 
_struct_sheet.id               AA1 
_struct_sheet.type             ? 
_struct_sheet.number_strands   5 
_struct_sheet.details          ? 
# 
loop_
_struct_sheet_order.sheet_id 
_struct_sheet_order.range_id_1 
_struct_sheet_order.range_id_2 
_struct_sheet_order.offset 
_struct_sheet_order.sense 
AA1 1 2 ? anti-parallel 
AA1 2 3 ? anti-parallel 
AA1 3 4 ? parallel      
AA1 4 5 ? parallel      
# 
loop_
_struct_sheet_range.sheet_id 
_struct_sheet_range.id 
_struct_sheet_range.beg_label_comp_id 
_struct_sheet_range.beg_label_asym_id 
_struct_sheet_range.beg_label_seq_id 
_struct_sheet_range.pdbx_beg_PDB_ins_code 
_struct_sheet_range.end_label_comp_id 
_struct_sheet_range.end_label_asym_id 
_struct_sheet_range.end_label_seq_id 
_struct_sheet_range.pdbx_end_PDB_ins_code 
_struct_sheet_range.beg_auth_comp_id 
_struct_sheet_range.beg_auth_asym_id 
_struct_sheet_range.beg_auth_seq_id 
_struct_sheet_range.end_auth_comp_id 
_struct_sheet_range.end_auth_asym_id 
_struct_sheet_range.end_auth_seq_id 
AA1 1 GLN A 44  ? LEU A 49  ? GLN A 44  LEU A 49  
AA1 2 LEU A 32  ? THR A 39  ? LEU A 32  THR A 39  
AA1 3 THR A 19  ? ASN A 27  ? THR A 19  ASN A 27  
AA1 4 GLU A 72  ? THR A 77  ? GLU A 72  THR A 77  
AA1 5 LYS A 120 ? TRP A 125 ? LYS A 120 TRP A 125 
# 
loop_
_pdbx_struct_sheet_hbond.sheet_id 
_pdbx_struct_sheet_hbond.range_id_1 
_pdbx_struct_sheet_hbond.range_id_2 
_pdbx_struct_sheet_hbond.range_1_label_atom_id 
_pdbx_struct_sheet_hbond.range_1_label_comp_id 
_pdbx_struct_sheet_hbond.range_1_label_asym_id 
_pdbx_struct_sheet_hbond.range_1_label_seq_id 
_pdbx_struct_sheet_hbond.range_1_PDB_ins_code 
_pdbx_struct_sheet_hbond.range_1_auth_atom_id 
_pdbx_struct_sheet_hbond.range_1_auth_comp_id 
_pdbx_struct_sheet_hbond.range_1_auth_asym_id 
_pdbx_struct_sheet_hbond.range_1_auth_seq_id 
_pdbx_struct_sheet_hbond.range_2_label_atom_id 
_pdbx_struct_sheet_hbond.range_2_label_comp_id 
_pdbx_struct_sheet_hbond.range_2_label_asym_id 
_pdbx_struct_sheet_hbond.range_2_label_seq_id 
_pdbx_struct_sheet_hbond.range_2_PDB_ins_code 
_pdbx_struct_sheet_hbond.range_2_auth_atom_id 
_pdbx_struct_sheet_hbond.range_2_auth_comp_id 
_pdbx_struct_sheet_hbond.range_2_auth_asym_id 
_pdbx_struct_sheet_hbond.range_2_auth_seq_id 
AA1 1 2 O LEU A 49 ? O LEU A 49 N GLY A 33  ? N GLY A 33  
AA1 2 3 O VAL A 38 ? O VAL A 38 N TYR A 21  ? N TYR A 21  
AA1 3 4 N PHE A 20 ? N PHE A 20 O ASN A 74  ? O ASN A 74  
AA1 4 5 N ILE A 75 ? N ILE A 75 O TYR A 122 ? O TYR A 122 
# 
_atom_sites.entry_id                    7XIU 
_atom_sites.Cartn_transf_matrix[1][1]   ? 
_atom_sites.Cartn_transf_matrix[1][2]   ? 
_atom_sites.Cartn_transf_matrix[1][3]   ? 
_atom_sites.Cartn_transf_matrix[2][1]   ? 
_atom_sites.Cartn_transf_matrix[2][2]   ? 
_atom_sites.Cartn_transf_matrix[2][3]   ? 
_atom_sites.Cartn_transf_matrix[3][1]   ? 
_atom_sites.Cartn_transf_matrix[3][2]   ? 
_atom_sites.Cartn_transf_matrix[3][3]   ? 
_atom_sites.Cartn_transf_vector[1]      ? 
_atom_sites.Cartn_transf_vector[2]      ? 
_atom_sites.Cartn_transf_vector[3]      ? 
_atom_sites.fract_transf_matrix[1][1]   0.00837036 
_atom_sites.fract_transf_matrix[1][2]   0.01202923 
_atom_sites.fract_transf_matrix[1][3]   0.00669802 
_atom_sites.fract_transf_matrix[2][1]   -0.00630320 
_atom_sites.fract_transf_matrix[2][2]   0.01031698 
_atom_sites.fract_transf_matrix[2][3]   -0.01065169 
_atom_sites.fract_transf_matrix[3][1]   -0.00915263 
_atom_sites.fract_transf_matrix[3][2]   0.00217822 
_atom_sites.fract_transf_matrix[3][3]   0.00752589 
_atom_sites.fract_transf_vector[1]      0.146245 
_atom_sites.fract_transf_vector[2]      0.230732 
_atom_sites.fract_transf_vector[3]      0.182672 
_atom_sites.solution_primary            ? 
_atom_sites.solution_secondary          ? 
_atom_sites.solution_hydrogens          ? 
_atom_sites.special_details             ? 
# 
loop_
_atom_type.symbol 
C  
MN 
N  
O  
S  
ZN 
# 
loop_
_atom_site.group_PDB 
_atom_site.id 
_atom_site.type_symbol 
_atom_site.label_atom_id 
_atom_site.label_alt_id 
_atom_site.label_comp_id 
_atom_site.label_asym_id 
_atom_site.label_entity_id 
_atom_site.label_seq_id 
_atom_site.pdbx_PDB_ins_code 
_atom_site.Cartn_x 
_atom_site.Cartn_y 
_atom_site.Cartn_z 
_atom_site.occupancy 
_atom_site.B_iso_or_equiv 
_atom_site.pdbx_formal_charge 
_atom_site.auth_seq_id 
_atom_site.auth_comp_id 
_atom_site.auth_asym_id 
_atom_site.auth_atom_id 
_atom_site.pdbx_PDB_model_num 
ATOM   1    N  N   . GLY A 1 4   ? -17.470 -4.123  -14.270 1.00 89.40 ? 4   GLY A N   1 
ATOM   2    C  CA  . GLY A 1 4   ? -18.260 -4.778  -13.240 1.00 89.06 ? 4   GLY A CA  1 
ATOM   3    C  C   . GLY A 1 4   ? -17.479 -5.735  -12.357 1.00 84.68 ? 4   GLY A C   1 
ATOM   4    O  O   . GLY A 1 4   ? -17.250 -6.892  -12.727 1.00 86.22 ? 4   GLY A O   1 
ATOM   5    N  N   . SER A 1 5   ? -17.075 -5.268  -11.176 1.00 80.96 ? 5   SER A N   1 
ATOM   6    C  CA  . SER A 1 5   ? -16.272 -6.082  -10.268 1.00 74.92 ? 5   SER A CA  1 
ATOM   7    C  C   . SER A 1 5   ? -16.900 -6.140  -8.878  1.00 74.85 ? 5   SER A C   1 
ATOM   8    O  O   . SER A 1 5   ? -18.066 -5.772  -8.707  1.00 79.00 ? 5   SER A O   1 
ATOM   9    C  CB  . SER A 1 5   ? -14.849 -5.530  -10.198 1.00 67.87 ? 5   SER A CB  1 
ATOM   10   O  OG  . SER A 1 5   ? -14.580 -4.661  -11.291 1.00 70.21 ? 5   SER A OG  1 
ATOM   11   N  N   . MET A 1 6   ? -16.143 -6.605  -7.876  1.00 74.28 ? 6   MET A N   1 
ATOM   12   C  CA  . MET A 1 6   ? -16.618 -6.665  -6.496  1.00 75.95 ? 6   MET A CA  1 
ATOM   13   C  C   . MET A 1 6   ? -16.354 -5.373  -5.733  1.00 71.39 ? 6   MET A C   1 
ATOM   14   O  O   . MET A 1 6   ? -16.439 -5.367  -4.497  1.00 71.93 ? 6   MET A O   1 
ATOM   15   C  CB  . MET A 1 6   ? -15.969 -7.828  -5.739  1.00 74.92 ? 6   MET A CB  1 
ATOM   16   C  CG  . MET A 1 6   ? -14.468 -7.652  -5.514  1.00 73.36 ? 6   MET A CG  1 
ATOM   17   S  SD  . MET A 1 6   ? -13.749 -8.722  -4.238  1.00 88.87 ? 6   MET A SD  1 
ATOM   18   C  CE  . MET A 1 6   ? -15.090 -8.863  -3.059  1.00 73.10 ? 6   MET A CE  1 
ATOM   19   N  N   . TYR A 1 7   ? -16.024 -4.299  -6.453  1.00 68.02 ? 7   TYR A N   1 
ATOM   20   C  CA  . TYR A 1 7   ? -15.666 -2.983  -5.933  1.00 63.33 ? 7   TYR A CA  1 
ATOM   21   C  C   . TYR A 1 7   ? -15.141 -2.173  -7.110  1.00 61.97 ? 7   TYR A C   1 
ATOM   22   O  O   . TYR A 1 7   ? -14.669 -2.757  -8.092  1.00 57.03 ? 7   TYR A O   1 
ATOM   23   C  CB  . TYR A 1 7   ? -14.611 -3.071  -4.826  1.00 58.04 ? 7   TYR A CB  1 
ATOM   24   C  CG  . TYR A 1 7   ? -14.523 -1.830  -3.971  1.00 57.73 ? 7   TYR A CG  1 
ATOM   25   C  CD1 . TYR A 1 7   ? -15.425 -1.616  -2.933  1.00 57.90 ? 7   TYR A CD1 1 
ATOM   26   C  CD2 . TYR A 1 7   ? -13.540 -0.868  -4.204  1.00 53.86 ? 7   TYR A CD2 1 
ATOM   27   C  CE1 . TYR A 1 7   ? -15.356 -0.476  -2.147  1.00 54.16 ? 7   TYR A CE1 1 
ATOM   28   C  CE2 . TYR A 1 7   ? -13.459 0.272   -3.424  1.00 52.82 ? 7   TYR A CE2 1 
ATOM   29   C  CZ  . TYR A 1 7   ? -14.372 0.462   -2.398  1.00 52.05 ? 7   TYR A CZ  1 
ATOM   30   O  OH  . TYR A 1 7   ? -14.302 1.594   -1.617  1.00 49.87 ? 7   TYR A OH  1 
ATOM   31   N  N   . GLN A 1 8   ? -15.228 -0.848  -7.054  1.00 55.95 ? 8   GLN A N   1 
ATOM   32   C  CA  . GLN A 1 8   ? -14.627 -0.002  -8.082  1.00 56.25 ? 8   GLN A CA  1 
ATOM   33   C  C   . GLN A 1 8   ? -13.733 1.011   -7.402  1.00 53.10 ? 8   GLN A C   1 
ATOM   34   O  O   . GLN A 1 8   ? -14.216 1.822   -6.606  1.00 55.37 ? 8   GLN A O   1 
ATOM   35   C  CB  . GLN A 1 8   ? -15.677 0.722   -8.924  1.00 62.98 ? 8   GLN A CB  1 
ATOM   36   C  CG  . GLN A 1 8   ? -16.263 -0.095  -10.054 1.00 69.74 ? 8   GLN A CG  1 
ATOM   37   C  CD  . GLN A 1 8   ? -17.774 -0.065  -10.035 1.00 75.89 ? 8   GLN A CD  1 
ATOM   38   O  OE1 . GLN A 1 8   ? -18.377 0.909   -9.579  1.00 84.77 ? 8   GLN A OE1 1 
ATOM   39   N  NE2 . GLN A 1 8   ? -18.398 -1.127  -10.535 1.00 80.58 ? 8   GLN A NE2 1 
ATOM   40   N  N   . LEU A 1 9   ? -12.442 0.970   -7.717  1.00 46.74 ? 9   LEU A N   1 
ATOM   41   C  CA  . LEU A 1 9   ? -11.552 2.017   -7.259  1.00 43.29 ? 9   LEU A CA  1 
ATOM   42   C  C   . LEU A 1 9   ? -11.854 3.316   -7.999  1.00 46.01 ? 9   LEU A C   1 
ATOM   43   O  O   . LEU A 1 9   ? -12.389 3.319   -9.111  1.00 41.53 ? 9   LEU A O   1 
ATOM   44   C  CB  . LEU A 1 9   ? -10.100 1.614   -7.476  1.00 43.96 ? 9   LEU A CB  1 
ATOM   45   C  CG  . LEU A 1 9   ? -9.596  0.484   -6.586  1.00 49.66 ? 9   LEU A CG  1 
ATOM   46   C  CD1 . LEU A 1 9   ? -8.186  0.100   -7.001  1.00 47.63 ? 9   LEU A CD1 1 
ATOM   47   C  CD2 . LEU A 1 9   ? -9.646  0.909   -5.121  1.00 43.06 ? 9   LEU A CD2 1 
ATOM   48   N  N   . GLU A 1 10  ? -11.512 4.435   -7.367  1.00 41.22 ? 10  GLU A N   1 
ATOM   49   C  CA  . GLU A 1 10  ? -11.795 5.726   -7.975  1.00 42.12 ? 10  GLU A CA  1 
ATOM   50   C  C   . GLU A 1 10  ? -10.884 5.953   -9.176  1.00 41.30 ? 10  GLU A C   1 
ATOM   51   O  O   . GLU A 1 10  ? -9.740  5.504   -9.203  1.00 40.54 ? 10  GLU A O   1 
ATOM   52   C  CB  . GLU A 1 10  ? -11.619 6.847   -6.950  1.00 40.47 ? 10  GLU A CB  1 
ATOM   53   C  CG  . GLU A 1 10  ? -12.617 6.763   -5.778  1.00 38.98 ? 10  GLU A CG  1 
ATOM   54   C  CD  . GLU A 1 10  ? -14.067 6.884   -6.238  1.00 38.51 ? 10  GLU A CD  1 
ATOM   55   O  OE1 . GLU A 1 10  ? -14.398 7.837   -6.983  1.00 41.83 ? 10  GLU A OE1 1 
ATOM   56   O  OE2 . GLU A 1 10  ? -14.879 6.020   -5.860  1.00 42.43 ? 10  GLU A OE2 1 
ATOM   57   N  N   . LYS A 1 11  ? -11.406 6.651   -10.185 1.00 38.64 ? 11  LYS A N   1 
ATOM   58   C  CA  . LYS A 1 11  ? -10.612 6.957   -11.370 1.00 43.62 ? 11  LYS A CA  1 
ATOM   59   C  C   . LYS A 1 11  ? -9.775  8.228   -11.218 1.00 44.27 ? 11  LYS A C   1 
ATOM   60   O  O   . LYS A 1 11  ? -8.866  8.462   -12.022 1.00 40.02 ? 11  LYS A O   1 
ATOM   61   C  CB  . LYS A 1 11  ? -11.534 7.061   -12.592 1.00 45.43 ? 11  LYS A CB  1 
ATOM   62   C  CG  . LYS A 1 11  ? -12.321 5.772   -12.840 1.00 48.18 ? 11  LYS A CG  1 
ATOM   63   C  CD  . LYS A 1 11  ? -13.743 6.042   -13.307 1.00 56.79 ? 11  LYS A CD  1 
ATOM   64   C  CE  . LYS A 1 11  ? -14.743 5.031   -12.704 1.00 60.61 ? 11  LYS A CE  1 
ATOM   65   N  NZ  . LYS A 1 11  ? -15.362 5.508   -11.415 1.00 57.89 ? 11  LYS A NZ  1 
ATOM   66   N  N   . GLU A 1 12  ? -10.053 9.046   -10.209 1.00 38.00 ? 12  GLU A N   1 
ATOM   67   C  CA  . GLU A 1 12  ? -9.319  10.269  -9.930  1.00 40.20 ? 12  GLU A CA  1 
ATOM   68   C  C   . GLU A 1 12  ? -9.240  10.433  -8.420  1.00 37.12 ? 12  GLU A C   1 
ATOM   69   O  O   . GLU A 1 12  ? -10.039 9.836   -7.690  1.00 37.95 ? 12  GLU A O   1 
ATOM   70   C  CB  . GLU A 1 12  ? -10.004 11.493  -10.564 1.00 41.69 ? 12  GLU A CB  1 
ATOM   71   C  CG  . GLU A 1 12  ? -10.648 11.239  -11.912 1.00 47.29 ? 12  GLU A CG  1 
ATOM   72   C  CD  . GLU A 1 12  ? -12.122 10.892  -11.845 1.00 42.80 ? 12  GLU A CD  1 
ATOM   73   O  OE1 . GLU A 1 12  ? -12.716 10.880  -10.747 1.00 47.04 ? 12  GLU A OE1 1 
ATOM   74   O  OE2 . GLU A 1 12  ? -12.686 10.618  -12.917 1.00 50.80 ? 12  GLU A OE2 1 
ATOM   75   N  N   . PRO A 1 13  ? -8.299  11.235  -7.920  1.00 35.19 ? 13  PRO A N   1 
ATOM   76   C  CA  . PRO A 1 13  ? -8.215  11.416  -6.465  1.00 37.75 ? 13  PRO A CA  1 
ATOM   77   C  C   . PRO A 1 13  ? -9.521  11.952  -5.896  1.00 37.51 ? 13  PRO A C   1 
ATOM   78   O  O   . PRO A 1 13  ? -10.254 12.711  -6.538  1.00 38.22 ? 13  PRO A O   1 
ATOM   79   C  CB  . PRO A 1 13  ? -7.064  12.414  -6.297  1.00 36.91 ? 13  PRO A CB  1 
ATOM   80   C  CG  . PRO A 1 13  ? -6.215  12.207  -7.547  1.00 35.38 ? 13  PRO A CG  1 
ATOM   81   C  CD  . PRO A 1 13  ? -7.227  11.962  -8.625  1.00 33.55 ? 13  PRO A CD  1 
ATOM   82   N  N   . ILE A 1 14  ? -9.838  11.514  -4.686  1.00 33.04 ? 14  ILE A N   1 
ATOM   83   C  CA  . ILE A 1 14  ? -11.050 11.974  -4.018  1.00 37.52 ? 14  ILE A CA  1 
ATOM   84   C  C   . ILE A 1 14  ? -10.780 13.362  -3.456  1.00 39.41 ? 14  ILE A C   1 
ATOM   85   O  O   . ILE A 1 14  ? -9.976  13.520  -2.534  1.00 39.73 ? 14  ILE A O   1 
ATOM   86   C  CB  . ILE A 1 14  ? -11.483 11.012  -2.913  1.00 35.19 ? 14  ILE A CB  1 
ATOM   87   C  CG1 . ILE A 1 14  ? -11.741 9.621   -3.502  1.00 32.04 ? 14  ILE A CG1 1 
ATOM   88   C  CG2 . ILE A 1 14  ? -12.707 11.588  -2.204  1.00 36.17 ? 14  ILE A CG2 1 
ATOM   89   C  CD1 . ILE A 1 14  ? -11.446 8.459   -2.523  1.00 38.10 ? 14  ILE A CD1 1 
ATOM   90   N  N   . VAL A 1 15  ? -11.449 14.373  -4.014  1.00 37.93 ? 15  VAL A N   1 
ATOM   91   C  CA  . VAL A 1 15  ? -11.237 15.743  -3.568  1.00 35.95 ? 15  VAL A CA  1 
ATOM   92   C  C   . VAL A 1 15  ? -11.689 15.876  -2.120  1.00 38.21 ? 15  VAL A C   1 
ATOM   93   O  O   . VAL A 1 15  ? -12.761 15.389  -1.739  1.00 37.19 ? 15  VAL A O   1 
ATOM   94   C  CB  . VAL A 1 15  ? -11.981 16.718  -4.490  1.00 35.96 ? 15  VAL A CB  1 
ATOM   95   C  CG1 . VAL A 1 15  ? -11.920 18.100  -3.939  1.00 38.35 ? 15  VAL A CG1 1 
ATOM   96   C  CG2 . VAL A 1 15  ? -11.363 16.702  -5.877  1.00 40.40 ? 15  VAL A CG2 1 
ATOM   97   N  N   . GLY A 1 16  ? -10.863 16.519  -1.296  1.00 37.42 ? 16  GLY A N   1 
ATOM   98   C  CA  . GLY A 1 16  ? -11.170 16.691  0.108   1.00 38.84 ? 16  GLY A CA  1 
ATOM   99   C  C   . GLY A 1 16  ? -10.656 15.591  1.028   1.00 42.54 ? 16  GLY A C   1 
ATOM   100  O  O   . GLY A 1 16  ? -10.384 15.865  2.203   1.00 41.20 ? 16  GLY A O   1 
ATOM   101  N  N   . ALA A 1 17  ? -10.521 14.357  0.536   1.00 39.11 ? 17  ALA A N   1 
ATOM   102  C  CA  . ALA A 1 17  ? -10.120 13.243  1.393   1.00 38.72 ? 17  ALA A CA  1 
ATOM   103  C  C   . ALA A 1 17  ? -8.634  13.320  1.756   1.00 40.34 ? 17  ALA A C   1 
ATOM   104  O  O   . ALA A 1 17  ? -7.821  13.883  1.016   1.00 36.08 ? 17  ALA A O   1 
ATOM   105  C  CB  . ALA A 1 17  ? -10.423 11.908  0.707   1.00 36.80 ? 17  ALA A CB  1 
ATOM   106  N  N   . GLU A 1 18  ? -8.284  12.747  2.913   1.00 38.25 ? 18  GLU A N   1 
ATOM   107  C  CA  . GLU A 1 18  ? -6.893  12.722  3.363   1.00 39.09 ? 18  GLU A CA  1 
ATOM   108  C  C   . GLU A 1 18  ? -6.097  11.729  2.523   1.00 36.13 ? 18  GLU A C   1 
ATOM   109  O  O   . GLU A 1 18  ? -6.614  10.693  2.097   1.00 36.82 ? 18  GLU A O   1 
ATOM   110  C  CB  . GLU A 1 18  ? -6.811  12.354  4.860   1.00 39.95 ? 18  GLU A CB  1 
ATOM   111  C  CG  . GLU A 1 18  ? -5.389  12.304  5.439   1.00 35.31 ? 18  GLU A CG  1 
ATOM   112  C  CD  . GLU A 1 18  ? -5.324  11.900  6.934   1.00 44.78 ? 18  GLU A CD  1 
ATOM   113  O  OE1 . GLU A 1 18  ? -6.360  11.484  7.508   1.00 40.63 ? 18  GLU A OE1 1 
ATOM   114  O  OE2 . GLU A 1 18  ? -4.225  12.024  7.538   1.00 39.24 ? 18  GLU A OE2 1 
ATOM   115  N  N   . THR A 1 19  ? -4.828  12.047  2.273   1.00 36.18 ? 19  THR A N   1 
ATOM   116  C  CA  . THR A 1 19  ? -3.996  11.263  1.365   1.00 38.04 ? 19  THR A CA  1 
ATOM   117  C  C   . THR A 1 19  ? -2.867  10.570  2.126   1.00 33.25 ? 19  THR A C   1 
ATOM   118  O  O   . THR A 1 19  ? -2.101  11.225  2.837   1.00 29.25 ? 19  THR A O   1 
ATOM   119  C  CB  . THR A 1 19  ? -3.426  12.159  0.260   1.00 35.39 ? 19  THR A CB  1 
ATOM   120  O  OG1 . THR A 1 19  ? -4.482  12.592  -0.609  1.00 36.97 ? 19  THR A OG1 1 
ATOM   121  C  CG2 . THR A 1 19  ? -2.425  11.393  -0.568  1.00 33.44 ? 19  THR A CG2 1 
ATOM   122  N  N   . PHE A 1 20  ? -2.734  9.257   1.939   1.00 35.12 ? 20  PHE A N   1 
ATOM   123  C  CA  . PHE A 1 20  ? -1.690  8.467   2.607   1.00 37.67 ? 20  PHE A CA  1 
ATOM   124  C  C   . PHE A 1 20  ? -0.591  8.119   1.606   1.00 37.44 ? 20  PHE A C   1 
ATOM   125  O  O   . PHE A 1 20  ? -0.813  7.333   0.676   1.00 35.81 ? 20  PHE A O   1 
ATOM   126  C  CB  . PHE A 1 20  ? -2.270  7.192   3.217   1.00 30.63 ? 20  PHE A CB  1 
ATOM   127  C  CG  . PHE A 1 20  ? -3.146  7.438   4.424   1.00 32.27 ? 20  PHE A CG  1 
ATOM   128  C  CD1 . PHE A 1 20  ? -4.289  8.215   4.323   1.00 34.81 ? 20  PHE A CD1 1 
ATOM   129  C  CD2 . PHE A 1 20  ? -2.827  6.882   5.656   1.00 33.27 ? 20  PHE A CD2 1 
ATOM   130  C  CE1 . PHE A 1 20  ? -5.096  8.437   5.418   1.00 35.26 ? 20  PHE A CE1 1 
ATOM   131  C  CE2 . PHE A 1 20  ? -3.633  7.107   6.768   1.00 36.63 ? 20  PHE A CE2 1 
ATOM   132  C  CZ  . PHE A 1 20  ? -4.766  7.886   6.645   1.00 34.22 ? 20  PHE A CZ  1 
ATOM   133  N  N   . TYR A 1 21  ? 0.602   8.672   1.813   1.00 34.22 ? 21  TYR A N   1 
ATOM   134  C  CA  . TYR A 1 21  ? 1.773   8.274   1.034   1.00 35.21 ? 21  TYR A CA  1 
ATOM   135  C  C   . TYR A 1 21  ? 2.392   7.080   1.750   1.00 37.41 ? 21  TYR A C   1 
ATOM   136  O  O   . TYR A 1 21  ? 3.051   7.237   2.785   1.00 34.01 ? 21  TYR A O   1 
ATOM   137  C  CB  . TYR A 1 21  ? 2.763   9.425   0.888   1.00 34.90 ? 21  TYR A CB  1 
ATOM   138  C  CG  . TYR A 1 21  ? 2.194   10.646  0.186   1.00 36.58 ? 21  TYR A CG  1 
ATOM   139  C  CD1 . TYR A 1 21  ? 1.574   11.661  0.911   1.00 35.09 ? 21  TYR A CD1 1 
ATOM   140  C  CD2 . TYR A 1 21  ? 2.295   10.792  -1.197  1.00 35.22 ? 21  TYR A CD2 1 
ATOM   141  C  CE1 . TYR A 1 21  ? 1.049   12.791  0.274   1.00 36.48 ? 21  TYR A CE1 1 
ATOM   142  C  CE2 . TYR A 1 21  ? 1.783   11.918  -1.841  1.00 36.28 ? 21  TYR A CE2 1 
ATOM   143  C  CZ  . TYR A 1 21  ? 1.158   12.910  -1.106  1.00 34.90 ? 21  TYR A CZ  1 
ATOM   144  O  OH  . TYR A 1 21  ? 0.639   14.026  -1.741  1.00 39.27 ? 21  TYR A OH  1 
ATOM   145  N  N   . VAL A 1 22  ? 2.156   5.867   1.205   1.00 32.52 ? 22  VAL A N   1 
ATOM   146  C  CA  . VAL A 1 22  ? 2.629   4.631   1.820   1.00 31.69 ? 22  VAL A CA  1 
ATOM   147  C  C   . VAL A 1 22  ? 3.967   4.252   1.207   1.00 33.93 ? 22  VAL A C   1 
ATOM   148  O  O   . VAL A 1 22  ? 4.275   4.590   0.054   1.00 28.43 ? 22  VAL A O   1 
ATOM   149  C  CB  . VAL A 1 22  ? 1.620   3.472   1.663   1.00 32.91 ? 22  VAL A CB  1 
ATOM   150  C  CG1 . VAL A 1 22  ? 0.265   3.850   2.239   1.00 29.51 ? 22  VAL A CG1 1 
ATOM   151  C  CG2 . VAL A 1 22  ? 1.493   3.051   0.200   1.00 28.80 ? 22  VAL A CG2 1 
ATOM   152  N  N   . ASP A 1 23  ? 4.768   3.534   1.989   1.00 29.24 ? 23  ASP A N   1 
ATOM   153  C  CA  . ASP A 1 23  ? 5.961   2.885   1.461   1.00 30.91 ? 23  ASP A CA  1 
ATOM   154  C  C   . ASP A 1 23  ? 6.395   1.768   2.399   1.00 34.61 ? 23  ASP A C   1 
ATOM   155  O  O   . ASP A 1 23  ? 6.036   1.746   3.584   1.00 34.71 ? 23  ASP A O   1 
ATOM   156  C  CB  . ASP A 1 23  ? 7.104   3.863   1.269   1.00 30.36 ? 23  ASP A CB  1 
ATOM   157  C  CG  . ASP A 1 23  ? 8.012   3.464   0.114   1.00 36.81 ? 23  ASP A CG  1 
ATOM   158  O  OD1 . ASP A 1 23  ? 7.781   2.407   -0.517  1.00 29.96 ? 23  ASP A OD1 1 
ATOM   159  O  OD2 . ASP A 1 23  ? 8.944   4.224   -0.161  1.00 32.58 ? 23  ASP A OD2 1 
ATOM   160  N  N   . GLY A 1 24  ? 7.175   0.838   1.843   1.00 30.21 ? 24  GLY A N   1 
ATOM   161  C  CA  . GLY A 1 24  ? 7.821   -0.185  2.638   1.00 30.68 ? 24  GLY A CA  1 
ATOM   162  C  C   . GLY A 1 24  ? 9.214   -0.458  2.096   1.00 36.16 ? 24  GLY A C   1 
ATOM   163  O  O   . GLY A 1 24  ? 9.515   -0.165  0.934   1.00 37.84 ? 24  GLY A O   1 
ATOM   164  N  N   . ALA A 1 25  ? 10.058  -1.018  2.964   1.00 31.87 ? 25  ALA A N   1 
ATOM   165  C  CA  . ALA A 1 25  ? 11.424  -1.388  2.592   1.00 38.74 ? 25  ALA A CA  1 
ATOM   166  C  C   . ALA A 1 25  ? 11.866  -2.590  3.422   1.00 39.22 ? 25  ALA A C   1 
ATOM   167  O  O   . ALA A 1 25  ? 11.561  -2.669  4.614   1.00 32.74 ? 25  ALA A O   1 
ATOM   168  C  CB  . ALA A 1 25  ? 12.403  -0.232  2.810   1.00 35.06 ? 25  ALA A CB  1 
ATOM   169  N  N   . ALA A 1 26  ? 12.579  -3.521  2.787   1.00 36.09 ? 26  ALA A N   1 
ATOM   170  C  CA  . ALA A 1 26  ? 13.079  -4.711  3.461   1.00 34.72 ? 26  ALA A CA  1 
ATOM   171  C  C   . ALA A 1 26  ? 14.518  -4.966  3.045   1.00 39.64 ? 26  ALA A C   1 
ATOM   172  O  O   . ALA A 1 26  ? 14.959  -4.555  1.965   1.00 39.91 ? 26  ALA A O   1 
ATOM   173  C  CB  . ALA A 1 26  ? 12.228  -5.944  3.144   1.00 35.06 ? 26  ALA A CB  1 
ATOM   174  N  N   . ASN A 1 27  ? 15.252  -5.660  3.915   1.00 35.29 ? 27  ASN A N   1 
ATOM   175  C  CA  . ASN A 1 27  ? 16.612  -6.098  3.622   1.00 37.86 ? 27  ASN A CA  1 
ATOM   176  C  C   . ASN A 1 27  ? 16.640  -7.618  3.471   1.00 40.99 ? 27  ASN A C   1 
ATOM   177  O  O   . ASN A 1 27  ? 16.262  -8.348  4.400   1.00 38.86 ? 27  ASN A O   1 
ATOM   178  C  CB  . ASN A 1 27  ? 17.582  -5.651  4.710   1.00 35.99 ? 27  ASN A CB  1 
ATOM   179  C  CG  . ASN A 1 27  ? 18.938  -6.284  4.551   1.00 41.40 ? 27  ASN A CG  1 
ATOM   180  O  OD1 . ASN A 1 27  ? 19.220  -7.336  5.136   1.00 38.90 ? 27  ASN A OD1 1 
ATOM   181  N  ND2 . ASN A 1 27  ? 19.790  -5.658  3.747   1.00 36.76 ? 27  ASN A ND2 1 
ATOM   182  N  N   . ARG A 1 28  ? 17.107  -8.086  2.308   1.00 36.41 ? 28  ARG A N   1 
ATOM   183  C  CA  . ARG A 1 28  ? 17.042  -9.509  1.965   1.00 40.61 ? 28  ARG A CA  1 
ATOM   184  C  C   . ARG A 1 28  ? 17.939  -10.360 2.854   1.00 38.83 ? 28  ARG A C   1 
ATOM   185  O  O   . ARG A 1 28  ? 17.643  -11.542 3.076   1.00 31.26 ? 28  ARG A O   1 
ATOM   186  C  CB  . ARG A 1 28  ? 17.449  -9.733  0.499   1.00 38.46 ? 28  ARG A CB  1 
ATOM   187  C  CG  . ARG A 1 28  ? 16.472  -9.206  -0.544  1.00 50.48 ? 28  ARG A CG  1 
ATOM   188  C  CD  . ARG A 1 28  ? 17.180  -8.874  -1.868  1.00 63.37 ? 28  ARG A CD  1 
ATOM   189  N  NE  . ARG A 1 28  ? 16.792  -7.560  -2.380  1.00 71.95 ? 28  ARG A NE  1 
ATOM   190  C  CZ  . ARG A 1 28  ? 17.631  -6.556  -2.620  1.00 67.60 ? 28  ARG A CZ  1 
ATOM   191  N  NH1 . ARG A 1 28  ? 18.942  -6.692  -2.462  1.00 62.17 ? 28  ARG A NH1 1 
ATOM   192  N  NH2 . ARG A 1 28  ? 17.141  -5.390  -3.035  1.00 62.00 ? 28  ARG A NH2 1 
ATOM   193  N  N   . GLU A 1 29  ? 19.053  -9.792  3.328   1.00 39.85 ? 29  GLU A N   1 
ATOM   194  C  CA  . GLU A 1 29  ? 20.033  -10.567 4.083   1.00 39.54 ? 29  GLU A CA  1 
ATOM   195  C  C   . GLU A 1 29  ? 19.546  -10.858 5.489   1.00 40.58 ? 29  GLU A C   1 
ATOM   196  O  O   . GLU A 1 29  ? 19.895  -11.897 6.056   1.00 41.15 ? 29  GLU A O   1 
ATOM   197  C  CB  . GLU A 1 29  ? 21.364  -9.822  4.146   1.00 35.84 ? 29  GLU A CB  1 
ATOM   198  C  CG  . GLU A 1 29  ? 22.161  -9.886  2.858   1.00 38.01 ? 29  GLU A CG  1 
ATOM   199  C  CD  . GLU A 1 29  ? 21.671  -8.910  1.787   1.00 40.66 ? 29  GLU A CD  1 
ATOM   200  O  OE1 . GLU A 1 29  ? 20.957  -7.936  2.111   1.00 38.66 ? 29  GLU A OE1 1 
ATOM   201  O  OE2 . GLU A 1 29  ? 21.989  -9.149  0.603   1.00 40.67 ? 29  GLU A OE2 1 
ATOM   202  N  N   . THR A 1 30  ? 18.744  -9.956  6.063   1.00 37.10 ? 30  THR A N   1 
ATOM   203  C  CA  . THR A 1 30  ? 18.226  -10.112 7.413   1.00 35.26 ? 30  THR A CA  1 
ATOM   204  C  C   . THR A 1 30  ? 16.731  -10.363 7.467   1.00 36.27 ? 30  THR A C   1 
ATOM   205  O  O   . THR A 1 30  ? 16.236  -10.804 8.512   1.00 35.05 ? 30  THR A O   1 
ATOM   206  C  CB  . THR A 1 30  ? 18.540  -8.859  8.248   1.00 38.63 ? 30  THR A CB  1 
ATOM   207  O  OG1 . THR A 1 30  ? 17.959  -7.709  7.611   1.00 37.70 ? 30  THR A OG1 1 
ATOM   208  C  CG2 . THR A 1 30  ? 20.071  -8.654  8.391   1.00 34.71 ? 30  THR A CG2 1 
ATOM   209  N  N   . LYS A 1 31  ? 16.001  -10.091 6.385   1.00 36.81 ? 31  LYS A N   1 
ATOM   210  C  CA  . LYS A 1 31  ? 14.540  -10.155 6.367   1.00 32.89 ? 31  LYS A CA  1 
ATOM   211  C  C   . LYS A 1 31  ? 13.936  -9.168  7.347   1.00 32.52 ? 31  LYS A C   1 
ATOM   212  O  O   . LYS A 1 31  ? 12.774  -9.295  7.746   1.00 33.49 ? 31  LYS A O   1 
ATOM   213  C  CB  . LYS A 1 31  ? 14.032  -11.576 6.644   1.00 35.36 ? 31  LYS A CB  1 
ATOM   214  C  CG  . LYS A 1 31  ? 14.813  -12.668 5.914   1.00 39.01 ? 31  LYS A CG  1 
ATOM   215  C  CD  . LYS A 1 31  ? 13.942  -13.401 4.909   1.00 47.21 ? 31  LYS A CD  1 
ATOM   216  C  CE  . LYS A 1 31  ? 14.661  -14.622 4.339   1.00 54.09 ? 31  LYS A CE  1 
ATOM   217  N  NZ  . LYS A 1 31  ? 13.762  -15.443 3.463   1.00 58.62 ? 31  LYS A NZ  1 
ATOM   218  N  N   . LEU A 1 32  ? 14.730  -8.195  7.770   1.00 34.87 ? 32  LEU A N   1 
ATOM   219  C  CA  . LEU A 1 32  ? 14.212  -7.066  8.526   1.00 31.00 ? 32  LEU A CA  1 
ATOM   220  C  C   . LEU A 1 32  ? 13.657  -6.031  7.566   1.00 36.70 ? 32  LEU A C   1 
ATOM   221  O  O   . LEU A 1 32  ? 14.121  -5.908  6.429   1.00 36.20 ? 32  LEU A O   1 
ATOM   222  C  CB  . LEU A 1 32  ? 15.310  -6.427  9.354   1.00 30.72 ? 32  LEU A CB  1 
ATOM   223  C  CG  . LEU A 1 32  ? 15.998  -7.368  10.323  1.00 37.76 ? 32  LEU A CG  1 
ATOM   224  C  CD1 . LEU A 1 32  ? 17.203  -6.667  10.947  1.00 38.37 ? 32  LEU A CD1 1 
ATOM   225  C  CD2 . LEU A 1 32  ? 14.965  -7.759  11.330  1.00 30.55 ? 32  LEU A CD2 1 
ATOM   226  N  N   . GLY A 1 33  ? 12.692  -5.254  8.044   1.00 34.01 ? 33  GLY A N   1 
ATOM   227  C  CA  . GLY A 1 33  ? 12.042  -4.276  7.185   1.00 37.69 ? 33  GLY A CA  1 
ATOM   228  C  C   . GLY A 1 33  ? 11.159  -3.334  7.969   1.00 38.65 ? 33  GLY A C   1 
ATOM   229  O  O   . GLY A 1 33  ? 10.927  -3.511  9.170   1.00 33.60 ? 33  GLY A O   1 
ATOM   230  N  N   . LYS A 1 34  ? 10.655  -2.317  7.254   1.00 40.89 ? 34  LYS A N   1 
ATOM   231  C  CA  . LYS A 1 34  ? 9.760   -1.311  7.818   1.00 34.98 ? 34  LYS A CA  1 
ATOM   232  C  C   . LYS A 1 34  ? 8.631   -1.009  6.839   1.00 39.22 ? 34  LYS A C   1 
ATOM   233  O  O   . LYS A 1 34  ? 8.811   -1.090  5.621   1.00 34.97 ? 34  LYS A O   1 
ATOM   234  C  CB  . LYS A 1 34  ? 10.500  -0.008  8.141   1.00 36.23 ? 34  LYS A CB  1 
ATOM   235  C  CG  . LYS A 1 34  ? 11.551  -0.148  9.227   1.00 35.59 ? 34  LYS A CG  1 
ATOM   236  C  CD  . LYS A 1 34  ? 12.324  1.145   9.415   1.00 36.32 ? 34  LYS A CD  1 
ATOM   237  C  CE  . LYS A 1 34  ? 13.226  1.049   10.644  1.00 39.00 ? 34  LYS A CE  1 
ATOM   238  N  NZ  . LYS A 1 34  ? 13.917  2.326   10.857  1.00 36.38 ? 34  LYS A NZ  1 
ATOM   239  N  N   . ALA A 1 35  ? 7.460   -0.660  7.381   1.00 36.96 ? 35  ALA A N   1 
ATOM   240  C  CA  . ALA A 1 35  ? 6.318   -0.239  6.573   1.00 37.54 ? 35  ALA A CA  1 
ATOM   241  C  C   . ALA A 1 35  ? 5.635   0.940   7.255   1.00 41.26 ? 35  ALA A C   1 
ATOM   242  O  O   . ALA A 1 35  ? 5.541   0.983   8.491   1.00 35.25 ? 35  ALA A O   1 
ATOM   243  C  CB  . ALA A 1 35  ? 5.309   -1.382  6.349   1.00 33.97 ? 35  ALA A CB  1 
ATOM   244  N  N   . GLY A 1 36  ? 5.174   1.904   6.462   1.00 36.34 ? 36  GLY A N   1 
ATOM   245  C  CA  . GLY A 1 36  ? 4.522   3.039   7.082   1.00 34.63 ? 36  GLY A CA  1 
ATOM   246  C  C   . GLY A 1 36  ? 3.893   3.997   6.091   1.00 37.30 ? 36  GLY A C   1 
ATOM   247  O  O   . GLY A 1 36  ? 3.718   3.688   4.907   1.00 32.75 ? 36  GLY A O   1 
ATOM   248  N  N   . TYR A 1 37  ? 3.539   5.172   6.615   1.00 35.52 ? 37  TYR A N   1 
ATOM   249  C  CA  . TYR A 1 37  ? 2.907   6.209   5.819   1.00 35.30 ? 37  TYR A CA  1 
ATOM   250  C  C   . TYR A 1 37  ? 3.175   7.574   6.430   1.00 34.40 ? 37  TYR A C   1 
ATOM   251  O  O   . TYR A 1 37  ? 3.471   7.706   7.623   1.00 33.02 ? 37  TYR A O   1 
ATOM   252  C  CB  . TYR A 1 37  ? 1.401   5.974   5.683   1.00 30.69 ? 37  TYR A CB  1 
ATOM   253  C  CG  . TYR A 1 37  ? 0.614   6.038   6.977   1.00 34.15 ? 37  TYR A CG  1 
ATOM   254  C  CD1 . TYR A 1 37  ? 0.458   7.241   7.676   1.00 33.37 ? 37  TYR A CD1 1 
ATOM   255  C  CD2 . TYR A 1 37  ? -0.035  4.900   7.472   1.00 35.13 ? 37  TYR A CD2 1 
ATOM   256  C  CE1 . TYR A 1 37  ? -0.297  7.306   8.858   1.00 31.63 ? 37  TYR A CE1 1 
ATOM   257  C  CE2 . TYR A 1 37  ? -0.784  4.953   8.631   1.00 37.52 ? 37  TYR A CE2 1 
ATOM   258  C  CZ  . TYR A 1 37  ? -0.911  6.160   9.326   1.00 37.90 ? 37  TYR A CZ  1 
ATOM   259  O  OH  . TYR A 1 37  ? -1.659  6.202   10.487  1.00 39.21 ? 37  TYR A OH  1 
ATOM   260  N  N   . VAL A 1 38  ? 3.086   8.584   5.575   1.00 36.50 ? 38  VAL A N   1 
ATOM   261  C  CA  . VAL A 1 38  ? 2.909   9.974   5.963   1.00 37.39 ? 38  VAL A CA  1 
ATOM   262  C  C   . VAL A 1 38  ? 1.671   10.473  5.221   1.00 39.51 ? 38  VAL A C   1 
ATOM   263  O  O   . VAL A 1 38  ? 1.383   10.028  4.102   1.00 37.23 ? 38  VAL A O   1 
ATOM   264  C  CB  . VAL A 1 38  ? 4.158   10.824  5.641   1.00 39.77 ? 38  VAL A CB  1 
ATOM   265  C  CG1 . VAL A 1 38  ? 5.368   10.269  6.368   1.00 35.53 ? 38  VAL A CG1 1 
ATOM   266  C  CG2 . VAL A 1 38  ? 4.416   10.885  4.149   1.00 36.81 ? 38  VAL A CG2 1 
ATOM   267  N  N   . THR A 1 39  ? 0.900   11.359  5.869   1.00 35.39 ? 39  THR A N   1 
ATOM   268  C  CA  . THR A 1 39  ? -0.318  11.893  5.262   1.00 36.05 ? 39  THR A CA  1 
ATOM   269  C  C   . THR A 1 39  ? -0.224  13.406  5.110   1.00 38.47 ? 39  THR A C   1 
ATOM   270  O  O   . THR A 1 39  ? 0.643   14.064  5.691   1.00 37.32 ? 39  THR A O   1 
ATOM   271  C  CB  . THR A 1 39  ? -1.595  11.545  6.064   1.00 35.23 ? 39  THR A CB  1 
ATOM   272  O  OG1 . THR A 1 39  ? -1.809  12.521  7.099   1.00 34.88 ? 39  THR A OG1 1 
ATOM   273  C  CG2 . THR A 1 39  ? -1.530  10.140  6.683   1.00 33.32 ? 39  THR A CG2 1 
ATOM   274  N  N   . ASN A 1 40  ? -1.139  13.956  4.309   1.00 39.58 ? 40  ASN A N   1 
ATOM   275  C  CA  . ASN A 1 40  ? -1.142  15.395  4.065   1.00 39.00 ? 40  ASN A CA  1 
ATOM   276  C  C   . ASN A 1 40  ? -1.868  16.160  5.162   1.00 43.23 ? 40  ASN A C   1 
ATOM   277  O  O   . ASN A 1 40  ? -2.005  17.378  5.052   1.00 43.48 ? 40  ASN A O   1 
ATOM   278  C  CB  . ASN A 1 40  ? -1.747  15.718  2.683   1.00 38.51 ? 40  ASN A CB  1 
ATOM   279  C  CG  . ASN A 1 40  ? -3.214  15.295  2.553   1.00 39.22 ? 40  ASN A CG  1 
ATOM   280  O  OD1 . ASN A 1 40  ? -3.719  14.513  3.349   1.00 37.84 ? 40  ASN A OD1 1 
ATOM   281  N  ND2 . ASN A 1 40  ? -3.892  15.797  1.524   1.00 44.02 ? 40  ASN A ND2 1 
ATOM   282  N  N   . ARG A 1 41  ? -2.330  15.473  6.210   1.00 40.56 ? 41  ARG A N   1 
ATOM   283  C  CA  . ARG A 1 41  ? -2.859  16.108  7.406   1.00 44.85 ? 41  ARG A CA  1 
ATOM   284  C  C   . ARG A 1 41  ? -1.905  15.964  8.594   1.00 42.99 ? 41  ARG A C   1 
ATOM   285  O  O   . ARG A 1 41  ? -2.333  15.983  9.749   1.00 49.05 ? 41  ARG A O   1 
ATOM   286  C  CB  . ARG A 1 41  ? -4.232  15.533  7.743   1.00 44.54 ? 41  ARG A CB  1 
ATOM   287  C  CG  . ARG A 1 41  ? -5.386  16.270  7.098   1.00 46.19 ? 41  ARG A CG  1 
ATOM   288  C  CD  . ARG A 1 41  ? -6.611  15.374  7.095   1.00 48.80 ? 41  ARG A CD  1 
ATOM   289  N  NE  . ARG A 1 41  ? -7.388  15.523  5.872   1.00 51.33 ? 41  ARG A NE  1 
ATOM   290  C  CZ  . ARG A 1 41  ? -8.712  15.512  5.809   1.00 55.60 ? 41  ARG A CZ  1 
ATOM   291  N  NH1 . ARG A 1 41  ? -9.457  15.312  6.885   1.00 52.61 ? 41  ARG A NH1 1 
ATOM   292  N  NH2 . ARG A 1 41  ? -9.305  15.715  4.634   1.00 52.88 ? 41  ARG A NH2 1 
ATOM   293  N  N   . GLY A 1 42  ? -0.610  15.823  8.326   1.00 46.74 ? 42  GLY A N   1 
ATOM   294  C  CA  . GLY A 1 42  ? 0.369   15.762  9.398   1.00 48.00 ? 42  GLY A CA  1 
ATOM   295  C  C   . GLY A 1 42  ? 0.326   14.511  10.252  1.00 49.09 ? 42  GLY A C   1 
ATOM   296  O  O   . GLY A 1 42  ? 0.674   14.562  11.437  1.00 50.69 ? 42  GLY A O   1 
ATOM   297  N  N   . ARG A 1 43  ? -0.097  13.386  9.684   1.00 42.24 ? 43  ARG A N   1 
ATOM   298  C  CA  . ARG A 1 43  ? -0.066  12.091  10.344  1.00 37.71 ? 43  ARG A CA  1 
ATOM   299  C  C   . ARG A 1 43  ? 1.059   11.247  9.757   1.00 41.82 ? 43  ARG A C   1 
ATOM   300  O  O   . ARG A 1 43  ? 1.330   11.322  8.553   1.00 40.22 ? 43  ARG A O   1 
ATOM   301  C  CB  . ARG A 1 43  ? -1.390  11.366  10.153  1.00 42.45 ? 43  ARG A CB  1 
ATOM   302  C  CG  . ARG A 1 43  ? -2.361  11.605  11.247  1.00 39.84 ? 43  ARG A CG  1 
ATOM   303  C  CD  . ARG A 1 43  ? -3.321  10.465  11.314  1.00 47.42 ? 43  ARG A CD  1 
ATOM   304  N  NE  . ARG A 1 43  ? -4.393  10.619  10.337  1.00 45.62 ? 43  ARG A NE  1 
ATOM   305  C  CZ  . ARG A 1 43  ? -5.435  9.809   10.252  1.00 42.17 ? 43  ARG A CZ  1 
ATOM   306  N  NH1 . ARG A 1 43  ? -5.551  8.756   11.044  1.00 45.47 ? 43  ARG A NH1 1 
ATOM   307  N  NH2 . ARG A 1 43  ? -6.395  10.075  9.373   1.00 47.54 ? 43  ARG A NH2 1 
ATOM   308  N  N   . GLN A 1 44  ? 1.700   10.433  10.599  1.00 37.68 ? 44  GLN A N   1 
ATOM   309  C  CA  . GLN A 1 44  ? 2.694   9.475   10.129  1.00 38.26 ? 44  GLN A CA  1 
ATOM   310  C  C   . GLN A 1 44  ? 2.718   8.251   11.035  1.00 39.34 ? 44  GLN A C   1 
ATOM   311  O  O   . GLN A 1 44  ? 2.278   8.292   12.186  1.00 37.73 ? 44  GLN A O   1 
ATOM   312  C  CB  . GLN A 1 44  ? 4.077   10.112  10.060  1.00 40.35 ? 44  GLN A CB  1 
ATOM   313  C  CG  . GLN A 1 44  ? 4.861   10.023  11.350  1.00 44.83 ? 44  GLN A CG  1 
ATOM   314  C  CD  . GLN A 1 44  ? 6.338   10.196  11.104  1.00 45.99 ? 44  GLN A CD  1 
ATOM   315  O  OE1 . GLN A 1 44  ? 6.748   11.128  10.409  1.00 44.40 ? 44  GLN A OE1 1 
ATOM   316  N  NE2 . GLN A 1 44  ? 7.148   9.306   11.668  1.00 47.80 ? 44  GLN A NE2 1 
ATOM   317  N  N   . LYS A 1 45  ? 3.229   7.148   10.489  1.00 38.23 ? 45  LYS A N   1 
ATOM   318  C  CA  . LYS A 1 45  ? 3.383   5.906   11.239  1.00 34.62 ? 45  LYS A CA  1 
ATOM   319  C  C   . LYS A 1 45  ? 4.426   5.048   10.548  1.00 38.60 ? 45  LYS A C   1 
ATOM   320  O  O   . LYS A 1 45  ? 4.396   4.922   9.326   1.00 36.15 ? 45  LYS A O   1 
ATOM   321  C  CB  . LYS A 1 45  ? 2.075   5.115   11.339  1.00 36.15 ? 45  LYS A CB  1 
ATOM   322  C  CG  . LYS A 1 45  ? 2.302   3.690   11.870  1.00 35.47 ? 45  LYS A CG  1 
ATOM   323  C  CD  . LYS A 1 45  ? 1.026   2.932   12.102  1.00 39.74 ? 45  LYS A CD  1 
ATOM   324  C  CE  . LYS A 1 45  ? 0.172   3.603   13.153  1.00 39.29 ? 45  LYS A CE  1 
ATOM   325  N  NZ  . LYS A 1 45  ? -1.012  2.749   13.435  1.00 41.28 ? 45  LYS A NZ  1 
ATOM   326  N  N   . VAL A 1 46  ? 5.333   4.462   11.331  1.00 36.33 ? 46  VAL A N   1 
ATOM   327  C  CA  . VAL A 1 46  ? 6.350   3.524   10.859  1.00 41.32 ? 46  VAL A CA  1 
ATOM   328  C  C   . VAL A 1 46  ? 6.353   2.315   11.776  1.00 39.23 ? 46  VAL A C   1 
ATOM   329  O  O   . VAL A 1 46  ? 6.437   2.461   12.998  1.00 42.17 ? 46  VAL A O   1 
ATOM   330  C  CB  . VAL A 1 46  ? 7.758   4.145   10.842  1.00 40.07 ? 46  VAL A CB  1 
ATOM   331  C  CG1 . VAL A 1 46  ? 8.750   3.159   10.214  1.00 41.02 ? 46  VAL A CG1 1 
ATOM   332  C  CG2 . VAL A 1 46  ? 7.744   5.457   10.087  1.00 41.97 ? 46  VAL A CG2 1 
ATOM   333  N  N   . VAL A 1 47  ? 6.274   1.129   11.197  1.00 38.10 ? 47  VAL A N   1 
ATOM   334  C  CA  . VAL A 1 47  ? 6.369   -0.093  11.980  1.00 40.82 ? 47  VAL A CA  1 
ATOM   335  C  C   . VAL A 1 47  ? 7.567   -0.887  11.478  1.00 41.47 ? 47  VAL A C   1 
ATOM   336  O  O   . VAL A 1 47  ? 7.913   -0.834  10.296  1.00 42.85 ? 47  VAL A O   1 
ATOM   337  C  CB  . VAL A 1 47  ? 5.072   -0.933  11.916  1.00 37.59 ? 47  VAL A CB  1 
ATOM   338  C  CG1 . VAL A 1 47  ? 3.877   -0.103  12.388  1.00 36.75 ? 47  VAL A CG1 1 
ATOM   339  C  CG2 . VAL A 1 47  ? 4.827   -1.438  10.507  1.00 37.68 ? 47  VAL A CG2 1 
ATOM   340  N  N   . THR A 1 48  ? 8.232   -1.585  12.395  1.00 41.32 ? 48  THR A N   1 
ATOM   341  C  CA  . THR A 1 48  ? 9.375   -2.421  12.053  1.00 40.13 ? 48  THR A CA  1 
ATOM   342  C  C   . THR A 1 48  ? 8.932   -3.877  12.053  1.00 39.89 ? 48  THR A C   1 
ATOM   343  O  O   . THR A 1 48  ? 8.160   -4.298  12.922  1.00 37.20 ? 48  THR A O   1 
ATOM   344  C  CB  . THR A 1 48  ? 10.528  -2.202  13.035  1.00 41.74 ? 48  THR A CB  1 
ATOM   345  O  OG1 . THR A 1 48  ? 10.837  -0.806  13.096  1.00 42.15 ? 48  THR A OG1 1 
ATOM   346  C  CG2 . THR A 1 48  ? 11.777  -2.977  12.596  1.00 37.00 ? 48  THR A CG2 1 
ATOM   347  N  N   . LEU A 1 49  ? 9.399   -4.641  11.060  1.00 35.63 ? 49  LEU A N   1 
ATOM   348  C  CA  . LEU A 1 49  ? 8.936   -6.005  10.848  1.00 35.68 ? 49  LEU A CA  1 
ATOM   349  C  C   . LEU A 1 49  ? 10.120  -6.955  10.709  1.00 38.73 ? 49  LEU A C   1 
ATOM   350  O  O   . LEU A 1 49  ? 11.188  -6.582  10.219  1.00 36.45 ? 49  LEU A O   1 
ATOM   351  C  CB  . LEU A 1 49  ? 8.037   -6.101  9.595   1.00 37.74 ? 49  LEU A CB  1 
ATOM   352  C  CG  . LEU A 1 49  ? 6.932   -5.045  9.450   1.00 39.28 ? 49  LEU A CG  1 
ATOM   353  C  CD1 . LEU A 1 49  ? 6.448   -4.920  8.007   1.00 38.24 ? 49  LEU A CD1 1 
ATOM   354  C  CD2 . LEU A 1 49  ? 5.770   -5.423  10.346  1.00 39.12 ? 49  LEU A CD2 1 
ATOM   355  N  N   . THR A 1 50  ? 9.925   -8.198  11.136  1.00 35.22 ? 50  THR A N   1 
ATOM   356  C  CA  . THR A 1 50  ? 10.911  -9.237  10.890  1.00 36.27 ? 50  THR A CA  1 
ATOM   357  C  C   . THR A 1 50  ? 10.351  -10.237 9.892   1.00 33.40 ? 50  THR A C   1 
ATOM   358  O  O   . THR A 1 50  ? 9.139   -10.300 9.650   1.00 37.35 ? 50  THR A O   1 
ATOM   359  C  CB  . THR A 1 50  ? 11.293  -9.972  12.179  1.00 34.79 ? 50  THR A CB  1 
ATOM   360  O  OG1 . THR A 1 50  ? 10.106  -10.584 12.718  1.00 30.27 ? 50  THR A OG1 1 
ATOM   361  C  CG2 . THR A 1 50  ? 11.912  -8.996  13.184  1.00 28.80 ? 50  THR A CG2 1 
ATOM   362  N  N   . ASP A 1 51  ? 11.248  -11.048 9.345   1.00 31.41 ? 51  ASP A N   1 
ATOM   363  C  CA  . ASP A 1 51  ? 10.858  -12.181 8.504   1.00 33.08 ? 51  ASP A CA  1 
ATOM   364  C  C   . ASP A 1 51  ? 10.021  -11.736 7.305   1.00 33.44 ? 51  ASP A C   1 
ATOM   365  O  O   . ASP A 1 51  ? 9.078   -12.413 6.901   1.00 36.73 ? 51  ASP A O   1 
ATOM   366  C  CB  . ASP A 1 51  ? 10.106  -13.223 9.333   1.00 32.48 ? 51  ASP A CB  1 
ATOM   367  C  CG  . ASP A 1 51  ? 10.719  -13.416 10.700  1.00 37.80 ? 51  ASP A CG  1 
ATOM   368  O  OD1 . ASP A 1 51  ? 11.824  -13.986 10.742  1.00 39.46 ? 51  ASP A OD1 1 
ATOM   369  O  OD2 . ASP A 1 51  ? 10.123  -12.987 11.716  1.00 35.83 ? 51  ASP A OD2 1 
ATOM   370  N  N   . THR A 1 52  ? 10.370  -10.599 6.717   1.00 34.38 ? 52  THR A N   1 
ATOM   371  C  CA  . THR A 1 52  ? 9.543   -9.991  5.688   1.00 34.07 ? 52  THR A CA  1 
ATOM   372  C  C   . THR A 1 52  ? 10.335  -9.819  4.392   1.00 38.09 ? 52  THR A C   1 
ATOM   373  O  O   . THR A 1 52  ? 11.539  -10.103 4.325   1.00 33.66 ? 52  THR A O   1 
ATOM   374  C  CB  . THR A 1 52  ? 8.986   -8.651  6.181   1.00 35.80 ? 52  THR A CB  1 
ATOM   375  O  OG1 . THR A 1 52  ? 7.910   -8.238  5.335   1.00 37.18 ? 52  THR A OG1 1 
ATOM   376  C  CG2 . THR A 1 52  ? 10.074  -7.577  6.207   1.00 35.08 ? 52  THR A CG2 1 
ATOM   377  N  N   . THR A 1 53  ? 9.628   -9.374  3.345   1.00 36.65 ? 53  THR A N   1 
ATOM   378  C  CA  . THR A 1 53  ? 10.205  -9.101  2.028   1.00 37.54 ? 53  THR A CA  1 
ATOM   379  C  C   . THR A 1 53  ? 9.741   -7.728  1.558   1.00 40.29 ? 53  THR A C   1 
ATOM   380  O  O   . THR A 1 53  ? 8.816   -7.134  2.127   1.00 34.24 ? 53  THR A O   1 
ATOM   381  C  CB  . THR A 1 53  ? 9.796   -10.139 0.975   1.00 38.95 ? 53  THR A CB  1 
ATOM   382  O  OG1 . THR A 1 53  ? 8.406   -9.955  0.649   1.00 39.85 ? 53  THR A OG1 1 
ATOM   383  C  CG2 . THR A 1 53  ? 10.016  -11.561 1.486   1.00 36.75 ? 53  THR A CG2 1 
ATOM   384  N  N   . ASN A 1 54  ? 10.401  -7.224  0.508   1.00 33.73 ? 54  ASN A N   1 
ATOM   385  C  CA  . ASN A 1 54  ? 10.063  -5.899  -0.012  1.00 38.49 ? 54  ASN A CA  1 
ATOM   386  C  C   . ASN A 1 54  ? 8.594   -5.821  -0.392  1.00 36.74 ? 54  ASN A C   1 
ATOM   387  O  O   . ASN A 1 54  ? 7.894   -4.867  -0.036  1.00 33.14 ? 54  ASN A O   1 
ATOM   388  C  CB  . ASN A 1 54  ? 10.939  -5.573  -1.219  1.00 37.50 ? 54  ASN A CB  1 
ATOM   389  C  CG  . ASN A 1 54  ? 12.202  -4.834  -0.825  1.00 45.31 ? 54  ASN A CG  1 
ATOM   390  O  OD1 . ASN A 1 54  ? 12.145  -3.786  -0.184  1.00 42.58 ? 54  ASN A OD1 1 
ATOM   391  N  ND2 . ASN A 1 54  ? 13.357  -5.411  -1.159  1.00 51.94 ? 54  ASN A ND2 1 
ATOM   392  N  N   . GLN A 1 55  ? 8.111   -6.824  -1.116  1.00 34.99 ? 55  GLN A N   1 
ATOM   393  C  CA  . GLN A 1 55  ? 6.719   -6.828  -1.540  1.00 40.73 ? 55  GLN A CA  1 
ATOM   394  C  C   . GLN A 1 55  ? 5.776   -6.915  -0.347  1.00 38.96 ? 55  GLN A C   1 
ATOM   395  O  O   . GLN A 1 55  ? 4.716   -6.277  -0.337  1.00 40.79 ? 55  GLN A O   1 
ATOM   396  C  CB  . GLN A 1 55  ? 6.483   -7.983  -2.511  1.00 38.13 ? 55  GLN A CB  1 
ATOM   397  C  CG  . GLN A 1 55  ? 7.250   -7.818  -3.802  1.00 41.33 ? 55  GLN A CG  1 
ATOM   398  C  CD  . GLN A 1 55  ? 6.920   -8.907  -4.778  1.00 47.26 ? 55  GLN A CD  1 
ATOM   399  O  OE1 . GLN A 1 55  ? 6.451   -9.971  -4.378  1.00 49.58 ? 55  GLN A OE1 1 
ATOM   400  N  NE2 . GLN A 1 55  ? 7.150   -8.656  -6.065  1.00 47.78 ? 55  GLN A NE2 1 
ATOM   401  N  N   . LYS A 1 56  ? 6.128   -7.710  0.658   1.00 36.12 ? 56  LYS A N   1 
ATOM   402  C  CA  . LYS A 1 56  ? 5.321   -7.726  1.871   1.00 38.31 ? 56  LYS A CA  1 
ATOM   403  C  C   . LYS A 1 56  ? 5.264   -6.347  2.514   1.00 36.89 ? 56  LYS A C   1 
ATOM   404  O  O   . LYS A 1 56  ? 4.193   -5.905  2.952   1.00 32.14 ? 56  LYS A O   1 
ATOM   405  C  CB  . LYS A 1 56  ? 5.874   -8.745  2.855   1.00 39.52 ? 56  LYS A CB  1 
ATOM   406  C  CG  . LYS A 1 56  ? 5.063   -9.999  2.930   1.00 43.75 ? 56  LYS A CG  1 
ATOM   407  C  CD  . LYS A 1 56  ? 5.746   -11.010 3.841   1.00 43.97 ? 56  LYS A CD  1 
ATOM   408  C  CE  . LYS A 1 56  ? 4.972   -12.307 3.864   1.00 57.39 ? 56  LYS A CE  1 
ATOM   409  N  NZ  . LYS A 1 56  ? 4.580   -12.709 2.480   1.00 52.28 ? 56  LYS A NZ  1 
ATOM   410  N  N   . THR A 1 57  ? 6.399   -5.645  2.590   1.00 30.10 ? 57  THR A N   1 
ATOM   411  C  CA  . THR A 1 57  ? 6.367   -4.365  3.293   1.00 36.20 ? 57  THR A CA  1 
ATOM   412  C  C   . THR A 1 57  ? 5.554   -3.327  2.523   1.00 33.20 ? 57  THR A C   1 
ATOM   413  O  O   . THR A 1 57  ? 4.894   -2.486  3.133   1.00 32.17 ? 57  THR A O   1 
ATOM   414  C  CB  . THR A 1 57  ? 7.781   -3.843  3.579   1.00 33.39 ? 57  THR A CB  1 
ATOM   415  O  OG1 . THR A 1 57  ? 8.448   -3.554  2.353   1.00 31.29 ? 57  THR A OG1 1 
ATOM   416  C  CG2 . THR A 1 57  ? 8.596   -4.853  4.393   1.00 33.02 ? 57  THR A CG2 1 
ATOM   417  N  N   . GLU A 1 58  ? 5.590   -3.356  1.185   1.00 33.24 ? 58  GLU A N   1 
ATOM   418  C  CA  . GLU A 1 58  ? 4.749   -2.423  0.437   1.00 30.94 ? 58  GLU A CA  1 
ATOM   419  C  C   . GLU A 1 58  ? 3.274   -2.745  0.646   1.00 32.88 ? 58  GLU A C   1 
ATOM   420  O  O   . GLU A 1 58  ? 2.450   -1.840  0.787   1.00 30.72 ? 58  GLU A O   1 
ATOM   421  C  CB  . GLU A 1 58  ? 5.098   -2.440  -1.056  1.00 31.77 ? 58  GLU A CB  1 
ATOM   422  C  CG  . GLU A 1 58  ? 6.569   -2.155  -1.388  1.00 25.91 ? 58  GLU A CG  1 
ATOM   423  C  CD  . GLU A 1 58  ? 6.853   -0.674  -1.566  1.00 35.93 ? 58  GLU A CD  1 
ATOM   424  O  OE1 . GLU A 1 58  ? 5.986   0.142   -1.191  1.00 32.28 ? 58  GLU A OE1 1 
ATOM   425  O  OE2 . GLU A 1 58  ? 7.928   -0.308  -2.093  1.00 33.53 ? 58  GLU A OE2 1 
ATOM   426  N  N   . LEU A 1 59  ? 2.931   -4.030  0.707   1.00 32.75 ? 59  LEU A N   1 
ATOM   427  C  CA  . LEU A 1 59  ? 1.557   -4.425  1.009   1.00 39.04 ? 59  LEU A CA  1 
ATOM   428  C  C   . LEU A 1 59  ? 1.177   -4.054  2.435   1.00 36.12 ? 59  LEU A C   1 
ATOM   429  O  O   . LEU A 1 59  ? 0.074   -3.553  2.684   1.00 37.60 ? 59  LEU A O   1 
ATOM   430  C  CB  . LEU A 1 59  ? 1.383   -5.929  0.792   1.00 33.47 ? 59  LEU A CB  1 
ATOM   431  C  CG  . LEU A 1 59  ? 1.332   -6.415  -0.662  1.00 42.15 ? 59  LEU A CG  1 
ATOM   432  C  CD1 . LEU A 1 59  ? 1.274   -7.943  -0.718  1.00 38.05 ? 59  LEU A CD1 1 
ATOM   433  C  CD2 . LEU A 1 59  ? 0.168   -5.801  -1.442  1.00 33.16 ? 59  LEU A CD2 1 
ATOM   434  N  N   . GLN A 1 60  ? 2.066   -4.328  3.391   1.00 36.09 ? 60  GLN A N   1 
ATOM   435  C  CA  . GLN A 1 60  ? 1.799   -3.980  4.783   1.00 37.55 ? 60  GLN A CA  1 
ATOM   436  C  C   . GLN A 1 60  ? 1.506   -2.487  4.937   1.00 36.91 ? 60  GLN A C   1 
ATOM   437  O  O   . GLN A 1 60  ? 0.622   -2.101  5.707   1.00 38.73 ? 60  GLN A O   1 
ATOM   438  C  CB  . GLN A 1 60  ? 2.986   -4.394  5.658   1.00 36.89 ? 60  GLN A CB  1 
ATOM   439  C  CG  . GLN A 1 60  ? 2.669   -4.497  7.165   1.00 47.02 ? 60  GLN A CG  1 
ATOM   440  C  CD  . GLN A 1 60  ? 1.398   -5.300  7.473   1.00 49.51 ? 60  GLN A CD  1 
ATOM   441  O  OE1 . GLN A 1 60  ? 1.231   -6.433  7.008   1.00 47.76 ? 60  GLN A OE1 1 
ATOM   442  N  NE2 . GLN A 1 60  ? 0.492   -4.702  8.248   1.00 47.42 ? 60  GLN A NE2 1 
ATOM   443  N  N   . ALA A 1 61  ? 2.239   -1.634  4.211   1.00 34.44 ? 61  ALA A N   1 
ATOM   444  C  CA  . ALA A 1 61  ? 2.016   -0.190  4.290   1.00 34.70 ? 61  ALA A CA  1 
ATOM   445  C  C   . ALA A 1 61  ? 0.600   0.180   3.849   1.00 32.00 ? 61  ALA A C   1 
ATOM   446  O  O   . ALA A 1 61  ? -0.105  0.920   4.540   1.00 33.58 ? 61  ALA A O   1 
ATOM   447  C  CB  . ALA A 1 61  ? 3.057   0.544   3.447   1.00 32.27 ? 61  ALA A CB  1 
ATOM   448  N  N   . ILE A 1 62  ? 0.149   -0.358  2.715   1.00 32.38 ? 62  ILE A N   1 
ATOM   449  C  CA  . ILE A 1 62  ? -1.229  -0.128  2.282   1.00 33.26 ? 62  ILE A CA  1 
ATOM   450  C  C   . ILE A 1 62  ? -2.230  -0.597  3.337   1.00 38.50 ? 62  ILE A C   1 
ATOM   451  O  O   . ILE A 1 62  ? -3.280  0.032   3.534   1.00 33.78 ? 62  ILE A O   1 
ATOM   452  C  CB  . ILE A 1 62  ? -1.480  -0.823  0.937   1.00 36.90 ? 62  ILE A CB  1 
ATOM   453  C  CG1 . ILE A 1 62  ? -0.737  -0.092  -0.175  1.00 34.11 ? 62  ILE A CG1 1 
ATOM   454  C  CG2 . ILE A 1 62  ? -2.969  -0.894  0.627   1.00 33.74 ? 62  ILE A CG2 1 
ATOM   455  C  CD1 . ILE A 1 62  ? -0.606  -0.940  -1.414  1.00 35.87 ? 62  ILE A CD1 1 
ATOM   456  N  N   . TYR A 1 63  ? -1.954  -1.731  3.993   1.00 35.95 ? 63  TYR A N   1 
ATOM   457  C  CA  . TYR A 1 63  ? -2.869  -2.226  5.026   1.00 37.87 ? 63  TYR A CA  1 
ATOM   458  C  C   . TYR A 1 63  ? -3.019  -1.211  6.157   1.00 35.82 ? 63  TYR A C   1 
ATOM   459  O  O   . TYR A 1 63  ? -4.138  -0.891  6.573   1.00 35.48 ? 63  TYR A O   1 
ATOM   460  C  CB  . TYR A 1 63  ? -2.373  -3.572  5.567   1.00 37.64 ? 63  TYR A CB  1 
ATOM   461  C  CG  . TYR A 1 63  ? -3.249  -4.199  6.647   1.00 42.71 ? 63  TYR A CG  1 
ATOM   462  C  CD1 . TYR A 1 63  ? -3.067  -3.888  7.992   1.00 39.85 ? 63  TYR A CD1 1 
ATOM   463  C  CD2 . TYR A 1 63  ? -4.254  -5.105  6.316   1.00 41.40 ? 63  TYR A CD2 1 
ATOM   464  C  CE1 . TYR A 1 63  ? -3.865  -4.460  8.973   1.00 46.57 ? 63  TYR A CE1 1 
ATOM   465  C  CE2 . TYR A 1 63  ? -5.048  -5.674  7.279   1.00 46.13 ? 63  TYR A CE2 1 
ATOM   466  C  CZ  . TYR A 1 63  ? -4.851  -5.355  8.608   1.00 51.34 ? 63  TYR A CZ  1 
ATOM   467  O  OH  . TYR A 1 63  ? -5.659  -5.935  9.562   1.00 56.30 ? 63  TYR A OH  1 
ATOM   468  N  N   . LEU A 1 64  ? -1.892  -0.698  6.665   1.00 33.18 ? 64  LEU A N   1 
ATOM   469  C  CA  . LEU A 1 64  ? -1.913  0.358   7.676   1.00 34.02 ? 64  LEU A CA  1 
ATOM   470  C  C   . LEU A 1 64  ? -2.692  1.587   7.206   1.00 36.91 ? 64  LEU A C   1 
ATOM   471  O  O   . LEU A 1 64  ? -3.441  2.199   7.978   1.00 33.15 ? 64  LEU A O   1 
ATOM   472  C  CB  . LEU A 1 64  ? -0.478  0.760   8.032   1.00 34.73 ? 64  LEU A CB  1 
ATOM   473  C  CG  . LEU A 1 64  ? 0.379   -0.255  8.807   1.00 39.47 ? 64  LEU A CG  1 
ATOM   474  C  CD1 . LEU A 1 64  ? 1.859   0.157   8.845   1.00 34.75 ? 64  LEU A CD1 1 
ATOM   475  C  CD2 . LEU A 1 64  ? -0.143  -0.403  10.211  1.00 34.91 ? 64  LEU A CD2 1 
ATOM   476  N  N   . ALA A 1 65  ? -2.521  1.971   5.943   1.00 34.03 ? 65  ALA A N   1 
ATOM   477  C  CA  . ALA A 1 65  ? -3.244  3.131   5.439   1.00 36.91 ? 65  ALA A CA  1 
ATOM   478  C  C   . ALA A 1 65  ? -4.747  2.879   5.414   1.00 35.33 ? 65  ALA A C   1 
ATOM   479  O  O   . ALA A 1 65  ? -5.530  3.758   5.793   1.00 35.79 ? 65  ALA A O   1 
ATOM   480  C  CB  . ALA A 1 65  ? -2.726  3.519   4.051   1.00 33.64 ? 65  ALA A CB  1 
ATOM   481  N  N   . LEU A 1 66  ? -5.174  1.689   4.980   1.00 33.49 ? 66  LEU A N   1 
ATOM   482  C  CA  . LEU A 1 66  ? -6.606  1.386   5.009   1.00 37.26 ? 66  LEU A CA  1 
ATOM   483  C  C   . LEU A 1 66  ? -7.108  1.277   6.444   1.00 38.09 ? 66  LEU A C   1 
ATOM   484  O  O   . LEU A 1 66  ? -8.238  1.675   6.758   1.00 36.67 ? 66  LEU A O   1 
ATOM   485  C  CB  . LEU A 1 66  ? -6.887  0.087   4.247   1.00 38.95 ? 66  LEU A CB  1 
ATOM   486  C  CG  . LEU A 1 66  ? -6.650  0.041   2.736   1.00 38.23 ? 66  LEU A CG  1 
ATOM   487  C  CD1 . LEU A 1 66  ? -6.778  -1.380  2.249   1.00 36.78 ? 66  LEU A CD1 1 
ATOM   488  C  CD2 . LEU A 1 66  ? -7.624  0.967   1.994   1.00 36.24 ? 66  LEU A CD2 1 
ATOM   489  N  N   . GLN A 1 67  ? -6.274  0.736   7.324   1.00 38.37 ? 67  GLN A N   1 
ATOM   490  C  CA  . GLN A 1 67  ? -6.661  0.547   8.712   1.00 39.79 ? 67  GLN A CA  1 
ATOM   491  C  C   . GLN A 1 67  ? -6.892  1.879   9.411   1.00 38.48 ? 67  GLN A C   1 
ATOM   492  O  O   . GLN A 1 67  ? -7.865  2.040   10.158  1.00 41.24 ? 67  GLN A O   1 
ATOM   493  C  CB  . GLN A 1 67  ? -5.572  -0.258  9.419   1.00 39.73 ? 67  GLN A CB  1 
ATOM   494  C  CG  . GLN A 1 67  ? -5.487  -0.046  10.917  1.00 46.52 ? 67  GLN A CG  1 
ATOM   495  C  CD  . GLN A 1 67  ? -4.267  -0.722  11.528  1.00 46.00 ? 67  GLN A CD  1 
ATOM   496  O  OE1 . GLN A 1 67  ? -4.163  -1.956  11.527  1.00 52.77 ? 67  GLN A OE1 1 
ATOM   497  N  NE2 . GLN A 1 67  ? -3.337  0.083   12.053  1.00 41.37 ? 67  GLN A NE2 1 
ATOM   498  N  N   . ASP A 1 68  ? -6.010  2.847   9.183   1.00 34.59 ? 68  ASP A N   1 
ATOM   499  C  CA  . ASP A 1 68  ? -5.993  4.081   9.960   1.00 35.36 ? 68  ASP A CA  1 
ATOM   500  C  C   . ASP A 1 68  ? -6.780  5.225   9.325   1.00 39.62 ? 68  ASP A C   1 
ATOM   501  O  O   . ASP A 1 68  ? -6.708  6.351   9.828   1.00 39.83 ? 68  ASP A O   1 
ATOM   502  C  CB  . ASP A 1 68  ? -4.550  4.546   10.189  1.00 34.92 ? 68  ASP A CB  1 
ATOM   503  C  CG  . ASP A 1 68  ? -3.765  3.620   11.102  1.00 37.37 ? 68  ASP A CG  1 
ATOM   504  O  OD1 . ASP A 1 68  ? -4.384  2.757   11.751  1.00 39.91 ? 68  ASP A OD1 1 
ATOM   505  O  OD2 . ASP A 1 68  ? -2.528  3.765   11.174  1.00 35.65 ? 68  ASP A OD2 1 
ATOM   506  N  N   . SER A 1 69  ? -7.522  4.988   8.247   1.00 34.35 ? 69  SER A N   1 
ATOM   507  C  CA  . SER A 1 69  ? -8.149  6.098   7.535   1.00 38.91 ? 69  SER A CA  1 
ATOM   508  C  C   . SER A 1 69  ? -9.662  6.063   7.644   1.00 37.03 ? 69  SER A C   1 
ATOM   509  O  O   . SER A 1 69  ? -10.268 5.077   8.069   1.00 36.91 ? 69  SER A O   1 
ATOM   510  C  CB  . SER A 1 69  ? -7.768  6.087   6.058   1.00 34.56 ? 69  SER A CB  1 
ATOM   511  O  OG  . SER A 1 69  ? -7.958  4.793   5.528   1.00 35.38 ? 69  SER A OG  1 
ATOM   512  N  N   . GLY A 1 70  ? -10.267 7.153   7.194   1.00 36.28 ? 70  GLY A N   1 
ATOM   513  C  CA  . GLY A 1 70  ? -11.704 7.223   7.120   1.00 37.17 ? 70  GLY A CA  1 
ATOM   514  C  C   . GLY A 1 70  ? -12.271 6.375   5.987   1.00 37.99 ? 70  GLY A C   1 
ATOM   515  O  O   . GLY A 1 70  ? -11.616 5.512   5.396   1.00 36.04 ? 70  GLY A O   1 
ATOM   516  N  N   . LEU A 1 71  ? -13.541 6.650   5.689   1.00 38.91 ? 71  LEU A N   1 
ATOM   517  C  CA  . LEU A 1 71  ? -14.292 5.879   4.714   1.00 37.03 ? 71  LEU A CA  1 
ATOM   518  C  C   . LEU A 1 71  ? -13.920 6.230   3.285   1.00 34.75 ? 71  LEU A C   1 
ATOM   519  O  O   . LEU A 1 71  ? -14.204 5.449   2.372   1.00 34.31 ? 71  LEU A O   1 
ATOM   520  C  CB  . LEU A 1 71  ? -15.781 6.116   4.925   1.00 35.31 ? 71  LEU A CB  1 
ATOM   521  C  CG  . LEU A 1 71  ? -16.370 5.416   6.137   1.00 45.13 ? 71  LEU A CG  1 
ATOM   522  C  CD1 . LEU A 1 71  ? -17.741 6.021   6.433   1.00 42.94 ? 71  LEU A CD1 1 
ATOM   523  C  CD2 . LEU A 1 71  ? -16.430 3.905   5.877   1.00 41.93 ? 71  LEU A CD2 1 
ATOM   524  N  N   . GLU A 1 72  ? -13.333 7.400   3.079   1.00 32.23 ? 72  GLU A N   1 
ATOM   525  C  CA  . GLU A 1 72  ? -12.833 7.837   1.784   1.00 38.81 ? 72  GLU A CA  1 
ATOM   526  C  C   . GLU A 1 72  ? -11.341 8.101   1.933   1.00 40.67 ? 72  GLU A C   1 
ATOM   527  O  O   . GLU A 1 72  ? -10.936 8.866   2.819   1.00 36.54 ? 72  GLU A O   1 
ATOM   528  C  CB  . GLU A 1 72  ? -13.557 9.104   1.305   1.00 33.70 ? 72  GLU A CB  1 
ATOM   529  C  CG  . GLU A 1 72  ? -15.062 9.122   1.569   1.00 39.05 ? 72  GLU A CG  1 
ATOM   530  C  CD  . GLU A 1 72  ? -15.404 9.728   2.912   1.00 39.35 ? 72  GLU A CD  1 
ATOM   531  O  OE1 . GLU A 1 72  ? -14.485 9.845   3.756   1.00 33.88 ? 72  GLU A OE1 1 
ATOM   532  O  OE2 . GLU A 1 72  ? -16.596 10.081  3.125   1.00 40.52 ? 72  GLU A OE2 1 
ATOM   533  N  N   . VAL A 1 73  ? -10.521 7.491   1.073   1.00 38.39 ? 73  VAL A N   1 
ATOM   534  C  CA  . VAL A 1 73  ? -9.077  7.570   1.285   1.00 37.18 ? 73  VAL A CA  1 
ATOM   535  C  C   . VAL A 1 73  ? -8.328  7.585   -0.049  1.00 36.77 ? 73  VAL A C   1 
ATOM   536  O  O   . VAL A 1 73  ? -8.653  6.843   -0.985  1.00 32.41 ? 73  VAL A O   1 
ATOM   537  C  CB  . VAL A 1 73  ? -8.607  6.426   2.212   1.00 35.18 ? 73  VAL A CB  1 
ATOM   538  C  CG1 . VAL A 1 73  ? -8.903  5.073   1.587   1.00 36.06 ? 73  VAL A CG1 1 
ATOM   539  C  CG2 . VAL A 1 73  ? -7.119  6.601   2.579   1.00 31.78 ? 73  VAL A CG2 1 
ATOM   540  N  N   . ASN A 1 74  ? -7.313  8.449   -0.118  1.00 35.98 ? 74  ASN A N   1 
ATOM   541  C  CA  . ASN A 1 74  ? -6.354  8.490   -1.217  1.00 31.50 ? 74  ASN A CA  1 
ATOM   542  C  C   . ASN A 1 74  ? -5.067  7.809   -0.758  1.00 36.82 ? 74  ASN A C   1 
ATOM   543  O  O   . ASN A 1 74  ? -4.525  8.159   0.299   1.00 32.76 ? 74  ASN A O   1 
ATOM   544  C  CB  . ASN A 1 74  ? -6.036  9.937   -1.627  1.00 29.47 ? 74  ASN A CB  1 
ATOM   545  C  CG  . ASN A 1 74  ? -7.243  10.702  -2.188  1.00 34.81 ? 74  ASN A CG  1 
ATOM   546  O  OD1 . ASN A 1 74  ? -7.996  10.195  -3.022  1.00 32.56 ? 74  ASN A OD1 1 
ATOM   547  N  ND2 . ASN A 1 74  ? -7.383  11.957  -1.772  1.00 35.00 ? 74  ASN A ND2 1 
ATOM   548  N  N   . ILE A 1 75  ? -4.563  6.863   -1.557  1.00 33.25 ? 75  ILE A N   1 
ATOM   549  C  CA  . ILE A 1 75  ? -3.313  6.166   -1.258  1.00 29.36 ? 75  ILE A CA  1 
ATOM   550  C  C   . ILE A 1 75  ? -2.377  6.253   -2.465  1.00 34.40 ? 75  ILE A C   1 
ATOM   551  O  O   . ILE A 1 75  ? -2.730  5.793   -3.557  1.00 30.86 ? 75  ILE A O   1 
ATOM   552  C  CB  . ILE A 1 75  ? -3.556  4.695   -0.895  1.00 31.09 ? 75  ILE A CB  1 
ATOM   553  C  CG1 . ILE A 1 75  ? -4.501  4.577   0.307   1.00 30.46 ? 75  ILE A CG1 1 
ATOM   554  C  CG2 . ILE A 1 75  ? -2.214  3.980   -0.612  1.00 28.20 ? 75  ILE A CG2 1 
ATOM   555  C  CD1 . ILE A 1 75  ? -5.038  3.169   0.493   1.00 26.77 ? 75  ILE A CD1 1 
ATOM   556  N  N   . VAL A 1 76  ? -1.179  6.807   -2.260  1.00 29.22 ? 76  VAL A N   1 
ATOM   557  C  CA  . VAL A 1 76  ? -0.132  6.864   -3.284  1.00 34.42 ? 76  VAL A CA  1 
ATOM   558  C  C   . VAL A 1 76  ? 0.954   5.857   -2.906  1.00 35.86 ? 76  VAL A C   1 
ATOM   559  O  O   . VAL A 1 76  ? 1.557   5.951   -1.828  1.00 31.51 ? 76  VAL A O   1 
ATOM   560  C  CB  . VAL A 1 76  ? 0.441   8.285   -3.432  1.00 32.56 ? 76  VAL A CB  1 
ATOM   561  C  CG1 . VAL A 1 76  ? 1.515   8.335   -4.476  1.00 35.21 ? 76  VAL A CG1 1 
ATOM   562  C  CG2 . VAL A 1 76  ? -0.674  9.266   -3.797  1.00 39.40 ? 76  VAL A CG2 1 
ATOM   563  N  N   . THR A 1 77  ? 1.186   4.876   -3.781  1.00 33.03 ? 77  THR A N   1 
ATOM   564  C  CA  . THR A 1 77  ? 2.232   3.877   -3.584  1.00 28.20 ? 77  THR A CA  1 
ATOM   565  C  C   . THR A 1 77  ? 3.220   3.931   -4.744  1.00 36.38 ? 77  THR A C   1 
ATOM   566  O  O   . THR A 1 77  ? 2.872   4.356   -5.854  1.00 34.85 ? 77  THR A O   1 
ATOM   567  C  CB  . THR A 1 77  ? 1.643   2.467   -3.485  1.00 33.61 ? 77  THR A CB  1 
ATOM   568  O  OG1 . THR A 1 77  ? 2.697   1.517   -3.271  1.00 32.92 ? 77  THR A OG1 1 
ATOM   569  C  CG2 . THR A 1 77  ? 0.902   2.110   -4.767  1.00 30.77 ? 77  THR A CG2 1 
ATOM   570  N  N   . ASP A 1 78  ? 4.463   3.496   -4.497  1.00 32.77 ? 78  ASP A N   1 
ATOM   571  C  CA  . ASP A 1 78  ? 5.428   3.360   -5.578  1.00 32.00 ? 78  ASP A CA  1 
ATOM   572  C  C   . ASP A 1 78  ? 5.658   1.902   -5.951  1.00 36.89 ? 78  ASP A C   1 
ATOM   573  O  O   . ASP A 1 78  ? 6.586   1.605   -6.701  1.00 32.70 ? 78  ASP A O   1 
ATOM   574  C  CB  . ASP A 1 78  ? 6.749   4.084   -5.253  1.00 33.32 ? 78  ASP A CB  1 
ATOM   575  C  CG  . ASP A 1 78  ? 7.480   3.527   -4.029  1.00 36.73 ? 78  ASP A CG  1 
ATOM   576  O  OD1 . ASP A 1 78  ? 7.368   2.325   -3.725  1.00 33.26 ? 78  ASP A OD1 1 
ATOM   577  O  OD2 . ASP A 1 78  ? 8.175   4.324   -3.356  1.00 38.09 ? 78  ASP A OD2 1 
ATOM   578  N  N   . SER A 1 79  ? 4.800   0.994   -5.496  1.00 28.45 ? 79  SER A N   1 
ATOM   579  C  CA  . SER A 1 79  ? 4.939   -0.426  -5.803  1.00 34.27 ? 79  SER A CA  1 
ATOM   580  C  C   . SER A 1 79  ? 3.946   -0.823  -6.901  1.00 33.99 ? 79  SER A C   1 
ATOM   581  O  O   . SER A 1 79  ? 2.733   -0.884  -6.660  1.00 29.10 ? 79  SER A O   1 
ATOM   582  C  CB  . SER A 1 79  ? 4.728   -1.254  -4.536  1.00 31.30 ? 79  SER A CB  1 
ATOM   583  O  OG  . SER A 1 79  ? 4.460   -2.585  -4.880  1.00 29.18 ? 79  SER A OG  1 
ATOM   584  N  N   . GLN A 1 80  ? 4.462   -1.111  -8.104  1.00 33.22 ? 80  GLN A N   1 
ATOM   585  C  CA  . GLN A 1 80  ? 3.604   -1.625  -9.171  1.00 35.02 ? 80  GLN A CA  1 
ATOM   586  C  C   . GLN A 1 80  ? 3.049   -2.993  -8.826  1.00 33.16 ? 80  GLN A C   1 
ATOM   587  O  O   . GLN A 1 80  ? 1.924   -3.327  -9.213  1.00 37.54 ? 80  GLN A O   1 
ATOM   588  C  CB  . GLN A 1 80  ? 4.365   -1.714  -10.485 1.00 38.71 ? 80  GLN A CB  1 
ATOM   589  C  CG  . GLN A 1 80  ? 4.754   -0.396  -11.085 1.00 41.95 ? 80  GLN A CG  1 
ATOM   590  C  CD  . GLN A 1 80  ? 5.872   -0.589  -12.071 1.00 53.85 ? 80  GLN A CD  1 
ATOM   591  O  OE1 . GLN A 1 80  ? 6.065   0.197   -13.006 1.00 55.15 ? 80  GLN A OE1 1 
ATOM   592  N  NE2 . GLN A 1 80  ? 6.646   -1.646  -11.846 1.00 55.60 ? 80  GLN A NE2 1 
ATOM   593  N  N   . TYR A 1 81  ? 3.839   -3.818  -8.146  1.00 33.01 ? 81  TYR A N   1 
ATOM   594  C  CA  . TYR A 1 81  ? 3.327   -5.085  -7.646  1.00 35.09 ? 81  TYR A CA  1 
ATOM   595  C  C   . TYR A 1 81  ? 2.111   -4.870  -6.749  1.00 37.81 ? 81  TYR A C   1 
ATOM   596  O  O   . TYR A 1 81  ? 1.036   -5.431  -6.988  1.00 36.70 ? 81  TYR A O   1 
ATOM   597  C  CB  . TYR A 1 81  ? 4.404   -5.829  -6.870  1.00 35.33 ? 81  TYR A CB  1 
ATOM   598  C  CG  . TYR A 1 81  ? 3.812   -6.992  -6.103  1.00 39.80 ? 81  TYR A CG  1 
ATOM   599  C  CD1 . TYR A 1 81  ? 3.260   -8.081  -6.777  1.00 41.85 ? 81  TYR A CD1 1 
ATOM   600  C  CD2 . TYR A 1 81  ? 3.759   -6.989  -4.719  1.00 42.75 ? 81  TYR A CD2 1 
ATOM   601  C  CE1 . TYR A 1 81  ? 2.707   -9.151  -6.102  1.00 47.72 ? 81  TYR A CE1 1 
ATOM   602  C  CE2 . TYR A 1 81  ? 3.197   -8.071  -4.022  1.00 43.69 ? 81  TYR A CE2 1 
ATOM   603  C  CZ  . TYR A 1 81  ? 2.669   -9.142  -4.726  1.00 44.97 ? 81  TYR A CZ  1 
ATOM   604  O  OH  . TYR A 1 81  ? 2.119   -10.222 -4.076  1.00 46.48 ? 81  TYR A OH  1 
ATOM   605  N  N   . ALA A 1 82  ? 2.276   -4.074  -5.688  1.00 34.08 ? 82  ALA A N   1 
ATOM   606  C  CA  . ALA A 1 82  ? 1.189   -3.924  -4.723  1.00 36.01 ? 82  ALA A CA  1 
ATOM   607  C  C   . ALA A 1 82  ? -0.072  -3.430  -5.406  1.00 33.27 ? 82  ALA A C   1 
ATOM   608  O  O   . ALA A 1 82  ? -1.161  -3.954  -5.151  1.00 35.34 ? 82  ALA A O   1 
ATOM   609  C  CB  . ALA A 1 82  ? 1.594   -2.982  -3.590  1.00 34.88 ? 82  ALA A CB  1 
ATOM   610  N  N   . LEU A 1 83  ? 0.061   -2.473  -6.331  1.00 35.58 ? 83  LEU A N   1 
ATOM   611  C  CA  . LEU A 1 83  ? -1.114  -1.965  -7.035  1.00 34.87 ? 83  LEU A CA  1 
ATOM   612  C  C   . LEU A 1 83  ? -1.743  -3.046  -7.904  1.00 36.30 ? 83  LEU A C   1 
ATOM   613  O  O   . LEU A 1 83  ? -2.953  -3.292  -7.835  1.00 36.28 ? 83  LEU A O   1 
ATOM   614  C  CB  . LEU A 1 83  ? -0.750  -0.736  -7.879  1.00 32.99 ? 83  LEU A CB  1 
ATOM   615  C  CG  . LEU A 1 83  ? -1.904  -0.178  -8.733  1.00 39.00 ? 83  LEU A CG  1 
ATOM   616  C  CD1 . LEU A 1 83  ? -3.018  0.363   -7.855  1.00 39.14 ? 83  LEU A CD1 1 
ATOM   617  C  CD2 . LEU A 1 83  ? -1.440  0.902   -9.680  1.00 38.85 ? 83  LEU A CD2 1 
ATOM   618  N  N   . GLY A 1 84  ? -0.939  -3.704  -8.740  1.00 36.34 ? 84  GLY A N   1 
ATOM   619  C  CA  . GLY A 1 84  ? -1.507  -4.679  -9.657  1.00 35.82 ? 84  GLY A CA  1 
ATOM   620  C  C   . GLY A 1 84  ? -2.246  -5.798  -8.942  1.00 39.73 ? 84  GLY A C   1 
ATOM   621  O  O   . GLY A 1 84  ? -3.384  -6.131  -9.289  1.00 39.70 ? 84  GLY A O   1 
ATOM   622  N  N   . ILE A 1 85  ? -1.612  -6.385  -7.924  1.00 38.66 ? 85  ILE A N   1 
ATOM   623  C  CA  . ILE A 1 85  ? -2.188  -7.565  -7.283  1.00 37.41 ? 85  ILE A CA  1 
ATOM   624  C  C   . ILE A 1 85  ? -3.521  -7.215  -6.633  1.00 38.13 ? 85  ILE A C   1 
ATOM   625  O  O   . ILE A 1 85  ? -4.487  -7.982  -6.723  1.00 40.37 ? 85  ILE A O   1 
ATOM   626  C  CB  . ILE A 1 85  ? -1.175  -8.192  -6.286  1.00 40.07 ? 85  ILE A CB  1 
ATOM   627  C  CG1 . ILE A 1 85  ? -1.434  -9.688  -6.083  1.00 41.05 ? 85  ILE A CG1 1 
ATOM   628  C  CG2 . ILE A 1 85  ? -1.175  -7.506  -4.936  1.00 39.46 ? 85  ILE A CG2 1 
ATOM   629  C  CD1 . ILE A 1 85  ? -1.246  -10.535 -7.334  1.00 48.49 ? 85  ILE A CD1 1 
ATOM   630  N  N   . ILE A 1 86  ? -3.617  -6.034  -6.015  1.00 33.26 ? 86  ILE A N   1 
ATOM   631  C  CA  . ILE A 1 86  ? -4.888  -5.589  -5.444  1.00 38.03 ? 86  ILE A CA  1 
ATOM   632  C  C   . ILE A 1 86  ? -5.908  -5.303  -6.550  1.00 41.40 ? 86  ILE A C   1 
ATOM   633  O  O   . ILE A 1 86  ? -7.089  -5.664  -6.440  1.00 39.02 ? 86  ILE A O   1 
ATOM   634  C  CB  . ILE A 1 86  ? -4.661  -4.347  -4.558  1.00 35.53 ? 86  ILE A CB  1 
ATOM   635  C  CG1 . ILE A 1 86  ? -3.747  -4.661  -3.373  1.00 36.29 ? 86  ILE A CG1 1 
ATOM   636  C  CG2 . ILE A 1 86  ? -5.966  -3.800  -4.046  1.00 38.42 ? 86  ILE A CG2 1 
ATOM   637  C  CD1 . ILE A 1 86  ? -3.241  -3.389  -2.669  1.00 36.25 ? 86  ILE A CD1 1 
ATOM   638  N  N   . THR A 1 87  ? -5.486  -4.618  -7.616  1.00 34.35 ? 87  THR A N   1 
ATOM   639  C  CA  . THR A 1 87  ? -6.433  -4.281  -8.675  1.00 36.81 ? 87  THR A CA  1 
ATOM   640  C  C   . THR A 1 87  ? -6.932  -5.542  -9.369  1.00 40.98 ? 87  THR A C   1 
ATOM   641  O  O   . THR A 1 87  ? -8.137  -5.696  -9.610  1.00 37.38 ? 87  THR A O   1 
ATOM   642  C  CB  . THR A 1 87  ? -5.790  -3.319  -9.691  1.00 38.68 ? 87  THR A CB  1 
ATOM   643  O  OG1 . THR A 1 87  ? -5.433  -2.081  -9.056  1.00 37.25 ? 87  THR A OG1 1 
ATOM   644  C  CG2 . THR A 1 87  ? -6.739  -3.021  -10.836 1.00 38.84 ? 87  THR A CG2 1 
ATOM   645  N  N   . GLN A 1 88  ? -6.017  -6.462  -9.676  1.00 38.39 ? 88  GLN A N   1 
ATOM   646  C  CA  . GLN A 1 88  ? -6.401  -7.706  -10.330 1.00 41.84 ? 88  GLN A CA  1 
ATOM   647  C  C   . GLN A 1 88  ? -7.346  -8.528  -9.461  1.00 47.33 ? 88  GLN A C   1 
ATOM   648  O  O   . GLN A 1 88  ? -8.285  -9.154  -9.970  1.00 46.29 ? 88  GLN A O   1 
ATOM   649  C  CB  . GLN A 1 88  ? -5.153  -8.509  -10.678 1.00 41.16 ? 88  GLN A CB  1 
ATOM   650  C  CG  . GLN A 1 88  ? -4.351  -7.859  -11.803 1.00 36.57 ? 88  GLN A CG  1 
ATOM   651  C  CD  . GLN A 1 88  ? -2.880  -8.192  -11.722 1.00 43.17 ? 88  GLN A CD  1 
ATOM   652  O  OE1 . GLN A 1 88  ? -2.487  -9.172  -11.078 1.00 45.43 ? 88  GLN A OE1 1 
ATOM   653  N  NE2 . GLN A 1 88  ? -2.048  -7.371  -12.364 1.00 41.60 ? 88  GLN A NE2 1 
ATOM   654  N  N   . TRP A 1 89  ? -7.113  -8.544  -8.147  1.00 44.66 ? 89  TRP A N   1 
ATOM   655  C  CA  . TRP A 1 89  ? -8.011  -9.273  -7.260  1.00 49.83 ? 89  TRP A CA  1 
ATOM   656  C  C   . TRP A 1 89  ? -9.420  -8.701  -7.344  1.00 45.76 ? 89  TRP A C   1 
ATOM   657  O  O   . TRP A 1 89  ? -10.393 -9.451  -7.468  1.00 48.46 ? 89  TRP A O   1 
ATOM   658  C  CB  . TRP A 1 89  ? -7.465  -9.228  -5.831  1.00 48.97 ? 89  TRP A CB  1 
ATOM   659  C  CG  . TRP A 1 89  ? -8.122  -10.152 -4.834  1.00 53.15 ? 89  TRP A CG  1 
ATOM   660  C  CD1 . TRP A 1 89  ? -9.439  -10.165 -4.462  1.00 55.74 ? 89  TRP A CD1 1 
ATOM   661  C  CD2 . TRP A 1 89  ? -7.472  -11.161 -4.046  1.00 53.12 ? 89  TRP A CD2 1 
ATOM   662  N  NE1 . TRP A 1 89  ? -9.648  -11.131 -3.504  1.00 58.41 ? 89  TRP A NE1 1 
ATOM   663  C  CE2 . TRP A 1 89  ? -8.457  -11.756 -3.233  1.00 58.28 ? 89  TRP A CE2 1 
ATOM   664  C  CE3 . TRP A 1 89  ? -6.155  -11.628 -3.962  1.00 55.25 ? 89  TRP A CE3 1 
ATOM   665  C  CZ2 . TRP A 1 89  ? -8.166  -12.794 -2.346  1.00 58.05 ? 89  TRP A CZ2 1 
ATOM   666  C  CZ3 . TRP A 1 89  ? -5.864  -12.650 -3.074  1.00 55.25 ? 89  TRP A CZ3 1 
ATOM   667  C  CH2 . TRP A 1 89  ? -6.867  -13.225 -2.281  1.00 57.75 ? 89  TRP A CH2 1 
ATOM   668  N  N   . ILE A 1 90  ? -9.540  -7.371  -7.345  1.00 42.04 ? 90  ILE A N   1 
ATOM   669  C  CA  . ILE A 1 90  ? -10.857 -6.743  -7.402  1.00 47.72 ? 90  ILE A CA  1 
ATOM   670  C  C   . ILE A 1 90  ? -11.554 -7.050  -8.723  1.00 50.02 ? 90  ILE A C   1 
ATOM   671  O  O   . ILE A 1 90  ? -12.753 -7.352  -8.745  1.00 52.85 ? 90  ILE A O   1 
ATOM   672  C  CB  . ILE A 1 90  ? -10.743 -5.230  -7.170  1.00 40.26 ? 90  ILE A CB  1 
ATOM   673  C  CG1 . ILE A 1 90  ? -10.488 -4.944  -5.700  1.00 43.97 ? 90  ILE A CG1 1 
ATOM   674  C  CG2 . ILE A 1 90  ? -12.018 -4.538  -7.572  1.00 50.30 ? 90  ILE A CG2 1 
ATOM   675  C  CD1 . ILE A 1 90  ? -9.998  -3.539  -5.455  1.00 42.07 ? 90  ILE A CD1 1 
ATOM   676  N  N   . HIS A 1 91  ? -10.823 -6.987  -9.843  1.00 48.03 ? 91  HIS A N   1 
ATOM   677  C  CA  . HIS A 1 91  ? -11.452 -7.111  -11.158 1.00 46.34 ? 91  HIS A CA  1 
ATOM   678  C  C   . HIS A 1 91  ? -11.863 -8.540  -11.490 1.00 46.71 ? 91  HIS A C   1 
ATOM   679  O  O   . HIS A 1 91  ? -12.783 -8.739  -12.292 1.00 51.18 ? 91  HIS A O   1 
ATOM   680  C  CB  . HIS A 1 91  ? -10.505 -6.589  -12.241 1.00 44.34 ? 91  HIS A CB  1 
ATOM   681  C  CG  . HIS A 1 91  ? -10.269 -5.117  -12.157 1.00 48.47 ? 91  HIS A CG  1 
ATOM   682  N  ND1 . HIS A 1 91  ? -9.503  -4.427  -13.071 1.00 42.24 ? 91  HIS A ND1 1 
ATOM   683  C  CD2 . HIS A 1 91  ? -10.715 -4.197  -11.269 1.00 46.14 ? 91  HIS A CD2 1 
ATOM   684  C  CE1 . HIS A 1 91  ? -9.480  -3.149  -12.750 1.00 46.05 ? 91  HIS A CE1 1 
ATOM   685  N  NE2 . HIS A 1 91  ? -10.204 -2.982  -11.657 1.00 50.50 ? 91  HIS A NE2 1 
ATOM   686  N  N   . ASN A 1 92  ? -11.206 -9.534  -10.895 1.00 44.28 ? 92  ASN A N   1 
ATOM   687  C  CA  . ASN A 1 92  ? -11.412 -10.938 -11.240 1.00 55.11 ? 92  ASN A CA  1 
ATOM   688  C  C   . ASN A 1 92  ? -12.070 -11.746 -10.128 1.00 58.82 ? 92  ASN A C   1 
ATOM   689  O  O   . ASN A 1 92  ? -12.022 -12.979 -10.163 1.00 60.42 ? 92  ASN A O   1 
ATOM   690  C  CB  . ASN A 1 92  ? -10.079 -11.602 -11.610 1.00 50.78 ? 92  ASN A CB  1 
ATOM   691  C  CG  . ASN A 1 92  ? -9.466  -11.036 -12.871 1.00 44.92 ? 92  ASN A CG  1 
ATOM   692  O  OD1 . ASN A 1 92  ? -9.818  -11.441 -13.978 1.00 39.57 ? 92  ASN A OD1 1 
ATOM   693  N  ND2 . ASN A 1 92  ? -8.529  -10.099 -12.710 1.00 36.49 ? 92  ASN A ND2 1 
ATOM   694  N  N   . TRP A 1 93  ? -12.671 -11.106 -9.136  1.00 63.09 ? 93  TRP A N   1 
ATOM   695  C  CA  . TRP A 1 93  ? -13.200 -11.895 -8.034  1.00 70.83 ? 93  TRP A CA  1 
ATOM   696  C  C   . TRP A 1 93  ? -14.451 -12.643 -8.457  1.00 71.66 ? 93  TRP A C   1 
ATOM   697  O  O   . TRP A 1 93  ? -15.374 -12.056 -9.030  1.00 73.02 ? 93  TRP A O   1 
ATOM   698  C  CB  . TRP A 1 93  ? -13.525 -11.037 -6.823  1.00 74.36 ? 93  TRP A CB  1 
ATOM   699  C  CG  . TRP A 1 93  ? -13.882 -11.930 -5.662  1.00 80.04 ? 93  TRP A CG  1 
ATOM   700  C  CD1 . TRP A 1 93  ? -15.066 -11.964 -4.971  1.00 80.17 ? 93  TRP A CD1 1 
ATOM   701  C  CD2 . TRP A 1 93  ? -13.051 -12.957 -5.087  1.00 82.16 ? 93  TRP A CD2 1 
ATOM   702  N  NE1 . TRP A 1 93  ? -15.011 -12.933 -3.989  1.00 81.97 ? 93  TRP A NE1 1 
ATOM   703  C  CE2 . TRP A 1 93  ? -13.787 -13.551 -4.040  1.00 82.72 ? 93  TRP A CE2 1 
ATOM   704  C  CE3 . TRP A 1 93  ? -11.748 -13.416 -5.349  1.00 79.66 ? 93  TRP A CE3 1 
ATOM   705  C  CZ2 . TRP A 1 93  ? -13.265 -14.577 -3.255  1.00 83.27 ? 93  TRP A CZ2 1 
ATOM   706  C  CZ3 . TRP A 1 93  ? -11.232 -14.440 -4.568  1.00 79.60 ? 93  TRP A CZ3 1 
ATOM   707  C  CH2 . TRP A 1 93  ? -11.990 -15.009 -3.535  1.00 84.35 ? 93  TRP A CH2 1 
ATOM   708  N  N   . LYS A 1 94  ? -14.487 -13.937 -8.146  1.00 74.27 ? 94  LYS A N   1 
ATOM   709  C  CA  . LYS A 1 94  ? -15.586 -14.817 -8.527  1.00 76.11 ? 94  LYS A CA  1 
ATOM   710  C  C   . LYS A 1 94  ? -15.735 -14.904 -10.045 1.00 76.51 ? 94  LYS A C   1 
ATOM   711  O  O   . LYS A 1 94  ? -16.776 -15.339 -10.546 1.00 83.15 ? 94  LYS A O   1 
ATOM   712  C  CB  . LYS A 1 94  ? -16.909 -14.375 -7.873  1.00 79.29 ? 94  LYS A CB  1 
ATOM   713  C  CG  . LYS A 1 94  ? -16.999 -14.606 -6.344  1.00 78.91 ? 94  LYS A CG  1 
ATOM   714  C  CD  . LYS A 1 94  ? -18.184 -13.860 -5.684  1.00 81.03 ? 94  LYS A CD  1 
ATOM   715  C  CE  . LYS A 1 94  ? -19.428 -14.752 -5.515  1.00 79.61 ? 94  LYS A CE  1 
ATOM   716  N  NZ  . LYS A 1 94  ? -20.685 -13.998 -5.188  1.00 76.78 ? 94  LYS A NZ  1 
ATOM   717  N  N   . LYS A 1 95  ? -14.700 -14.497 -10.786 1.00 76.81 ? 95  LYS A N   1 
ATOM   718  C  CA  . LYS A 1 95  ? -14.716 -14.486 -12.241 1.00 77.71 ? 95  LYS A CA  1 
ATOM   719  C  C   . LYS A 1 95  ? -14.166 -15.813 -12.770 1.00 79.54 ? 95  LYS A C   1 
ATOM   720  O  O   . LYS A 1 95  ? -13.718 -16.675 -12.006 1.00 79.85 ? 95  LYS A O   1 
ATOM   721  C  CB  . LYS A 1 95  ? -13.928 -13.283 -12.770 1.00 72.80 ? 95  LYS A CB  1 
ATOM   722  C  CG  . LYS A 1 95  ? -14.796 -12.069 -13.163 1.00 72.65 ? 95  LYS A CG  1 
ATOM   723  C  CD  . LYS A 1 95  ? -15.047 -11.125 -11.988 1.00 69.06 ? 95  LYS A CD  1 
ATOM   724  C  CE  . LYS A 1 95  ? -15.960 -9.967  -12.366 1.00 73.98 ? 95  LYS A CE  1 
ATOM   725  N  NZ  . LYS A 1 95  ? -16.716 -9.440  -11.191 1.00 75.26 ? 95  LYS A NZ  1 
ATOM   726  N  N   . ARG A 1 96  ? -14.202 -15.980 -14.099 1.00 81.34 ? 96  ARG A N   1 
ATOM   727  C  CA  . ARG A 1 96  ? -13.950 -17.269 -14.748 1.00 82.22 ? 96  ARG A CA  1 
ATOM   728  C  C   . ARG A 1 96  ? -12.572 -17.855 -14.423 1.00 80.86 ? 96  ARG A C   1 
ATOM   729  O  O   . ARG A 1 96  ? -12.460 -18.716 -13.540 1.00 84.18 ? 96  ARG A O   1 
ATOM   730  C  CB  . ARG A 1 96  ? -14.142 -17.154 -16.275 1.00 79.40 ? 96  ARG A CB  1 
ATOM   731  C  CG  . ARG A 1 96  ? -13.383 -16.010 -16.973 1.00 73.52 ? 96  ARG A CG  1 
ATOM   732  C  CD  . ARG A 1 96  ? -13.710 -15.935 -18.453 1.00 67.52 ? 96  ARG A CD  1 
ATOM   733  N  NE  . ARG A 1 96  ? -13.096 -14.774 -19.094 1.00 65.37 ? 96  ARG A NE  1 
ATOM   734  C  CZ  . ARG A 1 96  ? -12.225 -14.837 -20.095 1.00 60.82 ? 96  ARG A CZ  1 
ATOM   735  N  NH1 . ARG A 1 96  ? -11.827 -15.999 -20.595 1.00 55.98 ? 96  ARG A NH1 1 
ATOM   736  N  NH2 . ARG A 1 96  ? -11.743 -13.705 -20.610 1.00 51.86 ? 96  ARG A NH2 1 
ATOM   737  N  N   . GLY A 1 97  ? -11.524 -17.402 -15.118 1.00 70.24 ? 97  GLY A N   1 
ATOM   738  C  CA  . GLY A 1 97  ? -10.199 -17.983 -14.996 1.00 64.23 ? 97  GLY A CA  1 
ATOM   739  C  C   . GLY A 1 97  ? -9.347  -17.399 -13.887 1.00 67.89 ? 97  GLY A C   1 
ATOM   740  O  O   . GLY A 1 97  ? -8.207  -16.982 -14.126 1.00 64.24 ? 97  GLY A O   1 
ATOM   741  N  N   . TRP A 1 98  ? -9.885  -17.373 -12.661 1.00 77.63 ? 98  TRP A N   1 
ATOM   742  C  CA  . TRP A 1 98  ? -9.189  -16.813 -11.506 1.00 72.25 ? 98  TRP A CA  1 
ATOM   743  C  C   . TRP A 1 98  ? -8.491  -17.926 -10.741 1.00 68.88 ? 98  TRP A C   1 
ATOM   744  O  O   . TRP A 1 98  ? -9.138  -18.710 -10.038 1.00 71.48 ? 98  TRP A O   1 
ATOM   745  C  CB  . TRP A 1 98  ? -10.136 -16.050 -10.577 1.00 73.80 ? 98  TRP A CB  1 
ATOM   746  C  CG  . TRP A 1 98  ? -9.411  -15.091 -9.615  1.00 73.81 ? 98  TRP A CG  1 
ATOM   747  C  CD1 . TRP A 1 98  ? -9.741  -14.832 -8.306  1.00 72.60 ? 98  TRP A CD1 1 
ATOM   748  C  CD2 . TRP A 1 98  ? -8.257  -14.272 -9.906  1.00 67.94 ? 98  TRP A CD2 1 
ATOM   749  N  NE1 . TRP A 1 98  ? -8.863  -13.912 -7.770  1.00 72.20 ? 98  TRP A NE1 1 
ATOM   750  C  CE2 . TRP A 1 98  ? -7.946  -13.556 -8.728  1.00 69.54 ? 98  TRP A CE2 1 
ATOM   751  C  CE3 . TRP A 1 98  ? -7.460  -14.077 -11.045 1.00 63.35 ? 98  TRP A CE3 1 
ATOM   752  C  CZ2 . TRP A 1 98  ? -6.875  -12.664 -8.658  1.00 57.78 ? 98  TRP A CZ2 1 
ATOM   753  C  CZ3 . TRP A 1 98  ? -6.403  -13.199 -10.971 1.00 62.69 ? 98  TRP A CZ3 1 
ATOM   754  C  CH2 . TRP A 1 98  ? -6.121  -12.499 -9.787  1.00 60.58 ? 98  TRP A CH2 1 
ATOM   755  N  N   . LYS A 1 99  ? -7.173  -17.990 -10.886 1.00 65.65 ? 99  LYS A N   1 
ATOM   756  C  CA  . LYS A 1 99  ? -6.314  -18.637 -9.910  1.00 63.32 ? 99  LYS A CA  1 
ATOM   757  C  C   . LYS A 1 99  ? -5.701  -17.543 -9.049  1.00 65.22 ? 99  LYS A C   1 
ATOM   758  O  O   . LYS A 1 99  ? -5.023  -16.649 -9.564  1.00 63.45 ? 99  LYS A O   1 
ATOM   759  C  CB  . LYS A 1 99  ? -5.222  -19.482 -10.561 1.00 56.18 ? 99  LYS A CB  1 
ATOM   760  C  CG  . LYS A 1 99  ? -4.820  -20.680 -9.700  1.00 57.64 ? 99  LYS A CG  1 
ATOM   761  C  CD  . LYS A 1 99  ? -4.491  -21.893 -10.557 1.00 59.60 ? 99  LYS A CD  1 
ATOM   762  C  CE  . LYS A 1 99  ? -4.330  -23.173 -9.741  1.00 59.23 ? 99  LYS A CE  1 
ATOM   763  N  NZ  . LYS A 1 99  ? -5.276  -24.214 -10.232 1.00 50.65 ? 99  LYS A NZ  1 
ATOM   764  N  N   . THR A 1 100 ? -5.951  -17.620 -7.748  1.00 64.77 ? 100 THR A N   1 
ATOM   765  C  CA  . THR A 1 100 ? -5.399  -16.671 -6.800  1.00 63.91 ? 100 THR A CA  1 
ATOM   766  C  C   . THR A 1 100 ? -3.875  -16.801 -6.754  1.00 59.19 ? 100 THR A C   1 
ATOM   767  O  O   . THR A 1 100 ? -3.327  -17.873 -7.033  1.00 59.99 ? 100 THR A O   1 
ATOM   768  C  CB  . THR A 1 100 ? -6.015  -16.940 -5.429  1.00 63.83 ? 100 THR A CB  1 
ATOM   769  O  OG1 . THR A 1 100 ? -7.370  -17.372 -5.617  1.00 70.52 ? 100 THR A OG1 1 
ATOM   770  C  CG2 . THR A 1 100 ? -6.031  -15.703 -4.570  1.00 65.21 ? 100 THR A CG2 1 
ATOM   771  N  N   . PRO A 1 101 ? -3.155  -15.721 -6.444  1.00 59.31 ? 101 PRO A N   1 
ATOM   772  C  CA  . PRO A 1 101 ? -1.705  -15.853 -6.268  1.00 57.24 ? 101 PRO A CA  1 
ATOM   773  C  C   . PRO A 1 101 ? -1.397  -16.771 -5.099  1.00 59.16 ? 101 PRO A C   1 
ATOM   774  O  O   . PRO A 1 101 ? -2.207  -16.939 -4.181  1.00 62.34 ? 101 PRO A O   1 
ATOM   775  C  CB  . PRO A 1 101 ? -1.248  -14.415 -5.991  1.00 59.40 ? 101 PRO A CB  1 
ATOM   776  C  CG  . PRO A 1 101 ? -2.491  -13.716 -5.491  1.00 58.27 ? 101 PRO A CG  1 
ATOM   777  C  CD  . PRO A 1 101 ? -3.581  -14.314 -6.331  1.00 59.77 ? 101 PRO A CD  1 
ATOM   778  N  N   . VAL A 1 102 ? -0.226  -17.392 -5.146  1.00 57.12 ? 102 VAL A N   1 
ATOM   779  C  CA  . VAL A 1 102 ? 0.238   -18.150 -3.990  1.00 58.39 ? 102 VAL A CA  1 
ATOM   780  C  C   . VAL A 1 102 ? 0.955   -17.241 -3.009  1.00 61.66 ? 102 VAL A C   1 
ATOM   781  O  O   . VAL A 1 102 ? 0.646   -17.221 -1.812  1.00 60.69 ? 102 VAL A O   1 
ATOM   782  C  CB  . VAL A 1 102 ? 1.144   -19.324 -4.427  1.00 62.52 ? 102 VAL A CB  1 
ATOM   783  C  CG1 . VAL A 1 102 ? 2.127   -19.681 -3.318  1.00 57.95 ? 102 VAL A CG1 1 
ATOM   784  C  CG2 . VAL A 1 102 ? 0.310   -20.535 -4.803  1.00 61.66 ? 102 VAL A CG2 1 
ATOM   785  N  N   . LYS A 1 103 ? 1.900   -16.455 -3.512  1.00 57.35 ? 103 LYS A N   1 
ATOM   786  C  CA  . LYS A 1 103 ? 2.703   -15.635 -2.624  1.00 58.31 ? 103 LYS A CA  1 
ATOM   787  C  C   . LYS A 1 103 ? 1.874   -14.475 -2.084  1.00 53.35 ? 103 LYS A C   1 
ATOM   788  O  O   . LYS A 1 103 ? 1.027   -13.912 -2.788  1.00 51.04 ? 103 LYS A O   1 
ATOM   789  C  CB  . LYS A 1 103 ? 3.947   -15.125 -3.351  1.00 56.15 ? 103 LYS A CB  1 
ATOM   790  C  CG  . LYS A 1 103 ? 3.698   -14.533 -4.731  1.00 64.42 ? 103 LYS A CG  1 
ATOM   791  C  CD  . LYS A 1 103 ? 4.798   -13.507 -5.056  1.00 64.93 ? 103 LYS A CD  1 
ATOM   792  C  CE  . LYS A 1 103 ? 4.349   -12.441 -6.049  1.00 60.42 ? 103 LYS A CE  1 
ATOM   793  N  NZ  . LYS A 1 103 ? 5.525   -11.907 -6.810  1.00 55.85 ? 103 LYS A NZ  1 
ATOM   794  N  N   . ASN A 1 104 ? 2.103   -14.147 -0.813  1.00 49.22 ? 104 ASN A N   1 
ATOM   795  C  CA  . ASN A 1 104 ? 1.486   -13.030 -0.101  1.00 48.23 ? 104 ASN A CA  1 
ATOM   796  C  C   . ASN A 1 104 ? -0.027  -13.147 0.016   1.00 51.89 ? 104 ASN A C   1 
ATOM   797  O  O   . ASN A 1 104 ? -0.689  -12.161 0.367   1.00 50.04 ? 104 ASN A O   1 
ATOM   798  C  CB  . ASN A 1 104 ? 1.830   -11.694 -0.759  1.00 45.09 ? 104 ASN A CB  1 
ATOM   799  C  CG  . ASN A 1 104 ? 3.312   -11.512 -0.962  1.00 50.72 ? 104 ASN A CG  1 
ATOM   800  O  OD1 . ASN A 1 104 ? 4.117   -11.884 -0.109  1.00 52.27 ? 104 ASN A OD1 1 
ATOM   801  N  ND2 . ASN A 1 104 ? 3.686   -10.937 -2.102  1.00 48.07 ? 104 ASN A ND2 1 
ATOM   802  N  N   . VAL A 1 105 ? -0.597  -14.326 -0.250  1.00 48.72 ? 105 VAL A N   1 
ATOM   803  C  CA  . VAL A 1 105 ? -2.048  -14.438 -0.382  1.00 52.73 ? 105 VAL A CA  1 
ATOM   804  C  C   . VAL A 1 105 ? -2.765  -14.062 0.913   1.00 52.43 ? 105 VAL A C   1 
ATOM   805  O  O   . VAL A 1 105 ? -3.883  -13.528 0.874   1.00 55.94 ? 105 VAL A O   1 
ATOM   806  C  CB  . VAL A 1 105 ? -2.426  -15.855 -0.861  1.00 54.41 ? 105 VAL A CB  1 
ATOM   807  C  CG1 . VAL A 1 105 ? -2.010  -16.911 0.165   1.00 57.37 ? 105 VAL A CG1 1 
ATOM   808  C  CG2 . VAL A 1 105 ? -3.918  -15.936 -1.183  1.00 54.58 ? 105 VAL A CG2 1 
ATOM   809  N  N   . ASP A 1 106 ? -2.135  -14.300 2.069   1.00 49.25 ? 106 ASP A N   1 
ATOM   810  C  CA  . ASP A 1 106 ? -2.766  -13.983 3.351   1.00 50.52 ? 106 ASP A CA  1 
ATOM   811  C  C   . ASP A 1 106 ? -2.856  -12.478 3.574   1.00 52.82 ? 106 ASP A C   1 
ATOM   812  O  O   . ASP A 1 106 ? -3.880  -11.959 4.037   1.00 50.58 ? 106 ASP A O   1 
ATOM   813  C  CB  . ASP A 1 106 ? -1.977  -14.629 4.489   1.00 55.14 ? 106 ASP A CB  1 
ATOM   814  C  CG  . ASP A 1 106 ? -2.297  -16.101 4.662   1.00 64.24 ? 106 ASP A CG  1 
ATOM   815  O  OD1 . ASP A 1 106 ? -3.326  -16.567 4.123   1.00 62.60 ? 106 ASP A OD1 1 
ATOM   816  O  OD2 . ASP A 1 106 ? -1.508  -16.793 5.338   1.00 68.69 ? 106 ASP A OD2 1 
ATOM   817  N  N   . LEU A 1 107 ? -1.764  -11.766 3.298   1.00 48.22 ? 107 LEU A N   1 
ATOM   818  C  CA  . LEU A 1 107 ? -1.758  -10.320 3.462   1.00 46.32 ? 107 LEU A CA  1 
ATOM   819  C  C   . LEU A 1 107 ? -2.708  -9.662  2.471   1.00 47.46 ? 107 LEU A C   1 
ATOM   820  O  O   . LEU A 1 107 ? -3.443  -8.728  2.825   1.00 42.00 ? 107 LEU A O   1 
ATOM   821  C  CB  . LEU A 1 107 ? -0.328  -9.801  3.294   1.00 38.46 ? 107 LEU A CB  1 
ATOM   822  C  CG  . LEU A 1 107 ? 0.058   -8.362  3.631   1.00 43.61 ? 107 LEU A CG  1 
ATOM   823  C  CD1 . LEU A 1 107 ? -0.587  -7.864  4.932   1.00 40.60 ? 107 LEU A CD1 1 
ATOM   824  C  CD2 . LEU A 1 107 ? 1.573   -8.262  3.701   1.00 40.98 ? 107 LEU A CD2 1 
ATOM   825  N  N   . VAL A 1 108 ? -2.716  -10.143 1.224   1.00 44.37 ? 108 VAL A N   1 
ATOM   826  C  CA  . VAL A 1 108 ? -3.597  -9.566  0.211   1.00 45.18 ? 108 VAL A CA  1 
ATOM   827  C  C   . VAL A 1 108 ? -5.059  -9.776  0.589   1.00 46.77 ? 108 VAL A C   1 
ATOM   828  O  O   . VAL A 1 108 ? -5.881  -8.859  0.470   1.00 43.65 ? 108 VAL A O   1 
ATOM   829  C  CB  . VAL A 1 108 ? -3.283  -10.150 -1.179  1.00 47.14 ? 108 VAL A CB  1 
ATOM   830  C  CG1 . VAL A 1 108 ? -4.204  -9.533  -2.217  1.00 42.31 ? 108 VAL A CG1 1 
ATOM   831  C  CG2 . VAL A 1 108 ? -1.828  -9.903  -1.539  1.00 40.09 ? 108 VAL A CG2 1 
ATOM   832  N  N   . ASN A 1 109 ? -5.410  -10.985 1.039   1.00 49.98 ? 109 ASN A N   1 
ATOM   833  C  CA  . ASN A 1 109 ? -6.755  -11.217 1.555   1.00 49.03 ? 109 ASN A CA  1 
ATOM   834  C  C   . ASN A 1 109 ? -7.073  -10.271 2.701   1.00 50.38 ? 109 ASN A C   1 
ATOM   835  O  O   . ASN A 1 109 ? -8.184  -9.728  2.785   1.00 52.05 ? 109 ASN A O   1 
ATOM   836  C  CB  . ASN A 1 109 ? -6.899  -12.660 2.021   1.00 52.29 ? 109 ASN A CB  1 
ATOM   837  C  CG  . ASN A 1 109 ? -8.063  -13.363 1.371   1.00 59.50 ? 109 ASN A CG  1 
ATOM   838  O  OD1 . ASN A 1 109 ? -9.090  -12.747 1.072   1.00 57.65 ? 109 ASN A OD1 1 
ATOM   839  N  ND2 . ASN A 1 109 ? -7.925  -14.669 1.168   1.00 61.67 ? 109 ASN A ND2 1 
ATOM   840  N  N   . GLN A 1 110 ? -6.111  -10.060 3.598   1.00 45.62 ? 110 GLN A N   1 
ATOM   841  C  CA  . GLN A 1 110 ? -6.321  -9.125  4.693   1.00 48.04 ? 110 GLN A CA  1 
ATOM   842  C  C   . GLN A 1 110 ? -6.592  -7.720  4.170   1.00 48.18 ? 110 GLN A C   1 
ATOM   843  O  O   . GLN A 1 110 ? -7.457  -7.008  4.699   1.00 43.73 ? 110 GLN A O   1 
ATOM   844  C  CB  . GLN A 1 110 ? -5.106  -9.129  5.620   1.00 50.86 ? 110 GLN A CB  1 
ATOM   845  C  CG  . GLN A 1 110 ? -5.070  -10.264 6.630   1.00 50.54 ? 110 GLN A CG  1 
ATOM   846  C  CD  . GLN A 1 110 ? -3.955  -10.071 7.649   1.00 63.35 ? 110 GLN A CD  1 
ATOM   847  O  OE1 . GLN A 1 110 ? -4.058  -9.231  8.554   1.00 67.64 ? 110 GLN A OE1 1 
ATOM   848  N  NE2 . GLN A 1 110 ? -2.880  -10.847 7.507   1.00 61.90 ? 110 GLN A NE2 1 
ATOM   849  N  N   . ILE A 1 111 ? -5.862  -7.305  3.127   1.00 43.11 ? 111 ILE A N   1 
ATOM   850  C  CA  . ILE A 1 111 ? -6.036  -5.961  2.579   1.00 44.69 ? 111 ILE A CA  1 
ATOM   851  C  C   . ILE A 1 111 ? -7.413  -5.821  1.955   1.00 42.07 ? 111 ILE A C   1 
ATOM   852  O  O   . ILE A 1 111 ? -8.128  -4.846  2.220   1.00 42.71 ? 111 ILE A O   1 
ATOM   853  C  CB  . ILE A 1 111 ? -4.927  -5.637  1.559   1.00 40.05 ? 111 ILE A CB  1 
ATOM   854  C  CG1 . ILE A 1 111 ? -3.583  -5.484  2.258   1.00 37.95 ? 111 ILE A CG1 1 
ATOM   855  C  CG2 . ILE A 1 111 ? -5.261  -4.366  0.778   1.00 39.27 ? 111 ILE A CG2 1 
ATOM   856  C  CD1 . ILE A 1 111 ? -2.505  -4.911  1.373   1.00 40.41 ? 111 ILE A CD1 1 
ATOM   857  N  N   . ILE A 1 112 ? -7.802  -6.795  1.118   1.00 40.74 ? 112 ILE A N   1 
ATOM   858  C  CA  . ILE A 1 112 ? -9.082  -6.725  0.409   1.00 42.43 ? 112 ILE A CA  1 
ATOM   859  C  C   . ILE A 1 112 ? -10.222 -6.582  1.404   1.00 43.97 ? 112 ILE A C   1 
ATOM   860  O  O   . ILE A 1 112 ? -11.169 -5.808  1.193   1.00 40.73 ? 112 ILE A O   1 
ATOM   861  C  CB  . ILE A 1 112 ? -9.278  -7.971  -0.481  1.00 48.42 ? 112 ILE A CB  1 
ATOM   862  C  CG1 . ILE A 1 112 ? -8.481  -7.868  -1.786  1.00 48.21 ? 112 ILE A CG1 1 
ATOM   863  C  CG2 . ILE A 1 112 ? -10.746 -8.149  -0.826  1.00 43.96 ? 112 ILE A CG2 1 
ATOM   864  C  CD1 . ILE A 1 112 ? -8.790  -6.623  -2.617  1.00 48.48 ? 112 ILE A CD1 1 
ATOM   865  N  N   . GLU A 1 113 ? -10.139 -7.329  2.505   1.00 44.54 ? 113 GLU A N   1 
ATOM   866  C  CA  . GLU A 1 113 ? -11.147 -7.261  3.558   1.00 48.07 ? 113 GLU A CA  1 
ATOM   867  C  C   . GLU A 1 113 ? -11.282 -5.843  4.088   1.00 47.35 ? 113 GLU A C   1 
ATOM   868  O  O   . GLU A 1 113 ? -12.394 -5.326  4.225   1.00 47.36 ? 113 GLU A O   1 
ATOM   869  C  CB  . GLU A 1 113 ? -10.774 -8.223  4.688   1.00 50.38 ? 113 GLU A CB  1 
ATOM   870  C  CG  . GLU A 1 113 ? -11.861 -8.488  5.727   1.00 62.76 ? 113 GLU A CG  1 
ATOM   871  C  CD  . GLU A 1 113 ? -11.371 -9.398  6.848   1.00 68.99 ? 113 GLU A CD  1 
ATOM   872  O  OE1 . GLU A 1 113 ? -10.136 -9.608  6.953   1.00 63.94 ? 113 GLU A OE1 1 
ATOM   873  O  OE2 . GLU A 1 113 ? -12.218 -9.894  7.629   1.00 75.93 ? 113 GLU A OE2 1 
ATOM   874  N  N   . GLN A 1 114 ? -10.150 -5.201  4.406   1.00 42.75 ? 114 GLN A N   1 
ATOM   875  C  CA  . GLN A 1 114 ? -10.188 -3.792  4.773   1.00 42.71 ? 114 GLN A CA  1 
ATOM   876  C  C   . GLN A 1 114 ? -10.772 -2.962  3.642   1.00 43.20 ? 114 GLN A C   1 
ATOM   877  O  O   . GLN A 1 114 ? -11.612 -2.086  3.866   1.00 44.76 ? 114 GLN A O   1 
ATOM   878  C  CB  . GLN A 1 114 ? -8.781  -3.297  5.114   1.00 45.36 ? 114 GLN A CB  1 
ATOM   879  C  CG  . GLN A 1 114 ? -8.366  -3.505  6.565   1.00 50.24 ? 114 GLN A CG  1 
ATOM   880  C  CD  . GLN A 1 114 ? -9.351  -2.876  7.549   1.00 56.52 ? 114 GLN A CD  1 
ATOM   881  O  OE1 . GLN A 1 114 ? -9.513  -1.647  7.596   1.00 52.35 ? 114 GLN A OE1 1 
ATOM   882  N  NE2 . GLN A 1 114 ? -10.019 -3.720  8.335   1.00 55.56 ? 114 GLN A NE2 1 
ATOM   883  N  N   . LEU A 1 115 ? -10.363 -3.255  2.411   1.00 41.70 ? 115 LEU A N   1 
ATOM   884  C  CA  . LEU A 1 115 ? -10.713 -2.411  1.276   1.00 42.51 ? 115 LEU A CA  1 
ATOM   885  C  C   . LEU A 1 115 ? -12.224 -2.316  1.073   1.00 44.49 ? 115 LEU A C   1 
ATOM   886  O  O   . LEU A 1 115 ? -12.763 -1.217  0.893   1.00 45.28 ? 115 LEU A O   1 
ATOM   887  C  CB  . LEU A 1 115 ? -10.032 -2.948  0.020   1.00 43.25 ? 115 LEU A CB  1 
ATOM   888  C  CG  . LEU A 1 115 ? -9.766  -1.959  -1.111  1.00 48.62 ? 115 LEU A CG  1 
ATOM   889  C  CD1 . LEU A 1 115 ? -9.456  -0.618  -0.540  1.00 47.72 ? 115 LEU A CD1 1 
ATOM   890  C  CD2 . LEU A 1 115 ? -8.587  -2.453  -1.940  1.00 44.09 ? 115 LEU A CD2 1 
ATOM   891  N  N   . ILE A 1 116 ? -12.935 -3.449  1.075   1.00 42.17 ? 116 ILE A N   1 
ATOM   892  C  CA  . ILE A 1 116 ? -14.356 -3.367  0.734   1.00 46.50 ? 116 ILE A CA  1 
ATOM   893  C  C   . ILE A 1 116 ? -15.184 -2.738  1.855   1.00 47.47 ? 116 ILE A C   1 
ATOM   894  O  O   . ILE A 1 116 ? -16.328 -2.330  1.620   1.00 54.69 ? 116 ILE A O   1 
ATOM   895  C  CB  . ILE A 1 116 ? -14.925 -4.742  0.330   1.00 45.50 ? 116 ILE A CB  1 
ATOM   896  C  CG1 . ILE A 1 116 ? -14.688 -5.780  1.420   1.00 48.47 ? 116 ILE A CG1 1 
ATOM   897  C  CG2 . ILE A 1 116 ? -14.311 -5.211  -0.980  1.00 49.20 ? 116 ILE A CG2 1 
ATOM   898  C  CD1 . ILE A 1 116 ? -14.771 -7.194  0.899   1.00 46.82 ? 116 ILE A CD1 1 
ATOM   899  N  N   . LYS A 1 117 ? -14.638 -2.625  3.065   1.00 44.54 ? 117 LYS A N   1 
ATOM   900  C  CA  . LYS A 1 117 ? -15.298 -1.836  4.100   1.00 47.38 ? 117 LYS A CA  1 
ATOM   901  C  C   . LYS A 1 117 ? -15.326 -0.351  3.763   1.00 50.71 ? 117 LYS A C   1 
ATOM   902  O  O   . LYS A 1 117 ? -16.112 0.392   4.356   1.00 50.65 ? 117 LYS A O   1 
ATOM   903  C  CB  . LYS A 1 117 ? -14.593 -2.019  5.441   1.00 48.49 ? 117 LYS A CB  1 
ATOM   904  C  CG  . LYS A 1 117 ? -14.941 -3.298  6.192   1.00 54.19 ? 117 LYS A CG  1 
ATOM   905  C  CD  . LYS A 1 117 ? -14.563 -3.170  7.675   1.00 52.27 ? 117 LYS A CD  1 
ATOM   906  C  CE  . LYS A 1 117 ? -13.218 -3.811  7.973   1.00 53.13 ? 117 LYS A CE  1 
ATOM   907  N  NZ  . LYS A 1 117 ? -13.333 -5.288  8.208   1.00 58.48 ? 117 LYS A NZ  1 
ATOM   908  N  N   . LYS A 1 118 ? -14.478 0.106   2.848   1.00 45.86 ? 118 LYS A N   1 
ATOM   909  C  CA  . LYS A 1 118 ? -14.395 1.533   2.598   1.00 45.49 ? 118 LYS A CA  1 
ATOM   910  C  C   . LYS A 1 118 ? -15.557 1.994   1.721   1.00 45.87 ? 118 LYS A C   1 
ATOM   911  O  O   . LYS A 1 118 ? -16.216 1.192   1.052   1.00 46.56 ? 118 LYS A O   1 
ATOM   912  C  CB  . LYS A 1 118 ? -13.061 1.873   1.940   1.00 39.96 ? 118 LYS A CB  1 
ATOM   913  C  CG  . LYS A 1 118 ? -11.847 1.498   2.776   1.00 39.91 ? 118 LYS A CG  1 
ATOM   914  C  CD  . LYS A 1 118 ? -11.821 2.289   4.082   1.00 39.60 ? 118 LYS A CD  1 
ATOM   915  C  CE  . LYS A 1 118 ? -10.408 2.434   4.601   1.00 39.44 ? 118 LYS A CE  1 
ATOM   916  N  NZ  . LYS A 1 118 ? -10.325 3.331   5.813   1.00 38.00 ? 118 LYS A NZ  1 
ATOM   917  N  N   . GLU A 1 119 ? -15.810 3.309   1.735   1.00 37.07 ? 119 GLU A N   1 
ATOM   918  C  CA  . GLU A 1 119 ? -16.805 3.870   0.822   1.00 40.76 ? 119 GLU A CA  1 
ATOM   919  C  C   . GLU A 1 119 ? -16.194 4.146   -0.547  1.00 43.27 ? 119 GLU A C   1 
ATOM   920  O  O   . GLU A 1 119 ? -16.741 3.733   -1.575  1.00 44.41 ? 119 GLU A O   1 
ATOM   921  C  CB  . GLU A 1 119 ? -17.417 5.160   1.386   1.00 40.74 ? 119 GLU A CB  1 
ATOM   922  C  CG  . GLU A 1 119 ? -18.278 5.908   0.347   1.00 48.93 ? 119 GLU A CG  1 
ATOM   923  C  CD  . GLU A 1 119 ? -18.769 7.278   0.810   1.00 50.53 ? 119 GLU A CD  1 
ATOM   924  O  OE1 . GLU A 1 119 ? -18.275 7.759   1.849   1.00 48.20 ? 119 GLU A OE1 1 
ATOM   925  O  OE2 . GLU A 1 119 ? -19.648 7.868   0.132   1.00 50.92 ? 119 GLU A OE2 1 
ATOM   926  N  N   . LYS A 1 120 ? -15.080 4.875   -0.579  1.00 40.20 ? 120 LYS A N   1 
ATOM   927  C  CA  . LYS A 1 120 ? -14.366 5.141   -1.819  1.00 43.49 ? 120 LYS A CA  1 
ATOM   928  C  C   . LYS A 1 120 ? -12.876 5.092   -1.547  1.00 38.80 ? 120 LYS A C   1 
ATOM   929  O  O   . LYS A 1 120 ? -12.402 5.649   -0.552  1.00 37.21 ? 120 LYS A O   1 
ATOM   930  C  CB  . LYS A 1 120 ? -14.680 6.514   -2.430  1.00 39.95 ? 120 LYS A CB  1 
ATOM   931  C  CG  . LYS A 1 120 ? -16.072 7.074   -2.252  1.00 38.82 ? 120 LYS A CG  1 
ATOM   932  C  CD  . LYS A 1 120 ? -16.036 8.514   -2.733  1.00 38.32 ? 120 LYS A CD  1 
ATOM   933  C  CE  . LYS A 1 120 ? -17.401 9.142   -2.862  1.00 43.51 ? 120 LYS A CE  1 
ATOM   934  N  NZ  . LYS A 1 120 ? -17.198 10.584  -3.201  1.00 45.84 ? 120 LYS A NZ  1 
ATOM   935  N  N   . VAL A 1 121 ? -12.138 4.457   -2.449  1.00 36.54 ? 121 VAL A N   1 
ATOM   936  C  CA  . VAL A 1 121 ? -10.687 4.364   -2.345  1.00 39.25 ? 121 VAL A CA  1 
ATOM   937  C  C   . VAL A 1 121 ? -10.071 4.771   -3.673  1.00 37.25 ? 121 VAL A C   1 
ATOM   938  O  O   . VAL A 1 121 ? -10.455 4.247   -4.723  1.00 39.88 ? 121 VAL A O   1 
ATOM   939  C  CB  . VAL A 1 121 ? -10.231 2.943   -1.972  1.00 39.49 ? 121 VAL A CB  1 
ATOM   940  C  CG1 . VAL A 1 121 ? -8.690  2.857   -1.987  1.00 36.35 ? 121 VAL A CG1 1 
ATOM   941  C  CG2 . VAL A 1 121 ? -10.812 2.553   -0.628  1.00 40.92 ? 121 VAL A CG2 1 
ATOM   942  N  N   . TYR A 1 122 ? -9.107  5.689   -3.622  1.00 36.46 ? 122 TYR A N   1 
ATOM   943  C  CA  . TYR A 1 122 ? -8.269  6.019   -4.768  1.00 36.35 ? 122 TYR A CA  1 
ATOM   944  C  C   . TYR A 1 122 ? -6.853  5.529   -4.495  1.00 35.88 ? 122 TYR A C   1 
ATOM   945  O  O   . TYR A 1 122 ? -6.221  5.951   -3.522  1.00 31.58 ? 122 TYR A O   1 
ATOM   946  C  CB  . TYR A 1 122 ? -8.262  7.518   -5.046  1.00 37.21 ? 122 TYR A CB  1 
ATOM   947  C  CG  . TYR A 1 122 ? -7.213  7.939   -6.051  1.00 35.17 ? 122 TYR A CG  1 
ATOM   948  C  CD1 . TYR A 1 122 ? -7.440  7.809   -7.415  1.00 34.06 ? 122 TYR A CD1 1 
ATOM   949  C  CD2 . TYR A 1 122 ? -5.987  8.459   -5.630  1.00 36.91 ? 122 TYR A CD2 1 
ATOM   950  C  CE1 . TYR A 1 122 ? -6.489  8.211   -8.344  1.00 33.46 ? 122 TYR A CE1 1 
ATOM   951  C  CE2 . TYR A 1 122 ? -5.019  8.855   -6.550  1.00 37.15 ? 122 TYR A CE2 1 
ATOM   952  C  CZ  . TYR A 1 122 ? -5.276  8.731   -7.906  1.00 39.24 ? 122 TYR A CZ  1 
ATOM   953  O  OH  . TYR A 1 122 ? -4.317  9.125   -8.826  1.00 40.23 ? 122 TYR A OH  1 
ATOM   954  N  N   . LEU A 1 123 ? -6.350  4.660   -5.366  1.00 35.47 ? 123 LEU A N   1 
ATOM   955  C  CA  . LEU A 1 123 ? -5.053  4.028   -5.164  1.00 36.80 ? 123 LEU A CA  1 
ATOM   956  C  C   . LEU A 1 123 ? -4.279  4.119   -6.468  1.00 40.65 ? 123 LEU A C   1 
ATOM   957  O  O   . LEU A 1 123 ? -4.725  3.595   -7.494  1.00 41.46 ? 123 LEU A O   1 
ATOM   958  C  CB  . LEU A 1 123 ? -5.233  2.577   -4.720  1.00 36.74 ? 123 LEU A CB  1 
ATOM   959  C  CG  . LEU A 1 123 ? -3.986  1.693   -4.691  1.00 40.51 ? 123 LEU A CG  1 
ATOM   960  C  CD1 . LEU A 1 123 ? -3.028  2.136   -3.587  1.00 36.98 ? 123 LEU A CD1 1 
ATOM   961  C  CD2 . LEU A 1 123 ? -4.409  0.225   -4.518  1.00 38.61 ? 123 LEU A CD2 1 
ATOM   962  N  N   . ALA A 1 124 ? -3.138  4.808   -6.440  1.00 35.96 ? 124 ALA A N   1 
ATOM   963  C  CA  . ALA A 1 124 ? -2.410  5.082   -7.666  1.00 36.61 ? 124 ALA A CA  1 
ATOM   964  C  C   . ALA A 1 124 ? -0.919  4.883   -7.444  1.00 37.05 ? 124 ALA A C   1 
ATOM   965  O  O   . ALA A 1 124 ? -0.415  5.003   -6.324  1.00 37.96 ? 124 ALA A O   1 
ATOM   966  C  CB  . ALA A 1 124 ? -2.685  6.501   -8.160  1.00 36.96 ? 124 ALA A CB  1 
ATOM   967  N  N   . TRP A 1 125 ? -0.216  4.605   -8.539  1.00 33.71 ? 125 TRP A N   1 
ATOM   968  C  CA  . TRP A 1 125 ? 1.217   4.341   -8.529  1.00 36.73 ? 125 TRP A CA  1 
ATOM   969  C  C   . TRP A 1 125 ? 1.976   5.568   -9.007  1.00 38.34 ? 125 TRP A C   1 
ATOM   970  O  O   . TRP A 1 125 ? 1.531   6.255   -9.936  1.00 39.99 ? 125 TRP A O   1 
ATOM   971  C  CB  . TRP A 1 125 ? 1.555   3.143   -9.431  1.00 37.74 ? 125 TRP A CB  1 
ATOM   972  C  CG  . TRP A 1 125 ? 3.053   2.943   -9.695  1.00 37.58 ? 125 TRP A CG  1 
ATOM   973  C  CD1 . TRP A 1 125 ? 3.947   2.328   -8.876  1.00 35.35 ? 125 TRP A CD1 1 
ATOM   974  C  CD2 . TRP A 1 125 ? 3.798   3.360   -10.856 1.00 40.79 ? 125 TRP A CD2 1 
ATOM   975  N  NE1 . TRP A 1 125 ? 5.202   2.341   -9.445  1.00 37.49 ? 125 TRP A NE1 1 
ATOM   976  C  CE2 . TRP A 1 125 ? 5.136   2.966   -10.659 1.00 41.05 ? 125 TRP A CE2 1 
ATOM   977  C  CE3 . TRP A 1 125 ? 3.464   4.040   -12.037 1.00 43.49 ? 125 TRP A CE3 1 
ATOM   978  C  CZ2 . TRP A 1 125 ? 6.142   3.219   -11.600 1.00 41.86 ? 125 TRP A CZ2 1 
ATOM   979  C  CZ3 . TRP A 1 125 ? 4.467   4.292   -12.970 1.00 40.99 ? 125 TRP A CZ3 1 
ATOM   980  C  CH2 . TRP A 1 125 ? 5.786   3.882   -12.742 1.00 43.88 ? 125 TRP A CH2 1 
ATOM   981  N  N   . VAL A 1 126 ? 3.117   5.842   -8.371  1.00 35.12 ? 126 VAL A N   1 
ATOM   982  C  CA  . VAL A 1 126 ? 4.100   6.803   -8.882  1.00 33.59 ? 126 VAL A CA  1 
ATOM   983  C  C   . VAL A 1 126 ? 5.484   6.166   -8.820  1.00 38.63 ? 126 VAL A C   1 
ATOM   984  O  O   . VAL A 1 126 ? 5.780   5.417   -7.880  1.00 34.33 ? 126 VAL A O   1 
ATOM   985  C  CB  . VAL A 1 126 ? 4.094   8.125   -8.092  1.00 39.69 ? 126 VAL A CB  1 
ATOM   986  C  CG1 . VAL A 1 126 ? 2.758   8.841   -8.254  1.00 39.68 ? 126 VAL A CG1 1 
ATOM   987  C  CG2 . VAL A 1 126 ? 4.434   7.892   -6.607  1.00 35.10 ? 126 VAL A CG2 1 
ATOM   988  N  N   . PRO A 1 127 ? 6.361   6.425   -9.780  1.00 37.87 ? 127 PRO A N   1 
ATOM   989  C  CA  . PRO A 1 127 ? 7.738   5.950   -9.632  1.00 40.59 ? 127 PRO A CA  1 
ATOM   990  C  C   . PRO A 1 127 ? 8.387   6.605   -8.423  1.00 39.24 ? 127 PRO A C   1 
ATOM   991  O  O   . PRO A 1 127 ? 8.053   7.732   -8.035  1.00 37.06 ? 127 PRO A O   1 
ATOM   992  C  CB  . PRO A 1 127 ? 8.414   6.375   -10.946 1.00 35.90 ? 127 PRO A CB  1 
ATOM   993  C  CG  . PRO A 1 127 ? 7.619   7.533   -11.417 1.00 43.77 ? 127 PRO A CG  1 
ATOM   994  C  CD  . PRO A 1 127 ? 6.182   7.248   -10.987 1.00 36.67 ? 127 PRO A CD  1 
ATOM   995  N  N   . ALA A 1 128 ? 9.285   5.865   -7.792  1.00 39.54 ? 128 ALA A N   1 
ATOM   996  C  CA  . ALA A 1 128 ? 10.105  6.472   -6.759  1.00 41.98 ? 128 ALA A CA  1 
ATOM   997  C  C   . ALA A 1 128 ? 10.838  7.652   -7.373  1.00 38.24 ? 128 ALA A C   1 
ATOM   998  O  O   . ALA A 1 128 ? 11.289  7.597   -8.519  1.00 39.84 ? 128 ALA A O   1 
ATOM   999  C  CB  . ALA A 1 128 ? 11.090  5.452   -6.182  1.00 43.41 ? 128 ALA A CB  1 
ATOM   1000 N  N   . HIS A 1 129 ? 10.901  8.748   -6.634  1.00 41.30 ? 129 HIS A N   1 
ATOM   1001 C  CA  . HIS A 1 129 ? 11.552  9.937   -7.154  1.00 44.59 ? 129 HIS A CA  1 
ATOM   1002 C  C   . HIS A 1 129 ? 12.145  10.694  -5.981  1.00 43.73 ? 129 HIS A C   1 
ATOM   1003 O  O   . HIS A 1 129 ? 11.769  10.475  -4.827  1.00 45.53 ? 129 HIS A O   1 
ATOM   1004 C  CB  . HIS A 1 129 ? 10.564  10.820  -7.917  1.00 40.71 ? 129 HIS A CB  1 
ATOM   1005 C  CG  . HIS A 1 129 ? 9.273   11.004  -7.187  1.00 40.33 ? 129 HIS A CG  1 
ATOM   1006 N  ND1 . HIS A 1 129 ? 8.340   9.997   -7.080  1.00 38.14 ? 129 HIS A ND1 1 
ATOM   1007 C  CD2 . HIS A 1 129 ? 8.782   12.052  -6.485  1.00 38.46 ? 129 HIS A CD2 1 
ATOM   1008 C  CE1 . HIS A 1 129 ? 7.315   10.426  -6.367  1.00 40.39 ? 129 HIS A CE1 1 
ATOM   1009 N  NE2 . HIS A 1 129 ? 7.555   11.672  -6.000  1.00 35.11 ? 129 HIS A NE2 1 
ATOM   1010 N  N   . LYS A 1 130 ? 13.087  11.580  -6.288  1.00 48.90 ? 130 LYS A N   1 
ATOM   1011 C  CA  . LYS A 1 130 ? 13.689  12.406  -5.257  1.00 53.83 ? 130 LYS A CA  1 
ATOM   1012 C  C   . LYS A 1 130 ? 12.921  13.715  -5.139  1.00 54.24 ? 130 LYS A C   1 
ATOM   1013 O  O   . LYS A 1 130 ? 12.121  14.089  -6.002  1.00 51.20 ? 130 LYS A O   1 
ATOM   1014 C  CB  . LYS A 1 130 ? 15.175  12.666  -5.543  1.00 61.54 ? 130 LYS A CB  1 
ATOM   1015 C  CG  . LYS A 1 130 ? 16.102  12.404  -4.335  1.00 62.56 ? 130 LYS A CG  1 
ATOM   1016 C  CD  . LYS A 1 130 ? 15.819  11.025  -3.726  1.00 62.16 ? 130 LYS A CD  1 
ATOM   1017 C  CE  . LYS A 1 130 ? 16.127  9.896   -4.714  1.00 61.91 ? 130 LYS A CE  1 
ATOM   1018 N  NZ  . LYS A 1 130 ? 15.613  8.583   -4.230  1.00 60.24 ? 130 LYS A NZ  1 
ATOM   1019 N  N   . GLY A 1 131 ? 13.161  14.405  -4.047  1.00 54.61 ? 131 GLY A N   1 
ATOM   1020 C  CA  . GLY A 1 131 ? 12.449  15.627  -3.787  1.00 49.24 ? 131 GLY A CA  1 
ATOM   1021 C  C   . GLY A 1 131 ? 11.947  15.626  -2.369  1.00 52.85 ? 131 GLY A C   1 
ATOM   1022 O  O   . GLY A 1 131 ? 12.467  14.908  -1.504  1.00 54.16 ? 131 GLY A O   1 
ATOM   1023 N  N   . ILE A 1 132 ? 10.908  16.425  -2.142  1.00 52.65 ? 132 ILE A N   1 
ATOM   1024 C  CA  . ILE A 1 132 ? 10.416  16.713  -0.805  1.00 51.29 ? 132 ILE A CA  1 
ATOM   1025 C  C   . ILE A 1 132 ? 8.956   16.346  -0.628  1.00 51.72 ? 132 ILE A C   1 
ATOM   1026 O  O   . ILE A 1 132 ? 8.388   16.618  0.435   1.00 54.31 ? 132 ILE A O   1 
ATOM   1027 C  CB  . ILE A 1 132 ? 10.646  18.194  -0.429  1.00 52.93 ? 132 ILE A CB  1 
ATOM   1028 C  CG1 . ILE A 1 132 ? 10.283  19.146  -1.586  1.00 51.60 ? 132 ILE A CG1 1 
ATOM   1029 C  CG2 . ILE A 1 132 ? 12.093  18.409  0.020   1.00 54.53 ? 132 ILE A CG2 1 
ATOM   1030 C  CD1 . ILE A 1 132 ? 8.814   19.131  -2.035  1.00 62.45 ? 132 ILE A CD1 1 
ATOM   1031 N  N   . GLY A 1 133 ? 8.323   15.766  -1.643  1.00 49.03 ? 133 GLY A N   1 
ATOM   1032 C  CA  . GLY A 1 133 ? 6.936   15.378  -1.530  1.00 45.03 ? 133 GLY A CA  1 
ATOM   1033 C  C   . GLY A 1 133 ? 6.746   14.214  -0.566  1.00 47.84 ? 133 GLY A C   1 
ATOM   1034 O  O   . GLY A 1 133 ? 7.652   13.773  0.151   1.00 39.91 ? 133 GLY A O   1 
ATOM   1035 N  N   . GLY A 1 134 ? 5.507   13.705  -0.577  1.00 45.19 ? 134 GLY A N   1 
ATOM   1036 C  CA  . GLY A 1 134 ? 5.125   12.670  0.372   1.00 39.69 ? 134 GLY A CA  1 
ATOM   1037 C  C   . GLY A 1 134 ? 5.881   11.366  0.167   1.00 41.87 ? 134 GLY A C   1 
ATOM   1038 O  O   . GLY A 1 134 ? 6.408   10.789  1.121   1.00 39.87 ? 134 GLY A O   1 
ATOM   1039 N  N   . ASN A 1 135 ? 5.930   10.870  -1.079  1.00 36.71 ? 135 ASN A N   1 
ATOM   1040 C  CA  . ASN A 1 135 ? 6.610   9.597   -1.313  1.00 38.92 ? 135 ASN A CA  1 
ATOM   1041 C  C   . ASN A 1 135 ? 8.068   9.654   -0.860  1.00 37.71 ? 135 ASN A C   1 
ATOM   1042 O  O   . ASN A 1 135 ? 8.605   8.671   -0.336  1.00 37.13 ? 135 ASN A O   1 
ATOM   1043 C  CB  . ASN A 1 135 ? 6.546   9.201   -2.791  1.00 39.35 ? 135 ASN A CB  1 
ATOM   1044 C  CG  . ASN A 1 135 ? 7.344   7.924   -3.073  1.00 35.41 ? 135 ASN A CG  1 
ATOM   1045 O  OD1 . ASN A 1 135 ? 8.426   7.966   -3.640  1.00 33.63 ? 135 ASN A OD1 1 
ATOM   1046 N  ND2 . ASN A 1 135 ? 6.805   6.792   -2.651  1.00 32.72 ? 135 ASN A ND2 1 
ATOM   1047 N  N   . GLU A 1 136 ? 8.722   10.799  -1.048  1.00 34.52 ? 136 GLU A N   1 
ATOM   1048 C  CA  . GLU A 1 136 ? 10.113  10.923  -0.633  1.00 41.81 ? 136 GLU A CA  1 
ATOM   1049 C  C   . GLU A 1 136 ? 10.247  10.895  0.888   1.00 43.43 ? 136 GLU A C   1 
ATOM   1050 O  O   . GLU A 1 136 ? 11.206  10.314  1.414   1.00 41.25 ? 136 GLU A O   1 
ATOM   1051 C  CB  . GLU A 1 136 ? 10.700  12.202  -1.238  1.00 45.75 ? 136 GLU A CB  1 
ATOM   1052 C  CG  . GLU A 1 136 ? 10.406  12.296  -2.747  1.00 45.66 ? 136 GLU A CG  1 
ATOM   1053 C  CD  . GLU A 1 136 ? 9.323   13.314  -3.120  1.00 44.98 ? 136 GLU A CD  1 
ATOM   1054 O  OE1 . GLU A 1 136 ? 8.135   12.957  -2.979  1.00 35.24 ? 136 GLU A OE1 1 
ATOM   1055 O  OE2 . GLU A 1 136 ? 9.655   14.418  -3.631  1.00 41.95 ? 136 GLU A OE2 1 
ATOM   1056 N  N   . GLN A 1 137 ? 9.273   11.458  1.612   1.00 40.24 ? 137 GLN A N   1 
ATOM   1057 C  CA  . GLN A 1 137 ? 9.373   11.504  3.069   1.00 42.53 ? 137 GLN A CA  1 
ATOM   1058 C  C   . GLN A 1 137 ? 9.246   10.105  3.674   1.00 40.11 ? 137 GLN A C   1 
ATOM   1059 O  O   . GLN A 1 137 ? 10.072  9.699   4.500   1.00 37.75 ? 137 GLN A O   1 
ATOM   1060 C  CB  . GLN A 1 137 ? 8.313   12.455  3.638   1.00 42.50 ? 137 GLN A CB  1 
ATOM   1061 C  CG  . GLN A 1 137 ? 8.584   13.946  3.355   1.00 47.95 ? 137 GLN A CG  1 
ATOM   1062 C  CD  . GLN A 1 137 ? 7.337   14.823  3.513   1.00 54.95 ? 137 GLN A CD  1 
ATOM   1063 O  OE1 . GLN A 1 137 ? 6.524   14.624  4.425   1.00 54.07 ? 137 GLN A OE1 1 
ATOM   1064 N  NE2 . GLN A 1 137 ? 7.190   15.800  2.621   1.00 51.91 ? 137 GLN A NE2 1 
ATOM   1065 N  N   . VAL A 1 138 ? 8.227   9.345   3.252   1.00 37.44 ? 138 VAL A N   1 
ATOM   1066 C  CA  . VAL A 1 138 ? 7.998   8.007   3.793   1.00 34.48 ? 138 VAL A CA  1 
ATOM   1067 C  C   . VAL A 1 138 ? 9.089   7.040   3.330   1.00 39.20 ? 138 VAL A C   1 
ATOM   1068 O  O   . VAL A 1 138 ? 9.484   6.130   4.073   1.00 39.04 ? 138 VAL A O   1 
ATOM   1069 C  CB  . VAL A 1 138 ? 6.586   7.523   3.400   1.00 39.03 ? 138 VAL A CB  1 
ATOM   1070 C  CG1 . VAL A 1 138 ? 6.449   7.333   1.865   1.00 35.36 ? 138 VAL A CG1 1 
ATOM   1071 C  CG2 . VAL A 1 138 ? 6.206   6.255   4.158   1.00 33.06 ? 138 VAL A CG2 1 
ATOM   1072 N  N   . ASP A 1 139 ? 9.594   7.218   2.113   1.00 34.40 ? 139 ASP A N   1 
ATOM   1073 C  CA  . ASP A 1 139 ? 10.721  6.418   1.649   1.00 40.47 ? 139 ASP A CA  1 
ATOM   1074 C  C   . ASP A 1 139 ? 11.892  6.512   2.611   1.00 38.68 ? 139 ASP A C   1 
ATOM   1075 O  O   . ASP A 1 139 ? 12.452  5.494   3.024   1.00 37.72 ? 139 ASP A O   1 
ATOM   1076 C  CB  . ASP A 1 139 ? 11.148  6.874   0.262   1.00 39.42 ? 139 ASP A CB  1 
ATOM   1077 C  CG  . ASP A 1 139 ? 11.982  5.849   -0.436  1.00 44.82 ? 139 ASP A CG  1 
ATOM   1078 O  OD1 . ASP A 1 139 ? 13.156  5.691   -0.075  1.00 40.12 ? 139 ASP A OD1 1 
ATOM   1079 O  OD2 . ASP A 1 139 ? 11.456  5.200   -1.358  1.00 52.75 ? 139 ASP A OD2 1 
ATOM   1080 N  N   . LYS A 1 140 ? 12.257  7.737   2.999   1.00 39.98 ? 140 LYS A N   1 
ATOM   1081 C  CA  . LYS A 1 140 ? 13.316  7.942   3.987   1.00 39.50 ? 140 LYS A CA  1 
ATOM   1082 C  C   . LYS A 1 140 ? 13.024  7.197   5.291   1.00 42.93 ? 140 LYS A C   1 
ATOM   1083 O  O   . LYS A 1 140 ? 13.906  6.541   5.858   1.00 40.06 ? 140 LYS A O   1 
ATOM   1084 C  CB  . LYS A 1 140 ? 13.467  9.437   4.261   1.00 44.27 ? 140 LYS A CB  1 
ATOM   1085 C  CG  . LYS A 1 140 ? 14.875  9.917   4.512   1.00 48.50 ? 140 LYS A CG  1 
ATOM   1086 C  CD  . LYS A 1 140 ? 14.886  11.429  4.606   1.00 47.85 ? 140 LYS A CD  1 
ATOM   1087 C  CE  . LYS A 1 140 ? 15.224  12.059  3.253   1.00 55.40 ? 140 LYS A CE  1 
ATOM   1088 N  NZ  . LYS A 1 140 ? 14.419  13.298  2.995   1.00 60.14 ? 140 LYS A NZ  1 
ATOM   1089 N  N   . LEU A 1 141 ? 11.792  7.313   5.795   1.00 40.30 ? 141 LEU A N   1 
ATOM   1090 C  CA  . LEU A 1 141 ? 11.439  6.704   7.079   1.00 41.42 ? 141 LEU A CA  1 
ATOM   1091 C  C   . LEU A 1 141 ? 11.535  5.184   7.029   1.00 40.39 ? 141 LEU A C   1 
ATOM   1092 O  O   . LEU A 1 141 ? 12.030  4.547   7.966   1.00 42.83 ? 141 LEU A O   1 
ATOM   1093 C  CB  . LEU A 1 141 ? 10.025  7.117   7.481   1.00 40.41 ? 141 LEU A CB  1 
ATOM   1094 C  CG  . LEU A 1 141 ? 9.822   8.575   7.872   1.00 45.03 ? 141 LEU A CG  1 
ATOM   1095 C  CD1 . LEU A 1 141 ? 8.368   8.792   8.253   1.00 42.72 ? 141 LEU A CD1 1 
ATOM   1096 C  CD2 . LEU A 1 141 ? 10.741  8.924   9.031   1.00 46.39 ? 141 LEU A CD2 1 
ATOM   1097 N  N   . VAL A 1 142 ? 11.008  4.574   5.971   1.00 40.45 ? 142 VAL A N   1 
ATOM   1098 C  CA  . VAL A 1 142 ? 11.041  3.121   5.924   1.00 40.54 ? 142 VAL A CA  1 
ATOM   1099 C  C   . VAL A 1 142 ? 12.420  2.612   5.564   1.00 38.28 ? 142 VAL A C   1 
ATOM   1100 O  O   . VAL A 1 142 ? 12.732  1.459   5.877   1.00 36.24 ? 142 VAL A O   1 
ATOM   1101 C  CB  . VAL A 1 142 ? 10.006  2.537   4.949   1.00 35.98 ? 142 VAL A CB  1 
ATOM   1102 C  CG1 . VAL A 1 142 ? 8.627   2.850   5.441   1.00 35.50 ? 142 VAL A CG1 1 
ATOM   1103 C  CG2 . VAL A 1 142 ? 10.226  3.057   3.549   1.00 38.44 ? 142 VAL A CG2 1 
ATOM   1104 N  N   . SER A 1 143 ? 13.259  3.454   4.941   1.00 41.37 ? 143 SER A N   1 
ATOM   1105 C  CA  . SER A 1 143 ? 14.605  3.056   4.544   1.00 40.44 ? 143 SER A CA  1 
ATOM   1106 C  C   . SER A 1 143 ? 15.620  3.123   5.677   1.00 40.27 ? 143 SER A C   1 
ATOM   1107 O  O   . SER A 1 143 ? 16.655  2.445   5.599   1.00 37.55 ? 143 SER A O   1 
ATOM   1108 C  CB  . SER A 1 143 ? 15.116  3.938   3.398   1.00 44.15 ? 143 SER A CB  1 
ATOM   1109 O  OG  . SER A 1 143 ? 14.583  3.541   2.150   1.00 43.02 ? 143 SER A OG  1 
ATOM   1110 N  N   . ALA A 1 144 ? 15.376  3.942   6.700   1.00 34.61 ? 144 ALA A N   1 
ATOM   1111 C  CA  . ALA A 1 144 ? 16.382  4.145   7.742   1.00 41.73 ? 144 ALA A CA  1 
ATOM   1112 C  C   . ALA A 1 144 ? 16.725  2.819   8.420   1.00 34.92 ? 144 ALA A C   1 
ATOM   1113 O  O   . ALA A 1 144 ? 15.840  2.125   8.931   1.00 34.83 ? 144 ALA A O   1 
ATOM   1114 C  CB  . ALA A 1 144 ? 15.889  5.170   8.772   1.00 41.05 ? 144 ALA A CB  1 
ATOM   1115 N  N   . GLY A 1 145 ? 18.009  2.457   8.400   1.00 34.00 ? 145 GLY A N   1 
ATOM   1116 C  CA  . GLY A 1 145 ? 18.461  1.234   9.035   1.00 34.08 ? 145 GLY A CA  1 
ATOM   1117 C  C   . GLY A 1 145 ? 18.091  -0.028  8.300   1.00 41.03 ? 145 GLY A C   1 
ATOM   1118 O  O   . GLY A 1 145 ? 18.455  -1.125  8.753   1.00 37.10 ? 145 GLY A O   1 
ATOM   1119 N  N   . ILE A 1 146 ? 17.366  0.087   7.191   1.00 35.90 ? 146 ILE A N   1 
ATOM   1120 C  CA  . ILE A 1 146 ? 17.033  -1.054  6.366   1.00 36.78 ? 146 ILE A CA  1 
ATOM   1121 C  C   . ILE A 1 146 ? 17.856  -1.066  5.089   1.00 41.50 ? 146 ILE A C   1 
ATOM   1122 O  O   . ILE A 1 146 ? 18.381  -2.110  4.704   1.00 39.54 ? 146 ILE A O   1 
ATOM   1123 C  CB  . ILE A 1 146 ? 15.524  -1.090  6.053   1.00 38.82 ? 146 ILE A CB  1 
ATOM   1124 C  CG1 . ILE A 1 146 ? 14.703  -1.099  7.343   1.00 35.84 ? 146 ILE A CG1 1 
ATOM   1125 C  CG2 . ILE A 1 146 ? 15.203  -2.307  5.219   1.00 39.98 ? 146 ILE A CG2 1 
ATOM   1126 C  CD1 . ILE A 1 146 ? 15.047  -2.230  8.285   1.00 35.39 ? 146 ILE A CD1 1 
ATOM   1127 N  N   . ARG A 1 147 ? 17.983  0.093   4.445   1.00 43.90 ? 147 ARG A N   1 
ATOM   1128 C  CA  . ARG A 1 147 ? 18.848  0.224   3.280   1.00 48.02 ? 147 ARG A CA  1 
ATOM   1129 C  C   . ARG A 1 147 ? 19.239  1.680   3.067   1.00 45.83 ? 147 ARG A C   1 
ATOM   1130 O  O   . ARG A 1 147 ? 18.478  2.592   3.381   1.00 46.23 ? 147 ARG A O   1 
ATOM   1131 C  CB  . ARG A 1 147 ? 18.177  -0.333  2.036   1.00 47.83 ? 147 ARG A CB  1 
ATOM   1132 C  CG  . ARG A 1 147 ? 19.054  -0.373  0.774   1.00 58.82 ? 147 ARG A CG  1 
ATOM   1133 C  CD  . ARG A 1 147 ? 20.543  -0.691  1.045   1.00 53.61 ? 147 ARG A CD  1 
ATOM   1134 N  NE  . ARG A 1 147 ? 20.710  -1.816  1.955   1.00 59.62 ? 147 ARG A NE  1 
ATOM   1135 C  CZ  . ARG A 1 147 ? 21.420  -1.769  3.073   1.00 52.86 ? 147 ARG A CZ  1 
ATOM   1136 N  NH1 . ARG A 1 147 ? 22.145  -0.704  3.387   1.00 56.46 ? 147 ARG A NH1 1 
ATOM   1137 N  NH2 . ARG A 1 147 ? 21.394  -2.810  3.897   1.00 47.68 ? 147 ARG A NH2 1 
ATOM   1138 N  N   . LYS A 1 148 ? 20.449  1.880   2.556   1.00 50.75 ? 148 LYS A N   1 
ATOM   1139 C  CA  . LYS A 1 148 ? 20.937  3.221   2.293   1.00 54.61 ? 148 LYS A CA  1 
ATOM   1140 C  C   . LYS A 1 148 ? 20.477  3.696   0.917   1.00 55.59 ? 148 LYS A C   1 
ATOM   1141 O  O   . LYS A 1 148 ? 20.237  2.900   -0.004  1.00 49.17 ? 148 LYS A O   1 
ATOM   1142 C  CB  . LYS A 1 148 ? 22.466  3.281   2.423   1.00 54.89 ? 148 LYS A CB  1 
ATOM   1143 C  CG  . LYS A 1 148 ? 23.242  2.544   1.369   1.00 51.84 ? 148 LYS A CG  1 
ATOM   1144 C  CD  . LYS A 1 148 ? 24.663  3.106   1.270   1.00 55.73 ? 148 LYS A CD  1 
ATOM   1145 C  CE  . LYS A 1 148 ? 24.667  4.633   1.318   1.00 59.37 ? 148 LYS A CE  1 
ATOM   1146 N  NZ  . LYS A 1 148 ? 26.019  5.168   1.651   1.00 60.45 ? 148 LYS A NZ  1 
ATOM   1147 N  N   . VAL A 1 149 ? 20.342  5.012   0.795   1.00 58.26 ? 149 VAL A N   1 
ATOM   1148 C  CA  . VAL A 1 149 ? 19.676  5.605   -0.353  1.00 58.63 ? 149 VAL A CA  1 
ATOM   1149 C  C   . VAL A 1 149 ? 20.513  6.708   -1.004  1.00 57.90 ? 149 VAL A C   1 
ATOM   1150 O  O   . VAL A 1 149 ? 20.146  7.152   -2.092  1.00 51.84 ? 149 VAL A O   1 
ATOM   1151 C  CB  . VAL A 1 149 ? 18.279  6.128   0.060   1.00 62.45 ? 149 VAL A CB  1 
ATOM   1152 C  CG1 . VAL A 1 149 ? 17.251  4.976   0.066   1.00 55.84 ? 149 VAL A CG1 1 
ATOM   1153 C  CG2 . VAL A 1 149 ? 18.347  6.786   1.439   1.00 57.91 ? 149 VAL A CG2 1 
HETATM 1154 MN MN  . MN  B 2 .   ? 8.288   1.509   -2.252  1.00 28.00 ? 201 MN  A MN  1 
HETATM 1155 MN MN  . MN  C 2 .   ? 10.123  4.186   -1.935  1.00 42.67 ? 202 MN  A MN  1 
HETATM 1156 C  CAB . E81 D 3 .   ? 10.721  1.388   -4.068  1.00 55.51 ? 203 E81 A CAB 1 
HETATM 1157 C  CAC . E81 D 3 .   ? 12.039  1.604   -4.102  1.00 57.14 ? 203 E81 A CAC 1 
HETATM 1158 C  CAD . E81 D 3 .   ? 12.532  2.064   -2.935  1.00 61.64 ? 203 E81 A CAD 1 
HETATM 1159 C  CAE . E81 D 3 .   ? 11.650  2.240   -1.918  1.00 56.41 ? 203 E81 A CAE 1 
HETATM 1160 C  CAI . E81 D 3 .   ? 12.002  2.687   -0.697  1.00 55.44 ? 203 E81 A CAI 1 
HETATM 1161 C  CAL . E81 D 3 .   ? 13.965  1.564   -0.350  1.00 56.77 ? 203 E81 A CAL 1 
HETATM 1162 C  CAM . E81 D 3 .   ? 13.247  0.351   -0.329  1.00 56.38 ? 203 E81 A CAM 1 
HETATM 1163 C  CAN . E81 D 3 .   ? 13.860  -0.896  -0.181  1.00 57.77 ? 203 E81 A CAN 1 
HETATM 1164 C  CAO . E81 D 3 .   ? 15.240  -0.927  -0.009  1.00 60.39 ? 203 E81 A CAO 1 
HETATM 1165 C  CAP . E81 D 3 .   ? 15.938  0.281   -0.017  1.00 59.21 ? 203 E81 A CAP 1 
HETATM 1166 C  CAQ . E81 D 3 .   ? 15.335  1.522   -0.142  1.00 58.87 ? 203 E81 A CAQ 1 
HETATM 1167 C  CAR . E81 D 3 .   ? 15.928  -2.140  0.157   1.00 55.42 ? 203 E81 A CAR 1 
HETATM 1168 N  NAF . E81 D 3 .   ? 10.097  0.927   -5.164  1.00 61.59 ? 203 E81 A NAF 1 
HETATM 1169 O  OAG . E81 D 3 .   ? 11.002  0.678   -6.459  1.00 63.78 ? 203 E81 A OAG 1 
HETATM 1170 O  OAH . E81 D 3 .   ? 8.613   0.295   -5.066  1.00 55.09 ? 203 E81 A OAH 1 
HETATM 1171 O  OAJ . E81 D 3 .   ? 11.155  2.898   0.172   1.00 51.38 ? 203 E81 A OAJ 1 
HETATM 1172 O  OAK . E81 D 3 .   ? 13.357  2.799   -0.482  1.00 58.63 ? 203 E81 A OAK 1 
HETATM 1173 O  OAS . E81 D 3 .   ? 15.505  -3.109  -0.799  1.00 61.94 ? 203 E81 A OAS 1 
HETATM 1174 S  SAA . E81 D 3 .   ? 10.089  1.892   -2.414  1.00 48.12 ? 203 E81 A SAA 1 
HETATM 1175 ZN ZN  . ZN  E 4 .   ? 12.402  -13.958 12.780  1.00 36.64 ? 204 ZN  A ZN  1 
HETATM 1176 ZN ZN  . ZN  F 4 .   ? -18.129 9.692   2.039   1.00 38.17 ? 205 ZN  A ZN  1 
HETATM 1177 O  O   . HOH G 5 .   ? -5.620  0.135   -10.169 1.00 49.24 ? 301 HOH A O   1 
HETATM 1178 O  O   . HOH G 5 .   ? 5.239   2.991   -2.174  1.00 32.41 ? 302 HOH A O   1 
HETATM 1179 O  O   . HOH G 5 .   ? -14.010 3.639   -4.845  1.00 40.49 ? 303 HOH A O   1 
HETATM 1180 O  O   . HOH G 5 .   ? -2.062  -7.909  9.650   1.00 51.76 ? 304 HOH A O   1 
HETATM 1181 O  O   . HOH G 5 .   ? 4.153   6.829   -1.341  1.00 30.77 ? 305 HOH A O   1 
HETATM 1182 O  O   . HOH G 5 .   ? 18.633  4.777   4.864   1.00 36.11 ? 306 HOH A O   1 
HETATM 1183 O  O   . HOH G 5 .   ? 12.489  5.152   10.509  1.00 41.44 ? 307 HOH A O   1 
HETATM 1184 O  O   . HOH G 5 .   ? 5.643   -8.795  6.721   1.00 39.36 ? 308 HOH A O   1 
HETATM 1185 O  O   . HOH G 5 .   ? -1.574  4.579   -10.892 1.00 43.45 ? 309 HOH A O   1 
HETATM 1186 O  O   . HOH G 5 .   ? -13.823 7.905   -10.071 1.00 50.01 ? 310 HOH A O   1 
HETATM 1187 O  O   . HOH G 5 .   ? 19.758  3.751   6.755   1.00 40.78 ? 311 HOH A O   1 
HETATM 1188 O  O   . HOH G 5 .   ? 3.657   15.064  -2.066  1.00 41.07 ? 312 HOH A O   1 
HETATM 1189 O  O   . HOH G 5 .   ? 3.285   0.699   -0.680  1.00 29.22 ? 313 HOH A O   1 
HETATM 1190 O  O   . HOH G 5 .   ? 0.585   -2.308  -11.431 1.00 39.10 ? 314 HOH A O   1 
HETATM 1191 O  O   . HOH G 5 .   ? -12.984 10.243  -6.864  1.00 40.76 ? 315 HOH A O   1 
HETATM 1192 O  O   . HOH G 5 .   ? -7.689  3.962   -7.786  1.00 42.65 ? 316 HOH A O   1 
HETATM 1193 O  O   . HOH G 5 .   ? 14.757  7.784   -6.944  1.00 50.69 ? 317 HOH A O   1 
HETATM 1194 O  O   . HOH G 5 .   ? 7.350   -1.032  -8.777  1.00 40.95 ? 318 HOH A O   1 
HETATM 1195 O  O   . HOH G 5 .   ? -16.384 12.737  -1.121  1.00 37.52 ? 319 HOH A O   1 
HETATM 1196 O  O   . HOH G 5 .   ? -17.095 0.497   -4.972  1.00 51.72 ? 320 HOH A O   1 
HETATM 1197 O  O   . HOH G 5 .   ? 6.995   -3.419  -8.069  1.00 45.17 ? 321 HOH A O   1 
HETATM 1198 O  O   . HOH G 5 .   ? -17.962 11.071  0.256   1.00 30.26 ? 322 HOH A O   1 
HETATM 1199 O  O   . HOH G 5 .   ? 4.785   12.170  -4.018  1.00 23.79 ? 323 HOH A O   1 
HETATM 1200 O  O   . HOH G 5 .   ? 10.443  -8.973  -2.429  1.00 42.35 ? 324 HOH A O   1 
HETATM 1201 O  O   . HOH G 5 .   ? 3.374   15.544  2.834   1.00 44.93 ? 325 HOH A O   1 
HETATM 1202 O  O   . HOH G 5 .   ? -4.226  -0.030  -12.253 1.00 46.25 ? 326 HOH A O   1 
HETATM 1203 O  O   . HOH G 5 .   ? 24.053  8.285   -0.529  1.00 62.89 ? 327 HOH A O   1 
HETATM 1204 O  O   . HOH G 5 .   ? -1.590  9.365   -12.751 1.00 46.95 ? 328 HOH A O   1 
# 
loop_
_pdbx_poly_seq_scheme.asym_id 
_pdbx_poly_seq_scheme.entity_id 
_pdbx_poly_seq_scheme.seq_id 
_pdbx_poly_seq_scheme.mon_id 
_pdbx_poly_seq_scheme.ndb_seq_num 
_pdbx_poly_seq_scheme.pdb_seq_num 
_pdbx_poly_seq_scheme.auth_seq_num 
_pdbx_poly_seq_scheme.pdb_mon_id 
_pdbx_poly_seq_scheme.auth_mon_id 
_pdbx_poly_seq_scheme.pdb_strand_id 
_pdbx_poly_seq_scheme.pdb_ins_code 
_pdbx_poly_seq_scheme.hetero 
A 1 1   GLY 1   1   ?   ?   ?   A . n 
A 1 2   PRO 2   2   ?   ?   ?   A . n 
A 1 3   GLY 3   3   ?   ?   ?   A . n 
A 1 4   GLY 4   4   4   GLY GLY A . n 
A 1 5   SER 5   5   5   SER SER A . n 
A 1 6   MET 6   6   6   MET MET A . n 
A 1 7   TYR 7   7   7   TYR TYR A . n 
A 1 8   GLN 8   8   8   GLN GLN A . n 
A 1 9   LEU 9   9   9   LEU LEU A . n 
A 1 10  GLU 10  10  10  GLU GLU A . n 
A 1 11  LYS 11  11  11  LYS LYS A . n 
A 1 12  GLU 12  12  12  GLU GLU A . n 
A 1 13  PRO 13  13  13  PRO PRO A . n 
A 1 14  ILE 14  14  14  ILE ILE A . n 
A 1 15  VAL 15  15  15  VAL VAL A . n 
A 1 16  GLY 16  16  16  GLY GLY A . n 
A 1 17  ALA 17  17  17  ALA ALA A . n 
A 1 18  GLU 18  18  18  GLU GLU A . n 
A 1 19  THR 19  19  19  THR THR A . n 
A 1 20  PHE 20  20  20  PHE PHE A . n 
A 1 21  TYR 21  21  21  TYR TYR A . n 
A 1 22  VAL 22  22  22  VAL VAL A . n 
A 1 23  ASP 23  23  23  ASP ASP A . n 
A 1 24  GLY 24  24  24  GLY GLY A . n 
A 1 25  ALA 25  25  25  ALA ALA A . n 
A 1 26  ALA 26  26  26  ALA ALA A . n 
A 1 27  ASN 27  27  27  ASN ASN A . n 
A 1 28  ARG 28  28  28  ARG ARG A . n 
A 1 29  GLU 29  29  29  GLU GLU A . n 
A 1 30  THR 30  30  30  THR THR A . n 
A 1 31  LYS 31  31  31  LYS LYS A . n 
A 1 32  LEU 32  32  32  LEU LEU A . n 
A 1 33  GLY 33  33  33  GLY GLY A . n 
A 1 34  LYS 34  34  34  LYS LYS A . n 
A 1 35  ALA 35  35  35  ALA ALA A . n 
A 1 36  GLY 36  36  36  GLY GLY A . n 
A 1 37  TYR 37  37  37  TYR TYR A . n 
A 1 38  VAL 38  38  38  VAL VAL A . n 
A 1 39  THR 39  39  39  THR THR A . n 
A 1 40  ASN 40  40  40  ASN ASN A . n 
A 1 41  ARG 41  41  41  ARG ARG A . n 
A 1 42  GLY 42  42  42  GLY GLY A . n 
A 1 43  ARG 43  43  43  ARG ARG A . n 
A 1 44  GLN 44  44  44  GLN GLN A . n 
A 1 45  LYS 45  45  45  LYS LYS A . n 
A 1 46  VAL 46  46  46  VAL VAL A . n 
A 1 47  VAL 47  47  47  VAL VAL A . n 
A 1 48  THR 48  48  48  THR THR A . n 
A 1 49  LEU 49  49  49  LEU LEU A . n 
A 1 50  THR 50  50  50  THR THR A . n 
A 1 51  ASP 51  51  51  ASP ASP A . n 
A 1 52  THR 52  52  52  THR THR A . n 
A 1 53  THR 53  53  53  THR THR A . n 
A 1 54  ASN 54  54  54  ASN ASN A . n 
A 1 55  GLN 55  55  55  GLN GLN A . n 
A 1 56  LYS 56  56  56  LYS LYS A . n 
A 1 57  THR 57  57  57  THR THR A . n 
A 1 58  GLU 58  58  58  GLU GLU A . n 
A 1 59  LEU 59  59  59  LEU LEU A . n 
A 1 60  GLN 60  60  60  GLN GLN A . n 
A 1 61  ALA 61  61  61  ALA ALA A . n 
A 1 62  ILE 62  62  62  ILE ILE A . n 
A 1 63  TYR 63  63  63  TYR TYR A . n 
A 1 64  LEU 64  64  64  LEU LEU A . n 
A 1 65  ALA 65  65  65  ALA ALA A . n 
A 1 66  LEU 66  66  66  LEU LEU A . n 
A 1 67  GLN 67  67  67  GLN GLN A . n 
A 1 68  ASP 68  68  68  ASP ASP A . n 
A 1 69  SER 69  69  69  SER SER A . n 
A 1 70  GLY 70  70  70  GLY GLY A . n 
A 1 71  LEU 71  71  71  LEU LEU A . n 
A 1 72  GLU 72  72  72  GLU GLU A . n 
A 1 73  VAL 73  73  73  VAL VAL A . n 
A 1 74  ASN 74  74  74  ASN ASN A . n 
A 1 75  ILE 75  75  75  ILE ILE A . n 
A 1 76  VAL 76  76  76  VAL VAL A . n 
A 1 77  THR 77  77  77  THR THR A . n 
A 1 78  ASP 78  78  78  ASP ASP A . n 
A 1 79  SER 79  79  79  SER SER A . n 
A 1 80  GLN 80  80  80  GLN GLN A . n 
A 1 81  TYR 81  81  81  TYR TYR A . n 
A 1 82  ALA 82  82  82  ALA ALA A . n 
A 1 83  LEU 83  83  83  LEU LEU A . n 
A 1 84  GLY 84  84  84  GLY GLY A . n 
A 1 85  ILE 85  85  85  ILE ILE A . n 
A 1 86  ILE 86  86  86  ILE ILE A . n 
A 1 87  THR 87  87  87  THR THR A . n 
A 1 88  GLN 88  88  88  GLN GLN A . n 
A 1 89  TRP 89  89  89  TRP TRP A . n 
A 1 90  ILE 90  90  90  ILE ILE A . n 
A 1 91  HIS 91  91  91  HIS HIS A . n 
A 1 92  ASN 92  92  92  ASN ASN A . n 
A 1 93  TRP 93  93  93  TRP TRP A . n 
A 1 94  LYS 94  94  94  LYS LYS A . n 
A 1 95  LYS 95  95  95  LYS LYS A . n 
A 1 96  ARG 96  96  96  ARG ARG A . n 
A 1 97  GLY 97  97  97  GLY GLY A . n 
A 1 98  TRP 98  98  98  TRP TRP A . n 
A 1 99  LYS 99  99  99  LYS LYS A . n 
A 1 100 THR 100 100 100 THR THR A . n 
A 1 101 PRO 101 101 101 PRO PRO A . n 
A 1 102 VAL 102 102 102 VAL VAL A . n 
A 1 103 LYS 103 103 103 LYS LYS A . n 
A 1 104 ASN 104 104 104 ASN ASN A . n 
A 1 105 VAL 105 105 105 VAL VAL A . n 
A 1 106 ASP 106 106 106 ASP ASP A . n 
A 1 107 LEU 107 107 107 LEU LEU A . n 
A 1 108 VAL 108 108 108 VAL VAL A . n 
A 1 109 ASN 109 109 109 ASN ASN A . n 
A 1 110 GLN 110 110 110 GLN GLN A . n 
A 1 111 ILE 111 111 111 ILE ILE A . n 
A 1 112 ILE 112 112 112 ILE ILE A . n 
A 1 113 GLU 113 113 113 GLU GLU A . n 
A 1 114 GLN 114 114 114 GLN GLN A . n 
A 1 115 LEU 115 115 115 LEU LEU A . n 
A 1 116 ILE 116 116 116 ILE ILE A . n 
A 1 117 LYS 117 117 117 LYS LYS A . n 
A 1 118 LYS 118 118 118 LYS LYS A . n 
A 1 119 GLU 119 119 119 GLU GLU A . n 
A 1 120 LYS 120 120 120 LYS LYS A . n 
A 1 121 VAL 121 121 121 VAL VAL A . n 
A 1 122 TYR 122 122 122 TYR TYR A . n 
A 1 123 LEU 123 123 123 LEU LEU A . n 
A 1 124 ALA 124 124 124 ALA ALA A . n 
A 1 125 TRP 125 125 125 TRP TRP A . n 
A 1 126 VAL 126 126 126 VAL VAL A . n 
A 1 127 PRO 127 127 127 PRO PRO A . n 
A 1 128 ALA 128 128 128 ALA ALA A . n 
A 1 129 HIS 129 129 129 HIS HIS A . n 
A 1 130 LYS 130 130 130 LYS LYS A . n 
A 1 131 GLY 131 131 131 GLY GLY A . n 
A 1 132 ILE 132 132 132 ILE ILE A . n 
A 1 133 GLY 133 133 133 GLY GLY A . n 
A 1 134 GLY 134 134 134 GLY GLY A . n 
A 1 135 ASN 135 135 135 ASN ASN A . n 
A 1 136 GLU 136 136 136 GLU GLU A . n 
A 1 137 GLN 137 137 137 GLN GLN A . n 
A 1 138 VAL 138 138 138 VAL VAL A . n 
A 1 139 ASP 139 139 139 ASP ASP A . n 
A 1 140 LYS 140 140 140 LYS LYS A . n 
A 1 141 LEU 141 141 141 LEU LEU A . n 
A 1 142 VAL 142 142 142 VAL VAL A . n 
A 1 143 SER 143 143 143 SER SER A . n 
A 1 144 ALA 144 144 144 ALA ALA A . n 
A 1 145 GLY 145 145 145 GLY GLY A . n 
A 1 146 ILE 146 146 146 ILE ILE A . n 
A 1 147 ARG 147 147 147 ARG ARG A . n 
A 1 148 LYS 148 148 148 LYS LYS A . n 
A 1 149 VAL 149 149 149 VAL VAL A . n 
A 1 150 LEU 150 150 ?   ?   ?   A . n 
A 1 151 PHE 151 151 ?   ?   ?   A . n 
# 
_pdbx_contact_author.id                 2 
_pdbx_contact_author.email              hoshino@chiba-u.jp 
_pdbx_contact_author.name_first         Tyuji 
_pdbx_contact_author.name_last          Hoshino 
_pdbx_contact_author.name_mi            ? 
_pdbx_contact_author.role               'principal investigator/group leader' 
_pdbx_contact_author.identifier_ORCID   0000-0003-4705-4412 
# 
loop_
_pdbx_nonpoly_scheme.asym_id 
_pdbx_nonpoly_scheme.entity_id 
_pdbx_nonpoly_scheme.mon_id 
_pdbx_nonpoly_scheme.ndb_seq_num 
_pdbx_nonpoly_scheme.pdb_seq_num 
_pdbx_nonpoly_scheme.auth_seq_num 
_pdbx_nonpoly_scheme.pdb_mon_id 
_pdbx_nonpoly_scheme.auth_mon_id 
_pdbx_nonpoly_scheme.pdb_strand_id 
_pdbx_nonpoly_scheme.pdb_ins_code 
B 2 MN  1  201 150 MN  MN  A . 
C 2 MN  1  202 151 MN  MN  A . 
D 3 E81 1  203 1   E81 DRG A . 
E 4 ZN  1  204 1   ZN  ZN  A . 
F 4 ZN  1  205 2   ZN  ZN  A . 
G 5 HOH 1  301 26  HOH HOH A . 
G 5 HOH 2  302 13  HOH HOH A . 
G 5 HOH 3  303 21  HOH HOH A . 
G 5 HOH 4  304 9   HOH HOH A . 
G 5 HOH 5  305 14  HOH HOH A . 
G 5 HOH 6  306 16  HOH HOH A . 
G 5 HOH 7  307 15  HOH HOH A . 
G 5 HOH 8  308 22  HOH HOH A . 
G 5 HOH 9  309 12  HOH HOH A . 
G 5 HOH 10 310 2   HOH HOH A . 
G 5 HOH 11 311 17  HOH HOH A . 
G 5 HOH 12 312 29  HOH HOH A . 
G 5 HOH 13 313 20  HOH HOH A . 
G 5 HOH 14 314 11  HOH HOH A . 
G 5 HOH 15 315 1   HOH HOH A . 
G 5 HOH 16 316 25  HOH HOH A . 
G 5 HOH 17 317 27  HOH HOH A . 
G 5 HOH 18 318 30  HOH HOH A . 
G 5 HOH 19 319 23  HOH HOH A . 
G 5 HOH 20 320 3   HOH HOH A . 
G 5 HOH 21 321 28  HOH HOH A . 
G 5 HOH 22 322 10  HOH HOH A . 
G 5 HOH 23 323 7   HOH HOH A . 
G 5 HOH 24 324 8   HOH HOH A . 
G 5 HOH 25 325 6   HOH HOH A . 
G 5 HOH 26 326 24  HOH HOH A . 
G 5 HOH 27 327 19  HOH HOH A . 
G 5 HOH 28 328 18  HOH HOH A . 
# 
_pdbx_struct_assembly.id                   1 
_pdbx_struct_assembly.details              author_and_software_defined_assembly 
_pdbx_struct_assembly.method_details       PISA 
_pdbx_struct_assembly.oligomeric_details   monomeric 
_pdbx_struct_assembly.oligomeric_count     1 
# 
_pdbx_struct_assembly_gen.assembly_id       1 
_pdbx_struct_assembly_gen.oper_expression   1 
_pdbx_struct_assembly_gen.asym_id_list      A,B,C,D,E,F,G 
# 
loop_
_pdbx_struct_assembly_prop.biol_id 
_pdbx_struct_assembly_prop.type 
_pdbx_struct_assembly_prop.value 
_pdbx_struct_assembly_prop.details 
1 'ABSA (A^2)' 80   ? 
1 MORE         -24  ? 
1 'SSA (A^2)'  8260 ? 
# 
_pdbx_struct_oper_list.id                   1 
_pdbx_struct_oper_list.type                 'identity operation' 
_pdbx_struct_oper_list.name                 1_555 
_pdbx_struct_oper_list.symmetry_operation   x,y,z 
_pdbx_struct_oper_list.matrix[1][1]         1.0000000000 
_pdbx_struct_oper_list.matrix[1][2]         0.0000000000 
_pdbx_struct_oper_list.matrix[1][3]         0.0000000000 
_pdbx_struct_oper_list.vector[1]            0.0000000000 
_pdbx_struct_oper_list.matrix[2][1]         0.0000000000 
_pdbx_struct_oper_list.matrix[2][2]         1.0000000000 
_pdbx_struct_oper_list.matrix[2][3]         0.0000000000 
_pdbx_struct_oper_list.vector[2]            0.0000000000 
_pdbx_struct_oper_list.matrix[3][1]         0.0000000000 
_pdbx_struct_oper_list.matrix[3][2]         0.0000000000 
_pdbx_struct_oper_list.matrix[3][3]         1.0000000000 
_pdbx_struct_oper_list.vector[3]            0.0000000000 
# 
loop_
_pdbx_struct_conn_angle.id 
_pdbx_struct_conn_angle.ptnr1_label_atom_id 
_pdbx_struct_conn_angle.ptnr1_label_alt_id 
_pdbx_struct_conn_angle.ptnr1_label_asym_id 
_pdbx_struct_conn_angle.ptnr1_label_comp_id 
_pdbx_struct_conn_angle.ptnr1_label_seq_id 
_pdbx_struct_conn_angle.ptnr1_auth_atom_id 
_pdbx_struct_conn_angle.ptnr1_auth_asym_id 
_pdbx_struct_conn_angle.ptnr1_auth_comp_id 
_pdbx_struct_conn_angle.ptnr1_auth_seq_id 
_pdbx_struct_conn_angle.ptnr1_PDB_ins_code 
_pdbx_struct_conn_angle.ptnr1_symmetry 
_pdbx_struct_conn_angle.ptnr2_label_atom_id 
_pdbx_struct_conn_angle.ptnr2_label_alt_id 
_pdbx_struct_conn_angle.ptnr2_label_asym_id 
_pdbx_struct_conn_angle.ptnr2_label_comp_id 
_pdbx_struct_conn_angle.ptnr2_label_seq_id 
_pdbx_struct_conn_angle.ptnr2_auth_atom_id 
_pdbx_struct_conn_angle.ptnr2_auth_asym_id 
_pdbx_struct_conn_angle.ptnr2_auth_comp_id 
_pdbx_struct_conn_angle.ptnr2_auth_seq_id 
_pdbx_struct_conn_angle.ptnr2_PDB_ins_code 
_pdbx_struct_conn_angle.ptnr2_symmetry 
_pdbx_struct_conn_angle.ptnr3_label_atom_id 
_pdbx_struct_conn_angle.ptnr3_label_alt_id 
_pdbx_struct_conn_angle.ptnr3_label_asym_id 
_pdbx_struct_conn_angle.ptnr3_label_comp_id 
_pdbx_struct_conn_angle.ptnr3_label_seq_id 
_pdbx_struct_conn_angle.ptnr3_auth_atom_id 
_pdbx_struct_conn_angle.ptnr3_auth_asym_id 
_pdbx_struct_conn_angle.ptnr3_auth_comp_id 
_pdbx_struct_conn_angle.ptnr3_auth_seq_id 
_pdbx_struct_conn_angle.ptnr3_PDB_ins_code 
_pdbx_struct_conn_angle.ptnr3_symmetry 
_pdbx_struct_conn_angle.value 
_pdbx_struct_conn_angle.value_esd 
1  OD1 ? A ASP 23  ? A ASP 23  ? 1_555 MN ? B MN . ? A MN 201 ? 1_555 OE2 ? A GLU 58  ? A GLU 58  ? 1_555 108.2 ? 
2  OD1 ? A ASP 23  ? A ASP 23  ? 1_555 MN ? B MN . ? A MN 201 ? 1_555 OD1 ? A ASP 78  ? A ASP 78  ? 1_555 110.5 ? 
3  OE2 ? A GLU 58  ? A GLU 58  ? 1_555 MN ? B MN . ? A MN 201 ? 1_555 OD1 ? A ASP 78  ? A ASP 78  ? 1_555 112.8 ? 
4  OD2 ? A ASP 23  ? A ASP 23  ? 1_555 MN ? C MN . ? A MN 202 ? 1_555 OD2 ? A ASP 78  ? A ASP 78  ? 1_555 92.4  ? 
5  OD2 ? A ASP 23  ? A ASP 23  ? 1_555 MN ? C MN . ? A MN 202 ? 1_555 OD2 ? A ASP 139 ? A ASP 139 ? 1_555 97.7  ? 
6  OD2 ? A ASP 78  ? A ASP 78  ? 1_555 MN ? C MN . ? A MN 202 ? 1_555 OD2 ? A ASP 139 ? A ASP 139 ? 1_555 139.9 ? 
7  OD2 ? A ASP 23  ? A ASP 23  ? 1_555 MN ? C MN . ? A MN 202 ? 1_555 SAA ? D E81 .   ? A E81 203 ? 1_555 100.4 ? 
8  OD2 ? A ASP 78  ? A ASP 78  ? 1_555 MN ? C MN . ? A MN 202 ? 1_555 SAA ? D E81 .   ? A E81 203 ? 1_555 85.7  ? 
9  OD2 ? A ASP 139 ? A ASP 139 ? 1_555 MN ? C MN . ? A MN 202 ? 1_555 SAA ? D E81 .   ? A E81 203 ? 1_555 129.6 ? 
10 OD2 ? A ASP 23  ? A ASP 23  ? 1_555 MN ? C MN . ? A MN 202 ? 1_555 OAJ ? D E81 .   ? A E81 203 ? 1_555 64.3  ? 
11 OD2 ? A ASP 78  ? A ASP 78  ? 1_555 MN ? C MN . ? A MN 202 ? 1_555 OAJ ? D E81 .   ? A E81 203 ? 1_555 143.3 ? 
12 OD2 ? A ASP 139 ? A ASP 139 ? 1_555 MN ? C MN . ? A MN 202 ? 1_555 OAJ ? D E81 .   ? A E81 203 ? 1_555 74.3  ? 
13 SAA ? D E81 .   ? A E81 203 ? 1_555 MN ? C MN . ? A MN 202 ? 1_555 OAJ ? D E81 .   ? A E81 203 ? 1_555 72.3  ? 
14 OD1 ? A ASP 51  ? A ASP 51  ? 1_555 ZN ? E ZN . ? A ZN 204 ? 1_555 OD2 ? A ASP 51  ? A ASP 51  ? 1_555 52.7  ? 
15 OD1 ? A ASP 51  ? A ASP 51  ? 1_555 ZN ? E ZN . ? A ZN 204 ? 1_555 NE2 ? A HIS 129 ? A HIS 129 ? 1_555 53.7  ? 
16 OD2 ? A ASP 51  ? A ASP 51  ? 1_555 ZN ? E ZN . ? A ZN 204 ? 1_555 NE2 ? A HIS 129 ? A HIS 129 ? 1_555 49.8  ? 
17 OD1 ? A ASP 51  ? A ASP 51  ? 1_555 ZN ? E ZN . ? A ZN 204 ? 1_555 OE1 ? A GLU 136 ? A GLU 136 ? 1_555 59.5  ? 
18 OD2 ? A ASP 51  ? A ASP 51  ? 1_555 ZN ? E ZN . ? A ZN 204 ? 1_555 OE1 ? A GLU 136 ? A GLU 136 ? 1_555 51.7  ? 
19 NE2 ? A HIS 129 ? A HIS 129 ? 1_555 ZN ? E ZN . ? A ZN 204 ? 1_555 OE1 ? A GLU 136 ? A GLU 136 ? 1_555 5.9   ? 
20 OD1 ? A ASP 51  ? A ASP 51  ? 1_555 ZN ? E ZN . ? A ZN 204 ? 1_555 O   ? G HOH .   ? A HOH 323 ? 5_545 99.9  ? 
21 OD2 ? A ASP 51  ? A ASP 51  ? 1_555 ZN ? E ZN . ? A ZN 204 ? 1_555 O   ? G HOH .   ? A HOH 323 ? 5_545 129.5 ? 
22 NE2 ? A HIS 129 ? A HIS 129 ? 1_555 ZN ? E ZN . ? A ZN 204 ? 1_555 O   ? G HOH .   ? A HOH 323 ? 5_545 79.7  ? 
23 OE1 ? A GLU 136 ? A GLU 136 ? 1_555 ZN ? E ZN . ? A ZN 204 ? 1_555 O   ? G HOH .   ? A HOH 323 ? 5_545 78.2  ? 
24 OE2 ? A GLU 72  ? A GLU 72  ? 1_555 ZN ? F ZN . ? A ZN 205 ? 1_555 ND1 ? A HIS 91  ? A HIS 91  ? 1_555 101.6 ? 
25 OE2 ? A GLU 72  ? A GLU 72  ? 1_555 ZN ? F ZN . ? A ZN 205 ? 1_555 OE1 ? A GLU 119 ? A GLU 119 ? 1_555 108.5 ? 
26 ND1 ? A HIS 91  ? A HIS 91  ? 1_555 ZN ? F ZN . ? A ZN 205 ? 1_555 OE1 ? A GLU 119 ? A GLU 119 ? 1_555 48.5  ? 
27 OE2 ? A GLU 72  ? A GLU 72  ? 1_555 ZN ? F ZN . ? A ZN 205 ? 1_555 O   ? G HOH .   ? A HOH 322 ? 1_555 105.3 ? 
28 ND1 ? A HIS 91  ? A HIS 91  ? 1_555 ZN ? F ZN . ? A ZN 205 ? 1_555 O   ? G HOH .   ? A HOH 322 ? 1_555 79.9  ? 
29 OE1 ? A GLU 119 ? A GLU 119 ? 1_555 ZN ? F ZN . ? A ZN 205 ? 1_555 O   ? G HOH .   ? A HOH 322 ? 1_555 122.3 ? 
# 
loop_
_pdbx_audit_revision_history.ordinal 
_pdbx_audit_revision_history.data_content_type 
_pdbx_audit_revision_history.major_revision 
_pdbx_audit_revision_history.minor_revision 
_pdbx_audit_revision_history.revision_date 
1 'Structure model' 1 0 2022-04-27 
2 'Structure model' 1 1 2022-10-19 
3 'Structure model' 1 2 2023-01-11 
4 'Structure model' 1 3 2023-11-29 
# 
_pdbx_audit_revision_details.ordinal             1 
_pdbx_audit_revision_details.revision_ordinal    1 
_pdbx_audit_revision_details.data_content_type   'Structure model' 
_pdbx_audit_revision_details.provider            repository 
_pdbx_audit_revision_details.type                'Initial release' 
_pdbx_audit_revision_details.description         ? 
_pdbx_audit_revision_details.details             ? 
# 
loop_
_pdbx_audit_revision_group.ordinal 
_pdbx_audit_revision_group.revision_ordinal 
_pdbx_audit_revision_group.data_content_type 
_pdbx_audit_revision_group.group 
1 2 'Structure model' 'Database references'    
2 3 'Structure model' 'Database references'    
3 4 'Structure model' 'Data collection'        
4 4 'Structure model' 'Refinement description' 
# 
loop_
_pdbx_audit_revision_category.ordinal 
_pdbx_audit_revision_category.revision_ordinal 
_pdbx_audit_revision_category.data_content_type 
_pdbx_audit_revision_category.category 
1 2 'Structure model' citation                      
2 2 'Structure model' citation_author               
3 3 'Structure model' citation                      
4 3 'Structure model' citation_author               
5 4 'Structure model' chem_comp_atom                
6 4 'Structure model' chem_comp_bond                
7 4 'Structure model' pdbx_initial_refinement_model 
# 
loop_
_pdbx_audit_revision_item.ordinal 
_pdbx_audit_revision_item.revision_ordinal 
_pdbx_audit_revision_item.data_content_type 
_pdbx_audit_revision_item.item 
1  2 'Structure model' '_citation.country'                 
2  2 'Structure model' '_citation.journal_abbrev'          
3  2 'Structure model' '_citation.journal_id_CSD'          
4  2 'Structure model' '_citation.journal_id_ISSN'         
5  2 'Structure model' '_citation.pdbx_database_id_DOI'    
6  2 'Structure model' '_citation.pdbx_database_id_PubMed' 
7  2 'Structure model' '_citation.title'                   
8  2 'Structure model' '_citation.year'                    
9  2 'Structure model' '_citation_author.identifier_ORCID' 
10 3 'Structure model' '_citation.journal_volume'          
11 3 'Structure model' '_citation.page_first'              
12 3 'Structure model' '_citation.page_last'               
13 3 'Structure model' '_citation_author.identifier_ORCID' 
# 
loop_
_software.citation_id 
_software.classification 
_software.compiler_name 
_software.compiler_version 
_software.contact_author 
_software.contact_author_email 
_software.date 
_software.description 
_software.dependencies 
_software.hardware 
_software.language 
_software.location 
_software.mods 
_software.name 
_software.os 
_software.os_version 
_software.type 
_software.version 
_software.pdbx_ordinal 
? refinement        ? ? ? ? ? ? ? ? ? ? ? PHENIX      ? ? ? 1.18   1 
? 'data reduction'  ? ? ? ? ? ? ? ? ? ? ? XDS         ? ? ? .      2 
? 'data scaling'    ? ? ? ? ? ? ? ? ? ? ? Aimless     ? ? ? 0.1.27 3 
? 'data extraction' ? ? ? ? ? ? ? ? ? ? ? PDB_EXTRACT ? ? ? 3.27   4 
? phasing           ? ? ? ? ? ? ? ? ? ? ? MOLREP      ? ? ? .      5 
# 
_pdbx_entry_details.entry_id                 7XIU 
_pdbx_entry_details.has_ligand_of_interest   Y 
_pdbx_entry_details.compound_details         ? 
_pdbx_entry_details.source_details           ? 
_pdbx_entry_details.nonpolymer_details       ? 
_pdbx_entry_details.sequence_details         ? 
# 
loop_
_pdbx_validate_torsion.id 
_pdbx_validate_torsion.PDB_model_num 
_pdbx_validate_torsion.auth_comp_id 
_pdbx_validate_torsion.auth_asym_id 
_pdbx_validate_torsion.auth_seq_id 
_pdbx_validate_torsion.PDB_ins_code 
_pdbx_validate_torsion.label_alt_id 
_pdbx_validate_torsion.phi 
_pdbx_validate_torsion.psi 
1 1 SER A 5  ? ? -127.16 -166.13 
2 1 TYR A 7  ? ? 170.35  154.56  
3 1 ARG A 96 ? ? -58.47  -81.63  
# 
loop_
_pdbx_unobs_or_zero_occ_residues.id 
_pdbx_unobs_or_zero_occ_residues.PDB_model_num 
_pdbx_unobs_or_zero_occ_residues.polymer_flag 
_pdbx_unobs_or_zero_occ_residues.occupancy_flag 
_pdbx_unobs_or_zero_occ_residues.auth_asym_id 
_pdbx_unobs_or_zero_occ_residues.auth_comp_id 
_pdbx_unobs_or_zero_occ_residues.auth_seq_id 
_pdbx_unobs_or_zero_occ_residues.PDB_ins_code 
_pdbx_unobs_or_zero_occ_residues.label_asym_id 
_pdbx_unobs_or_zero_occ_residues.label_comp_id 
_pdbx_unobs_or_zero_occ_residues.label_seq_id 
1 1 Y 1 A GLY 1   ? A GLY 1   
2 1 Y 1 A PRO 2   ? A PRO 2   
3 1 Y 1 A GLY 3   ? A GLY 3   
4 1 Y 1 A LEU 150 ? A LEU 150 
5 1 Y 1 A PHE 151 ? A PHE 151 
# 
loop_
_chem_comp_atom.comp_id 
_chem_comp_atom.atom_id 
_chem_comp_atom.type_symbol 
_chem_comp_atom.pdbx_aromatic_flag 
_chem_comp_atom.pdbx_stereo_config 
_chem_comp_atom.pdbx_ordinal 
ALA N    N  N N 1   
ALA CA   C  N S 2   
ALA C    C  N N 3   
ALA O    O  N N 4   
ALA CB   C  N N 5   
ALA OXT  O  N N 6   
ALA H    H  N N 7   
ALA H2   H  N N 8   
ALA HA   H  N N 9   
ALA HB1  H  N N 10  
ALA HB2  H  N N 11  
ALA HB3  H  N N 12  
ALA HXT  H  N N 13  
ARG N    N  N N 14  
ARG CA   C  N S 15  
ARG C    C  N N 16  
ARG O    O  N N 17  
ARG CB   C  N N 18  
ARG CG   C  N N 19  
ARG CD   C  N N 20  
ARG NE   N  N N 21  
ARG CZ   C  N N 22  
ARG NH1  N  N N 23  
ARG NH2  N  N N 24  
ARG OXT  O  N N 25  
ARG H    H  N N 26  
ARG H2   H  N N 27  
ARG HA   H  N N 28  
ARG HB2  H  N N 29  
ARG HB3  H  N N 30  
ARG HG2  H  N N 31  
ARG HG3  H  N N 32  
ARG HD2  H  N N 33  
ARG HD3  H  N N 34  
ARG HE   H  N N 35  
ARG HH11 H  N N 36  
ARG HH12 H  N N 37  
ARG HH21 H  N N 38  
ARG HH22 H  N N 39  
ARG HXT  H  N N 40  
ASN N    N  N N 41  
ASN CA   C  N S 42  
ASN C    C  N N 43  
ASN O    O  N N 44  
ASN CB   C  N N 45  
ASN CG   C  N N 46  
ASN OD1  O  N N 47  
ASN ND2  N  N N 48  
ASN OXT  O  N N 49  
ASN H    H  N N 50  
ASN H2   H  N N 51  
ASN HA   H  N N 52  
ASN HB2  H  N N 53  
ASN HB3  H  N N 54  
ASN HD21 H  N N 55  
ASN HD22 H  N N 56  
ASN HXT  H  N N 57  
ASP N    N  N N 58  
ASP CA   C  N S 59  
ASP C    C  N N 60  
ASP O    O  N N 61  
ASP CB   C  N N 62  
ASP CG   C  N N 63  
ASP OD1  O  N N 64  
ASP OD2  O  N N 65  
ASP OXT  O  N N 66  
ASP H    H  N N 67  
ASP H2   H  N N 68  
ASP HA   H  N N 69  
ASP HB2  H  N N 70  
ASP HB3  H  N N 71  
ASP HD2  H  N N 72  
ASP HXT  H  N N 73  
E81 CAB  C  Y N 74  
E81 CAC  C  Y N 75  
E81 CAD  C  Y N 76  
E81 CAE  C  Y N 77  
E81 CAI  C  N N 78  
E81 CAL  C  Y N 79  
E81 CAM  C  Y N 80  
E81 CAN  C  Y N 81  
E81 CAO  C  Y N 82  
E81 CAP  C  Y N 83  
E81 CAQ  C  Y N 84  
E81 CAR  C  N N 85  
E81 NAF  N  N N 86  
E81 OAG  O  N N 87  
E81 OAH  O  N N 88  
E81 OAJ  O  N N 89  
E81 OAK  O  N N 90  
E81 OAS  O  N N 91  
E81 SAA  S  Y N 92  
E81 H1   H  N N 93  
E81 H2   H  N N 94  
E81 H3   H  N N 95  
E81 H4   H  N N 96  
E81 H5   H  N N 97  
E81 H6   H  N N 98  
E81 H7   H  N N 99  
E81 H8   H  N N 100 
E81 H9   H  N N 101 
GLN N    N  N N 102 
GLN CA   C  N S 103 
GLN C    C  N N 104 
GLN O    O  N N 105 
GLN CB   C  N N 106 
GLN CG   C  N N 107 
GLN CD   C  N N 108 
GLN OE1  O  N N 109 
GLN NE2  N  N N 110 
GLN OXT  O  N N 111 
GLN H    H  N N 112 
GLN H2   H  N N 113 
GLN HA   H  N N 114 
GLN HB2  H  N N 115 
GLN HB3  H  N N 116 
GLN HG2  H  N N 117 
GLN HG3  H  N N 118 
GLN HE21 H  N N 119 
GLN HE22 H  N N 120 
GLN HXT  H  N N 121 
GLU N    N  N N 122 
GLU CA   C  N S 123 
GLU C    C  N N 124 
GLU O    O  N N 125 
GLU CB   C  N N 126 
GLU CG   C  N N 127 
GLU CD   C  N N 128 
GLU OE1  O  N N 129 
GLU OE2  O  N N 130 
GLU OXT  O  N N 131 
GLU H    H  N N 132 
GLU H2   H  N N 133 
GLU HA   H  N N 134 
GLU HB2  H  N N 135 
GLU HB3  H  N N 136 
GLU HG2  H  N N 137 
GLU HG3  H  N N 138 
GLU HE2  H  N N 139 
GLU HXT  H  N N 140 
GLY N    N  N N 141 
GLY CA   C  N N 142 
GLY C    C  N N 143 
GLY O    O  N N 144 
GLY OXT  O  N N 145 
GLY H    H  N N 146 
GLY H2   H  N N 147 
GLY HA2  H  N N 148 
GLY HA3  H  N N 149 
GLY HXT  H  N N 150 
HIS N    N  N N 151 
HIS CA   C  N S 152 
HIS C    C  N N 153 
HIS O    O  N N 154 
HIS CB   C  N N 155 
HIS CG   C  Y N 156 
HIS ND1  N  Y N 157 
HIS CD2  C  Y N 158 
HIS CE1  C  Y N 159 
HIS NE2  N  Y N 160 
HIS OXT  O  N N 161 
HIS H    H  N N 162 
HIS H2   H  N N 163 
HIS HA   H  N N 164 
HIS HB2  H  N N 165 
HIS HB3  H  N N 166 
HIS HD1  H  N N 167 
HIS HD2  H  N N 168 
HIS HE1  H  N N 169 
HIS HE2  H  N N 170 
HIS HXT  H  N N 171 
HOH O    O  N N 172 
HOH H1   H  N N 173 
HOH H2   H  N N 174 
ILE N    N  N N 175 
ILE CA   C  N S 176 
ILE C    C  N N 177 
ILE O    O  N N 178 
ILE CB   C  N S 179 
ILE CG1  C  N N 180 
ILE CG2  C  N N 181 
ILE CD1  C  N N 182 
ILE OXT  O  N N 183 
ILE H    H  N N 184 
ILE H2   H  N N 185 
ILE HA   H  N N 186 
ILE HB   H  N N 187 
ILE HG12 H  N N 188 
ILE HG13 H  N N 189 
ILE HG21 H  N N 190 
ILE HG22 H  N N 191 
ILE HG23 H  N N 192 
ILE HD11 H  N N 193 
ILE HD12 H  N N 194 
ILE HD13 H  N N 195 
ILE HXT  H  N N 196 
LEU N    N  N N 197 
LEU CA   C  N S 198 
LEU C    C  N N 199 
LEU O    O  N N 200 
LEU CB   C  N N 201 
LEU CG   C  N N 202 
LEU CD1  C  N N 203 
LEU CD2  C  N N 204 
LEU OXT  O  N N 205 
LEU H    H  N N 206 
LEU H2   H  N N 207 
LEU HA   H  N N 208 
LEU HB2  H  N N 209 
LEU HB3  H  N N 210 
LEU HG   H  N N 211 
LEU HD11 H  N N 212 
LEU HD12 H  N N 213 
LEU HD13 H  N N 214 
LEU HD21 H  N N 215 
LEU HD22 H  N N 216 
LEU HD23 H  N N 217 
LEU HXT  H  N N 218 
LYS N    N  N N 219 
LYS CA   C  N S 220 
LYS C    C  N N 221 
LYS O    O  N N 222 
LYS CB   C  N N 223 
LYS CG   C  N N 224 
LYS CD   C  N N 225 
LYS CE   C  N N 226 
LYS NZ   N  N N 227 
LYS OXT  O  N N 228 
LYS H    H  N N 229 
LYS H2   H  N N 230 
LYS HA   H  N N 231 
LYS HB2  H  N N 232 
LYS HB3  H  N N 233 
LYS HG2  H  N N 234 
LYS HG3  H  N N 235 
LYS HD2  H  N N 236 
LYS HD3  H  N N 237 
LYS HE2  H  N N 238 
LYS HE3  H  N N 239 
LYS HZ1  H  N N 240 
LYS HZ2  H  N N 241 
LYS HZ3  H  N N 242 
LYS HXT  H  N N 243 
MET N    N  N N 244 
MET CA   C  N S 245 
MET C    C  N N 246 
MET O    O  N N 247 
MET CB   C  N N 248 
MET CG   C  N N 249 
MET SD   S  N N 250 
MET CE   C  N N 251 
MET OXT  O  N N 252 
MET H    H  N N 253 
MET H2   H  N N 254 
MET HA   H  N N 255 
MET HB2  H  N N 256 
MET HB3  H  N N 257 
MET HG2  H  N N 258 
MET HG3  H  N N 259 
MET HE1  H  N N 260 
MET HE2  H  N N 261 
MET HE3  H  N N 262 
MET HXT  H  N N 263 
MN  MN   MN N N 264 
PHE N    N  N N 265 
PHE CA   C  N S 266 
PHE C    C  N N 267 
PHE O    O  N N 268 
PHE CB   C  N N 269 
PHE CG   C  Y N 270 
PHE CD1  C  Y N 271 
PHE CD2  C  Y N 272 
PHE CE1  C  Y N 273 
PHE CE2  C  Y N 274 
PHE CZ   C  Y N 275 
PHE OXT  O  N N 276 
PHE H    H  N N 277 
PHE H2   H  N N 278 
PHE HA   H  N N 279 
PHE HB2  H  N N 280 
PHE HB3  H  N N 281 
PHE HD1  H  N N 282 
PHE HD2  H  N N 283 
PHE HE1  H  N N 284 
PHE HE2  H  N N 285 
PHE HZ   H  N N 286 
PHE HXT  H  N N 287 
PRO N    N  N N 288 
PRO CA   C  N S 289 
PRO C    C  N N 290 
PRO O    O  N N 291 
PRO CB   C  N N 292 
PRO CG   C  N N 293 
PRO CD   C  N N 294 
PRO OXT  O  N N 295 
PRO H    H  N N 296 
PRO HA   H  N N 297 
PRO HB2  H  N N 298 
PRO HB3  H  N N 299 
PRO HG2  H  N N 300 
PRO HG3  H  N N 301 
PRO HD2  H  N N 302 
PRO HD3  H  N N 303 
PRO HXT  H  N N 304 
SER N    N  N N 305 
SER CA   C  N S 306 
SER C    C  N N 307 
SER O    O  N N 308 
SER CB   C  N N 309 
SER OG   O  N N 310 
SER OXT  O  N N 311 
SER H    H  N N 312 
SER H2   H  N N 313 
SER HA   H  N N 314 
SER HB2  H  N N 315 
SER HB3  H  N N 316 
SER HG   H  N N 317 
SER HXT  H  N N 318 
THR N    N  N N 319 
THR CA   C  N S 320 
THR C    C  N N 321 
THR O    O  N N 322 
THR CB   C  N R 323 
THR OG1  O  N N 324 
THR CG2  C  N N 325 
THR OXT  O  N N 326 
THR H    H  N N 327 
THR H2   H  N N 328 
THR HA   H  N N 329 
THR HB   H  N N 330 
THR HG1  H  N N 331 
THR HG21 H  N N 332 
THR HG22 H  N N 333 
THR HG23 H  N N 334 
THR HXT  H  N N 335 
TRP N    N  N N 336 
TRP CA   C  N S 337 
TRP C    C  N N 338 
TRP O    O  N N 339 
TRP CB   C  N N 340 
TRP CG   C  Y N 341 
TRP CD1  C  Y N 342 
TRP CD2  C  Y N 343 
TRP NE1  N  Y N 344 
TRP CE2  C  Y N 345 
TRP CE3  C  Y N 346 
TRP CZ2  C  Y N 347 
TRP CZ3  C  Y N 348 
TRP CH2  C  Y N 349 
TRP OXT  O  N N 350 
TRP H    H  N N 351 
TRP H2   H  N N 352 
TRP HA   H  N N 353 
TRP HB2  H  N N 354 
TRP HB3  H  N N 355 
TRP HD1  H  N N 356 
TRP HE1  H  N N 357 
TRP HE3  H  N N 358 
TRP HZ2  H  N N 359 
TRP HZ3  H  N N 360 
TRP HH2  H  N N 361 
TRP HXT  H  N N 362 
TYR N    N  N N 363 
TYR CA   C  N S 364 
TYR C    C  N N 365 
TYR O    O  N N 366 
TYR CB   C  N N 367 
TYR CG   C  Y N 368 
TYR CD1  C  Y N 369 
TYR CD2  C  Y N 370 
TYR CE1  C  Y N 371 
TYR CE2  C  Y N 372 
TYR CZ   C  Y N 373 
TYR OH   O  N N 374 
TYR OXT  O  N N 375 
TYR H    H  N N 376 
TYR H2   H  N N 377 
TYR HA   H  N N 378 
TYR HB2  H  N N 379 
TYR HB3  H  N N 380 
TYR HD1  H  N N 381 
TYR HD2  H  N N 382 
TYR HE1  H  N N 383 
TYR HE2  H  N N 384 
TYR HH   H  N N 385 
TYR HXT  H  N N 386 
VAL N    N  N N 387 
VAL CA   C  N S 388 
VAL C    C  N N 389 
VAL O    O  N N 390 
VAL CB   C  N N 391 
VAL CG1  C  N N 392 
VAL CG2  C  N N 393 
VAL OXT  O  N N 394 
VAL H    H  N N 395 
VAL H2   H  N N 396 
VAL HA   H  N N 397 
VAL HB   H  N N 398 
VAL HG11 H  N N 399 
VAL HG12 H  N N 400 
VAL HG13 H  N N 401 
VAL HG21 H  N N 402 
VAL HG22 H  N N 403 
VAL HG23 H  N N 404 
VAL HXT  H  N N 405 
ZN  ZN   ZN N N 406 
# 
loop_
_chem_comp_bond.comp_id 
_chem_comp_bond.atom_id_1 
_chem_comp_bond.atom_id_2 
_chem_comp_bond.value_order 
_chem_comp_bond.pdbx_aromatic_flag 
_chem_comp_bond.pdbx_stereo_config 
_chem_comp_bond.pdbx_ordinal 
ALA N   CA   sing N N 1   
ALA N   H    sing N N 2   
ALA N   H2   sing N N 3   
ALA CA  C    sing N N 4   
ALA CA  CB   sing N N 5   
ALA CA  HA   sing N N 6   
ALA C   O    doub N N 7   
ALA C   OXT  sing N N 8   
ALA CB  HB1  sing N N 9   
ALA CB  HB2  sing N N 10  
ALA CB  HB3  sing N N 11  
ALA OXT HXT  sing N N 12  
ARG N   CA   sing N N 13  
ARG N   H    sing N N 14  
ARG N   H2   sing N N 15  
ARG CA  C    sing N N 16  
ARG CA  CB   sing N N 17  
ARG CA  HA   sing N N 18  
ARG C   O    doub N N 19  
ARG C   OXT  sing N N 20  
ARG CB  CG   sing N N 21  
ARG CB  HB2  sing N N 22  
ARG CB  HB3  sing N N 23  
ARG CG  CD   sing N N 24  
ARG CG  HG2  sing N N 25  
ARG CG  HG3  sing N N 26  
ARG CD  NE   sing N N 27  
ARG CD  HD2  sing N N 28  
ARG CD  HD3  sing N N 29  
ARG NE  CZ   sing N N 30  
ARG NE  HE   sing N N 31  
ARG CZ  NH1  sing N N 32  
ARG CZ  NH2  doub N N 33  
ARG NH1 HH11 sing N N 34  
ARG NH1 HH12 sing N N 35  
ARG NH2 HH21 sing N N 36  
ARG NH2 HH22 sing N N 37  
ARG OXT HXT  sing N N 38  
ASN N   CA   sing N N 39  
ASN N   H    sing N N 40  
ASN N   H2   sing N N 41  
ASN CA  C    sing N N 42  
ASN CA  CB   sing N N 43  
ASN CA  HA   sing N N 44  
ASN C   O    doub N N 45  
ASN C   OXT  sing N N 46  
ASN CB  CG   sing N N 47  
ASN CB  HB2  sing N N 48  
ASN CB  HB3  sing N N 49  
ASN CG  OD1  doub N N 50  
ASN CG  ND2  sing N N 51  
ASN ND2 HD21 sing N N 52  
ASN ND2 HD22 sing N N 53  
ASN OXT HXT  sing N N 54  
ASP N   CA   sing N N 55  
ASP N   H    sing N N 56  
ASP N   H2   sing N N 57  
ASP CA  C    sing N N 58  
ASP CA  CB   sing N N 59  
ASP CA  HA   sing N N 60  
ASP C   O    doub N N 61  
ASP C   OXT  sing N N 62  
ASP CB  CG   sing N N 63  
ASP CB  HB2  sing N N 64  
ASP CB  HB3  sing N N 65  
ASP CG  OD1  doub N N 66  
ASP CG  OD2  sing N N 67  
ASP OD2 HD2  sing N N 68  
ASP OXT HXT  sing N N 69  
E81 OAS CAR  sing N N 70  
E81 CAR CAO  sing N N 71  
E81 OAG NAF  doub N N 72  
E81 CAP CAO  doub Y N 73  
E81 CAP CAQ  sing Y N 74  
E81 CAO CAN  sing Y N 75  
E81 CAQ CAL  doub Y N 76  
E81 CAC CAD  sing Y N 77  
E81 CAC CAB  doub Y N 78  
E81 CAD CAE  doub Y N 79  
E81 CAN CAM  doub Y N 80  
E81 NAF CAB  sing N N 81  
E81 NAF OAH  sing N N 82  
E81 CAL CAM  sing Y N 83  
E81 CAL OAK  sing N N 84  
E81 CAB SAA  sing Y N 85  
E81 OAK CAI  sing N N 86  
E81 CAE CAI  sing N N 87  
E81 CAE SAA  sing Y N 88  
E81 CAI OAJ  doub N N 89  
E81 CAC H1   sing N N 90  
E81 CAD H2   sing N N 91  
E81 CAM H3   sing N N 92  
E81 CAN H4   sing N N 93  
E81 CAP H5   sing N N 94  
E81 CAQ H6   sing N N 95  
E81 CAR H7   sing N N 96  
E81 CAR H8   sing N N 97  
E81 OAS H9   sing N N 98  
GLN N   CA   sing N N 99  
GLN N   H    sing N N 100 
GLN N   H2   sing N N 101 
GLN CA  C    sing N N 102 
GLN CA  CB   sing N N 103 
GLN CA  HA   sing N N 104 
GLN C   O    doub N N 105 
GLN C   OXT  sing N N 106 
GLN CB  CG   sing N N 107 
GLN CB  HB2  sing N N 108 
GLN CB  HB3  sing N N 109 
GLN CG  CD   sing N N 110 
GLN CG  HG2  sing N N 111 
GLN CG  HG3  sing N N 112 
GLN CD  OE1  doub N N 113 
GLN CD  NE2  sing N N 114 
GLN NE2 HE21 sing N N 115 
GLN NE2 HE22 sing N N 116 
GLN OXT HXT  sing N N 117 
GLU N   CA   sing N N 118 
GLU N   H    sing N N 119 
GLU N   H2   sing N N 120 
GLU CA  C    sing N N 121 
GLU CA  CB   sing N N 122 
GLU CA  HA   sing N N 123 
GLU C   O    doub N N 124 
GLU C   OXT  sing N N 125 
GLU CB  CG   sing N N 126 
GLU CB  HB2  sing N N 127 
GLU CB  HB3  sing N N 128 
GLU CG  CD   sing N N 129 
GLU CG  HG2  sing N N 130 
GLU CG  HG3  sing N N 131 
GLU CD  OE1  doub N N 132 
GLU CD  OE2  sing N N 133 
GLU OE2 HE2  sing N N 134 
GLU OXT HXT  sing N N 135 
GLY N   CA   sing N N 136 
GLY N   H    sing N N 137 
GLY N   H2   sing N N 138 
GLY CA  C    sing N N 139 
GLY CA  HA2  sing N N 140 
GLY CA  HA3  sing N N 141 
GLY C   O    doub N N 142 
GLY C   OXT  sing N N 143 
GLY OXT HXT  sing N N 144 
HIS N   CA   sing N N 145 
HIS N   H    sing N N 146 
HIS N   H2   sing N N 147 
HIS CA  C    sing N N 148 
HIS CA  CB   sing N N 149 
HIS CA  HA   sing N N 150 
HIS C   O    doub N N 151 
HIS C   OXT  sing N N 152 
HIS CB  CG   sing N N 153 
HIS CB  HB2  sing N N 154 
HIS CB  HB3  sing N N 155 
HIS CG  ND1  sing Y N 156 
HIS CG  CD2  doub Y N 157 
HIS ND1 CE1  doub Y N 158 
HIS ND1 HD1  sing N N 159 
HIS CD2 NE2  sing Y N 160 
HIS CD2 HD2  sing N N 161 
HIS CE1 NE2  sing Y N 162 
HIS CE1 HE1  sing N N 163 
HIS NE2 HE2  sing N N 164 
HIS OXT HXT  sing N N 165 
HOH O   H1   sing N N 166 
HOH O   H2   sing N N 167 
ILE N   CA   sing N N 168 
ILE N   H    sing N N 169 
ILE N   H2   sing N N 170 
ILE CA  C    sing N N 171 
ILE CA  CB   sing N N 172 
ILE CA  HA   sing N N 173 
ILE C   O    doub N N 174 
ILE C   OXT  sing N N 175 
ILE CB  CG1  sing N N 176 
ILE CB  CG2  sing N N 177 
ILE CB  HB   sing N N 178 
ILE CG1 CD1  sing N N 179 
ILE CG1 HG12 sing N N 180 
ILE CG1 HG13 sing N N 181 
ILE CG2 HG21 sing N N 182 
ILE CG2 HG22 sing N N 183 
ILE CG2 HG23 sing N N 184 
ILE CD1 HD11 sing N N 185 
ILE CD1 HD12 sing N N 186 
ILE CD1 HD13 sing N N 187 
ILE OXT HXT  sing N N 188 
LEU N   CA   sing N N 189 
LEU N   H    sing N N 190 
LEU N   H2   sing N N 191 
LEU CA  C    sing N N 192 
LEU CA  CB   sing N N 193 
LEU CA  HA   sing N N 194 
LEU C   O    doub N N 195 
LEU C   OXT  sing N N 196 
LEU CB  CG   sing N N 197 
LEU CB  HB2  sing N N 198 
LEU CB  HB3  sing N N 199 
LEU CG  CD1  sing N N 200 
LEU CG  CD2  sing N N 201 
LEU CG  HG   sing N N 202 
LEU CD1 HD11 sing N N 203 
LEU CD1 HD12 sing N N 204 
LEU CD1 HD13 sing N N 205 
LEU CD2 HD21 sing N N 206 
LEU CD2 HD22 sing N N 207 
LEU CD2 HD23 sing N N 208 
LEU OXT HXT  sing N N 209 
LYS N   CA   sing N N 210 
LYS N   H    sing N N 211 
LYS N   H2   sing N N 212 
LYS CA  C    sing N N 213 
LYS CA  CB   sing N N 214 
LYS CA  HA   sing N N 215 
LYS C   O    doub N N 216 
LYS C   OXT  sing N N 217 
LYS CB  CG   sing N N 218 
LYS CB  HB2  sing N N 219 
LYS CB  HB3  sing N N 220 
LYS CG  CD   sing N N 221 
LYS CG  HG2  sing N N 222 
LYS CG  HG3  sing N N 223 
LYS CD  CE   sing N N 224 
LYS CD  HD2  sing N N 225 
LYS CD  HD3  sing N N 226 
LYS CE  NZ   sing N N 227 
LYS CE  HE2  sing N N 228 
LYS CE  HE3  sing N N 229 
LYS NZ  HZ1  sing N N 230 
LYS NZ  HZ2  sing N N 231 
LYS NZ  HZ3  sing N N 232 
LYS OXT HXT  sing N N 233 
MET N   CA   sing N N 234 
MET N   H    sing N N 235 
MET N   H2   sing N N 236 
MET CA  C    sing N N 237 
MET CA  CB   sing N N 238 
MET CA  HA   sing N N 239 
MET C   O    doub N N 240 
MET C   OXT  sing N N 241 
MET CB  CG   sing N N 242 
MET CB  HB2  sing N N 243 
MET CB  HB3  sing N N 244 
MET CG  SD   sing N N 245 
MET CG  HG2  sing N N 246 
MET CG  HG3  sing N N 247 
MET SD  CE   sing N N 248 
MET CE  HE1  sing N N 249 
MET CE  HE2  sing N N 250 
MET CE  HE3  sing N N 251 
MET OXT HXT  sing N N 252 
PHE N   CA   sing N N 253 
PHE N   H    sing N N 254 
PHE N   H2   sing N N 255 
PHE CA  C    sing N N 256 
PHE CA  CB   sing N N 257 
PHE CA  HA   sing N N 258 
PHE C   O    doub N N 259 
PHE C   OXT  sing N N 260 
PHE CB  CG   sing N N 261 
PHE CB  HB2  sing N N 262 
PHE CB  HB3  sing N N 263 
PHE CG  CD1  doub Y N 264 
PHE CG  CD2  sing Y N 265 
PHE CD1 CE1  sing Y N 266 
PHE CD1 HD1  sing N N 267 
PHE CD2 CE2  doub Y N 268 
PHE CD2 HD2  sing N N 269 
PHE CE1 CZ   doub Y N 270 
PHE CE1 HE1  sing N N 271 
PHE CE2 CZ   sing Y N 272 
PHE CE2 HE2  sing N N 273 
PHE CZ  HZ   sing N N 274 
PHE OXT HXT  sing N N 275 
PRO N   CA   sing N N 276 
PRO N   CD   sing N N 277 
PRO N   H    sing N N 278 
PRO CA  C    sing N N 279 
PRO CA  CB   sing N N 280 
PRO CA  HA   sing N N 281 
PRO C   O    doub N N 282 
PRO C   OXT  sing N N 283 
PRO CB  CG   sing N N 284 
PRO CB  HB2  sing N N 285 
PRO CB  HB3  sing N N 286 
PRO CG  CD   sing N N 287 
PRO CG  HG2  sing N N 288 
PRO CG  HG3  sing N N 289 
PRO CD  HD2  sing N N 290 
PRO CD  HD3  sing N N 291 
PRO OXT HXT  sing N N 292 
SER N   CA   sing N N 293 
SER N   H    sing N N 294 
SER N   H2   sing N N 295 
SER CA  C    sing N N 296 
SER CA  CB   sing N N 297 
SER CA  HA   sing N N 298 
SER C   O    doub N N 299 
SER C   OXT  sing N N 300 
SER CB  OG   sing N N 301 
SER CB  HB2  sing N N 302 
SER CB  HB3  sing N N 303 
SER OG  HG   sing N N 304 
SER OXT HXT  sing N N 305 
THR N   CA   sing N N 306 
THR N   H    sing N N 307 
THR N   H2   sing N N 308 
THR CA  C    sing N N 309 
THR CA  CB   sing N N 310 
THR CA  HA   sing N N 311 
THR C   O    doub N N 312 
THR C   OXT  sing N N 313 
THR CB  OG1  sing N N 314 
THR CB  CG2  sing N N 315 
THR CB  HB   sing N N 316 
THR OG1 HG1  sing N N 317 
THR CG2 HG21 sing N N 318 
THR CG2 HG22 sing N N 319 
THR CG2 HG23 sing N N 320 
THR OXT HXT  sing N N 321 
TRP N   CA   sing N N 322 
TRP N   H    sing N N 323 
TRP N   H2   sing N N 324 
TRP CA  C    sing N N 325 
TRP CA  CB   sing N N 326 
TRP CA  HA   sing N N 327 
TRP C   O    doub N N 328 
TRP C   OXT  sing N N 329 
TRP CB  CG   sing N N 330 
TRP CB  HB2  sing N N 331 
TRP CB  HB3  sing N N 332 
TRP CG  CD1  doub Y N 333 
TRP CG  CD2  sing Y N 334 
TRP CD1 NE1  sing Y N 335 
TRP CD1 HD1  sing N N 336 
TRP CD2 CE2  doub Y N 337 
TRP CD2 CE3  sing Y N 338 
TRP NE1 CE2  sing Y N 339 
TRP NE1 HE1  sing N N 340 
TRP CE2 CZ2  sing Y N 341 
TRP CE3 CZ3  doub Y N 342 
TRP CE3 HE3  sing N N 343 
TRP CZ2 CH2  doub Y N 344 
TRP CZ2 HZ2  sing N N 345 
TRP CZ3 CH2  sing Y N 346 
TRP CZ3 HZ3  sing N N 347 
TRP CH2 HH2  sing N N 348 
TRP OXT HXT  sing N N 349 
TYR N   CA   sing N N 350 
TYR N   H    sing N N 351 
TYR N   H2   sing N N 352 
TYR CA  C    sing N N 353 
TYR CA  CB   sing N N 354 
TYR CA  HA   sing N N 355 
TYR C   O    doub N N 356 
TYR C   OXT  sing N N 357 
TYR CB  CG   sing N N 358 
TYR CB  HB2  sing N N 359 
TYR CB  HB3  sing N N 360 
TYR CG  CD1  doub Y N 361 
TYR CG  CD2  sing Y N 362 
TYR CD1 CE1  sing Y N 363 
TYR CD1 HD1  sing N N 364 
TYR CD2 CE2  doub Y N 365 
TYR CD2 HD2  sing N N 366 
TYR CE1 CZ   doub Y N 367 
TYR CE1 HE1  sing N N 368 
TYR CE2 CZ   sing Y N 369 
TYR CE2 HE2  sing N N 370 
TYR CZ  OH   sing N N 371 
TYR OH  HH   sing N N 372 
TYR OXT HXT  sing N N 373 
VAL N   CA   sing N N 374 
VAL N   H    sing N N 375 
VAL N   H2   sing N N 376 
VAL CA  C    sing N N 377 
VAL CA  CB   sing N N 378 
VAL CA  HA   sing N N 379 
VAL C   O    doub N N 380 
VAL C   OXT  sing N N 381 
VAL CB  CG1  sing N N 382 
VAL CB  CG2  sing N N 383 
VAL CB  HB   sing N N 384 
VAL CG1 HG11 sing N N 385 
VAL CG1 HG12 sing N N 386 
VAL CG1 HG13 sing N N 387 
VAL CG2 HG21 sing N N 388 
VAL CG2 HG22 sing N N 389 
VAL CG2 HG23 sing N N 390 
VAL OXT HXT  sing N N 391 
# 
_pdbx_audit_support.funding_organization   'Japan Society for the Promotion of Science (JSPS)' 
_pdbx_audit_support.country                Japan 
_pdbx_audit_support.grant_number           21K07050 
_pdbx_audit_support.ordinal                1 
# 
_pdbx_entity_instance_feature.ordinal        1 
_pdbx_entity_instance_feature.comp_id        ZN 
_pdbx_entity_instance_feature.asym_id        ? 
_pdbx_entity_instance_feature.seq_num        ? 
_pdbx_entity_instance_feature.auth_comp_id   ZN 
_pdbx_entity_instance_feature.auth_asym_id   ? 
_pdbx_entity_instance_feature.auth_seq_num   ? 
_pdbx_entity_instance_feature.feature_type   'SUBJECT OF INVESTIGATION' 
_pdbx_entity_instance_feature.details        ? 
# 
loop_
_pdbx_entity_nonpoly.entity_id 
_pdbx_entity_nonpoly.name 
_pdbx_entity_nonpoly.comp_id 
2 'MANGANESE (II) ION'                                       MN  
3 '[4-(hydroxymethyl)phenyl] 5-nitrothiophene-2-carboxylate' E81 
4 'ZINC ION'                                                 ZN  
5 water                                                      HOH 
# 
_pdbx_initial_refinement_model.id               1 
_pdbx_initial_refinement_model.entity_id_list   ? 
_pdbx_initial_refinement_model.type             'experimental model' 
_pdbx_initial_refinement_model.source_name      PDB 
_pdbx_initial_refinement_model.accession_code   3QIN 
_pdbx_initial_refinement_model.details          ? 
# 
_pdbx_struct_assembly_auth_evidence.id                     1 
_pdbx_struct_assembly_auth_evidence.assembly_id            1 
_pdbx_struct_assembly_auth_evidence.experimental_support   'gel filtration' 
_pdbx_struct_assembly_auth_evidence.details                ? 
# 
